data_5BVH
#
_entry.id   5BVH
#
_cell.length_a   81.071
_cell.length_b   130.833
_cell.length_c   107.318
_cell.angle_alpha   90.00
_cell.angle_beta   110.64
_cell.angle_gamma   90.00
#
_symmetry.space_group_name_H-M   'P 1 21 1'
#
loop_
_entity.id
_entity.type
_entity.pdbx_description
1 polymer 'Nitrogenase molybdenum-iron protein alpha chain'
2 polymer 'Nitrogenase molybdenum-iron protein beta chain'
3 non-polymer '3-HYDROXY-3-CARBOXY-ADIPIC ACID'
4 non-polymer 'iron-sulfur-molybdenum cluster with interstitial carbon'
5 non-polymer 'iron-sulfur-molybdenum cluster with interstitial carbon with selenium incorporated'
6 non-polymer IMIDAZOLE
7 non-polymer 'CHLORIDE ION'
8 non-polymer 'CARBON MONOXIDE'
9 non-polymer 'FE(8)-S(7) CLUSTER'
10 non-polymer 'FE (II) ION'
11 water water
#
loop_
_entity_poly.entity_id
_entity_poly.type
_entity_poly.pdbx_seq_one_letter_code
_entity_poly.pdbx_strand_id
1 'polypeptide(L)'
;MTGMSREEVESLIQEVLEVYPEKARKDRNKHLAVNDPAVTQSKKCIISNKKSQPGLMTIRGCAYAGSKGVVWGPIKDMIH
ISHGPVGCGQYSRAGRRNYYIGTTGVNAFVTMNFTSDFQEKDIVFGGDKKLAKLIDEVETLFPLNKGISVQSECPIGLIG
DDIESVSKVKGAELSKTIVPVRCEGFRGVSQSLGHHIANDAVRDWVLGKRDEDTTFASTPYDVAIIGDYNIGGDAWSSRI
LLEEMGLRCVAQWSGDGSISEIELTPKVKLNLVHCYRSMNYISRHMEEKYGIPWMEYNFFGPTKTIESLRAIAAKFDESI
QKKCEEVIAKYKPEWEAVVAKYRPRLEGKRVMLYIGGLRPRHVIGAYEDLGMEVVGTGYEFAHNDDYDRTMKEMGDSTLL
YDDVTGYEFEEFVKRIKPDLIGSGIKEKFIFQKMGIPFRQMHSWDYSGPYHGFDGFAIFARDMDMTLNNPCWKKLQAPWE
ASEGAEKVAASA
;
A,C
2 'polypeptide(L)'
;MSQQVDKIKASYPLFLDQDYKDMLAKKRDGFEEKYPQDKIDEVFQWTTTKEYQELNFQREALTVNPAKACQPLGAVLCAL
GFEKTMPYVHGSQGCVAYFRSYFNRHFREPVSCVSDSMTEDAAVFGGQQNMKDGLQNCKATYKPDMIAVSTTCMAEVIGD
DLNAFINNSKKEGFIPDEFPVPFAHTPSFVGSHVTGWDNMFEGIARYFTLKSMDDKVVGSNKKINIVPGFETYLGNFRVI
KRMLSEMGVGYSLLSDPEEVLDTPADGQFRMYAGGTTQEEMKDAPNALNTVLLQPWHLEKTKKFVEGTWKHEVPKLNIPM
GLDWTDEFLMKVSEISGQPIPASLTKERGRLVDMMTDSHTWLHGKRFALWGDPDFVMGLVKFLLELGCEPVHILCHNGNK
RWKKAVDAILAASPYGKNATVYIGKDLWHLRSLVFTDKPDFMIGNSYGKFIQRDTLHKGKEFEVPLIRIGFPIFDRHHLH
RSTTLGYEGAMQILTTLVNSILERLDEETRGMQATDYNHDLVR
;
B,D
#
loop_
_chem_comp.id
_chem_comp.type
_chem_comp.name
_chem_comp.formula
CL non-polymer 'CHLORIDE ION' 'Cl -1'
CLF non-polymer 'FE(8)-S(7) CLUSTER' 'Fe8 S7'
CMO non-polymer 'CARBON MONOXIDE' 'C O'
FE2 non-polymer 'FE (II) ION' 'Fe 2'
HCA non-polymer '3-HYDROXY-3-CARBOXY-ADIPIC ACID' 'C7 H10 O7'
ICH non-polymer 'iron-sulfur-molybdenum cluster with interstitial carbon with selenium incorporated' 'C Fe7 Mo S6 Se3'
ICS non-polymer 'iron-sulfur-molybdenum cluster with interstitial carbon' 'C Fe7 Mo S9'
IMD non-polymer IMIDAZOLE 'C3 H5 N2 1'
#
# COMPACT_ATOMS: atom_id res chain seq x y z
N MET A 4 38.13 7.22 -28.90
CA MET A 4 38.79 8.54 -29.05
C MET A 4 40.33 8.45 -28.95
N SER A 5 41.04 9.22 -29.78
CA SER A 5 42.50 9.34 -29.70
C SER A 5 42.94 10.25 -28.57
N ARG A 6 44.23 10.17 -28.24
CA ARG A 6 44.85 11.06 -27.26
C ARG A 6 44.53 12.51 -27.57
N GLU A 7 44.71 12.89 -28.84
CA GLU A 7 44.59 14.30 -29.22
C GLU A 7 43.16 14.78 -29.02
N GLU A 8 42.18 13.92 -29.31
CA GLU A 8 40.77 14.18 -29.13
C GLU A 8 40.36 14.31 -27.67
N VAL A 9 40.94 13.49 -26.81
CA VAL A 9 40.64 13.61 -25.41
C VAL A 9 41.26 14.91 -24.85
N GLU A 10 42.48 15.26 -25.29
CA GLU A 10 43.11 16.50 -24.87
C GLU A 10 42.28 17.71 -25.30
N SER A 11 41.79 17.67 -26.54
CA SER A 11 40.91 18.67 -27.09
C SER A 11 39.62 18.77 -26.25
N LEU A 12 39.11 17.62 -25.86
CA LEU A 12 37.90 17.58 -25.03
C LEU A 12 38.16 18.29 -23.71
N ILE A 13 39.30 18.00 -23.08
CA ILE A 13 39.66 18.65 -21.81
C ILE A 13 39.73 20.16 -21.97
N GLN A 14 40.44 20.62 -23.01
CA GLN A 14 40.55 22.07 -23.24
C GLN A 14 39.21 22.74 -23.47
N GLU A 15 38.34 22.11 -24.24
CA GLU A 15 37.03 22.63 -24.58
C GLU A 15 36.17 22.79 -23.29
N VAL A 16 36.22 21.76 -22.45
CA VAL A 16 35.42 21.79 -21.20
C VAL A 16 35.93 22.91 -20.28
N LEU A 17 37.26 23.05 -20.18
N LEU A 17 37.25 23.06 -20.18
CA LEU A 17 37.90 24.06 -19.30
CA LEU A 17 37.83 24.05 -19.28
C LEU A 17 37.60 25.51 -19.74
C LEU A 17 37.59 25.50 -19.75
N GLU A 18 37.10 25.70 -20.97
CA GLU A 18 36.82 27.06 -21.48
C GLU A 18 35.77 27.84 -20.66
N VAL A 19 34.88 27.13 -19.99
CA VAL A 19 33.80 27.78 -19.22
C VAL A 19 34.33 28.52 -17.97
N TYR A 20 35.48 28.10 -17.48
CA TYR A 20 35.91 28.55 -16.19
C TYR A 20 36.58 29.92 -16.21
N PRO A 21 36.43 30.67 -15.11
CA PRO A 21 37.34 31.80 -14.86
C PRO A 21 38.81 31.31 -14.80
N GLU A 22 39.76 32.22 -15.06
CA GLU A 22 41.15 31.80 -15.20
C GLU A 22 41.73 31.03 -14.03
N LYS A 23 41.45 31.43 -12.80
CA LYS A 23 42.09 30.75 -11.69
C LYS A 23 41.60 29.27 -11.61
N ALA A 24 40.30 29.09 -11.79
CA ALA A 24 39.75 27.72 -11.76
C ALA A 24 40.22 26.92 -12.96
N ARG A 25 40.33 27.56 -14.12
CA ARG A 25 40.76 26.86 -15.31
C ARG A 25 42.16 26.32 -15.10
N LYS A 26 43.06 27.16 -14.60
CA LYS A 26 44.45 26.75 -14.44
C LYS A 26 44.56 25.65 -13.40
N ASP A 27 43.72 25.71 -12.39
CA ASP A 27 43.73 24.63 -11.39
C ASP A 27 43.20 23.31 -11.95
N ARG A 28 42.03 23.36 -12.58
CA ARG A 28 41.39 22.13 -13.05
C ARG A 28 42.19 21.41 -14.11
N ASN A 29 42.96 22.16 -14.91
CA ASN A 29 43.79 21.55 -15.97
C ASN A 29 44.80 20.58 -15.36
N LYS A 30 45.20 20.82 -14.14
CA LYS A 30 46.18 19.98 -13.50
C LYS A 30 45.62 18.67 -12.96
N HIS A 31 44.27 18.59 -12.84
CA HIS A 31 43.58 17.45 -12.26
C HIS A 31 42.92 16.56 -13.33
N LEU A 32 43.25 16.76 -14.60
CA LEU A 32 42.63 16.03 -15.72
C LEU A 32 43.74 15.55 -16.59
N ALA A 33 43.69 14.29 -17.03
CA ALA A 33 44.83 13.77 -17.80
C ALA A 33 44.39 12.70 -18.73
N VAL A 34 45.21 12.46 -19.71
CA VAL A 34 45.00 11.36 -20.66
C VAL A 34 46.02 10.29 -20.31
N ASN A 35 45.54 9.10 -20.00
CA ASN A 35 46.36 8.09 -19.47
C ASN A 35 47.40 7.63 -20.45
N ASP A 36 48.56 7.33 -19.86
CA ASP A 36 49.68 6.71 -20.55
C ASP A 36 50.22 5.61 -19.65
N PRO A 37 49.91 4.35 -19.98
CA PRO A 37 50.28 3.30 -19.06
C PRO A 37 51.80 3.03 -18.87
N ALA A 38 52.64 3.58 -19.75
CA ALA A 38 54.11 3.57 -19.63
C ALA A 38 54.55 4.40 -18.38
N VAL A 39 53.93 5.57 -18.22
CA VAL A 39 54.22 6.42 -17.06
C VAL A 39 54.08 5.71 -15.72
N THR A 40 55.12 5.79 -14.91
CA THR A 40 55.17 5.18 -13.59
C THR A 40 54.99 6.21 -12.44
N GLN A 41 55.29 7.49 -12.74
CA GLN A 41 55.29 8.53 -11.72
C GLN A 41 54.13 9.47 -12.05
N SER A 42 52.98 9.28 -11.39
CA SER A 42 51.81 10.05 -11.75
C SER A 42 51.94 11.55 -11.43
N LYS A 43 52.89 11.90 -10.59
CA LYS A 43 53.21 13.31 -10.35
C LYS A 43 53.78 13.98 -11.56
N LYS A 44 54.11 13.24 -12.61
CA LYS A 44 54.32 13.86 -13.92
C LYS A 44 53.07 14.16 -14.75
N CYS A 45 51.92 13.60 -14.35
N CYS A 45 51.90 13.68 -14.35
CA CYS A 45 50.71 13.59 -15.17
CA CYS A 45 50.78 13.96 -15.22
C CYS A 45 49.51 14.30 -14.55
C CYS A 45 49.51 14.40 -14.54
N ILE A 46 49.41 14.28 -13.21
CA ILE A 46 48.18 14.69 -12.51
C ILE A 46 48.48 15.08 -11.09
N ILE A 47 47.79 16.12 -10.63
CA ILE A 47 47.85 16.64 -9.28
C ILE A 47 46.61 16.07 -8.55
N SER A 48 46.77 15.75 -7.28
CA SER A 48 45.68 15.21 -6.47
C SER A 48 45.82 15.60 -5.00
N ASN A 49 44.74 15.38 -4.24
CA ASN A 49 44.73 15.65 -2.79
C ASN A 49 45.03 17.11 -2.47
N LYS A 50 44.45 17.99 -3.29
CA LYS A 50 44.45 19.45 -3.05
C LYS A 50 43.05 19.92 -2.71
N LYS A 51 42.95 21.13 -2.20
N LYS A 51 42.92 21.15 -2.24
CA LYS A 51 41.62 21.78 -1.98
CA LYS A 51 41.60 21.72 -1.96
C LYS A 51 40.77 21.76 -3.19
C LYS A 51 40.77 21.75 -3.21
N SER A 52 39.45 21.65 -3.02
CA SER A 52 38.50 21.89 -4.10
C SER A 52 38.33 23.39 -4.38
N GLN A 53 38.08 23.70 -5.63
CA GLN A 53 37.85 25.08 -6.06
C GLN A 53 36.44 25.48 -5.65
N PRO A 54 36.30 26.66 -5.02
CA PRO A 54 34.96 27.09 -4.58
C PRO A 54 33.94 27.19 -5.71
N GLY A 55 32.73 26.75 -5.43
CA GLY A 55 31.61 26.99 -6.31
C GLY A 55 31.43 26.02 -7.46
N LEU A 56 32.28 25.00 -7.54
CA LEU A 56 32.32 24.16 -8.76
C LEU A 56 31.58 22.83 -8.62
N MET A 57 30.94 22.63 -7.48
CA MET A 57 30.15 21.41 -7.27
C MET A 57 31.02 20.16 -7.28
N THR A 58 32.03 20.14 -6.44
CA THR A 58 32.72 18.92 -6.09
C THR A 58 31.72 17.92 -5.54
N ILE A 59 32.10 16.66 -5.68
CA ILE A 59 31.33 15.50 -5.21
C ILE A 59 31.86 15.05 -3.85
N ARG A 60 33.00 15.61 -3.42
CA ARG A 60 33.60 15.30 -2.17
C ARG A 60 32.79 15.56 -0.92
N GLY A 61 33.05 14.74 0.08
CA GLY A 61 32.65 15.00 1.48
C GLY A 61 33.77 15.60 2.31
N CYS A 62 33.71 15.29 3.62
CA CYS A 62 34.59 15.87 4.63
C CYS A 62 35.26 14.86 5.53
N ALA A 63 36.14 15.34 6.37
CA ALA A 63 36.88 14.48 7.26
C ALA A 63 35.99 13.69 8.21
N TYR A 64 34.85 14.25 8.63
CA TYR A 64 33.91 13.54 9.51
C TYR A 64 33.31 12.35 8.76
N ALA A 65 32.98 12.56 7.49
CA ALA A 65 32.53 11.41 6.65
C ALA A 65 33.61 10.33 6.63
N GLY A 66 34.87 10.71 6.43
CA GLY A 66 35.95 9.76 6.38
C GLY A 66 36.21 9.07 7.68
N SER A 67 35.93 9.74 8.81
CA SER A 67 36.23 9.10 10.11
C SER A 67 35.01 8.35 10.63
N LYS A 68 33.94 9.12 10.82
CA LYS A 68 32.72 8.54 11.41
C LYS A 68 32.02 7.66 10.39
N GLY A 69 31.76 8.20 9.22
CA GLY A 69 31.06 7.42 8.20
C GLY A 69 31.77 6.20 7.70
N VAL A 70 33.08 6.24 7.55
CA VAL A 70 33.83 5.25 6.83
C VAL A 70 34.57 4.32 7.81
N VAL A 71 35.45 4.85 8.66
CA VAL A 71 36.29 3.98 9.51
C VAL A 71 35.67 3.55 10.81
N TRP A 72 35.18 4.49 11.60
CA TRP A 72 34.64 4.17 12.93
C TRP A 72 33.23 3.61 12.98
N GLY A 73 32.32 4.27 12.25
CA GLY A 73 30.91 3.92 12.21
C GLY A 73 30.57 2.46 12.10
N PRO A 74 31.28 1.70 11.26
CA PRO A 74 31.00 0.25 11.15
C PRO A 74 31.33 -0.60 12.36
N ILE A 75 32.19 -0.15 13.26
CA ILE A 75 32.56 -0.94 14.43
C ILE A 75 31.30 -1.15 15.30
N LYS A 76 30.85 -2.39 15.41
CA LYS A 76 29.47 -2.64 15.75
C LYS A 76 29.10 -2.58 17.20
N ASP A 77 30.05 -2.88 18.09
CA ASP A 77 29.75 -3.01 19.51
C ASP A 77 30.22 -1.79 20.30
N MET A 78 30.61 -0.74 19.59
CA MET A 78 30.89 0.55 20.17
C MET A 78 29.79 1.50 19.83
N ILE A 79 29.67 2.57 20.64
CA ILE A 79 28.74 3.67 20.36
C ILE A 79 29.54 4.85 19.90
N HIS A 80 29.19 5.36 18.71
CA HIS A 80 29.89 6.48 18.10
C HIS A 80 29.05 7.70 18.21
N ILE A 81 29.58 8.72 18.89
CA ILE A 81 28.83 9.94 19.12
C ILE A 81 29.16 10.98 18.05
N SER A 82 28.16 11.45 17.33
CA SER A 82 28.33 12.57 16.37
C SER A 82 28.21 13.82 17.23
N HIS A 83 29.36 14.45 17.50
CA HIS A 83 29.47 15.46 18.53
C HIS A 83 29.54 16.84 17.93
N GLY A 84 28.49 17.61 18.20
CA GLY A 84 28.25 18.87 17.51
C GLY A 84 26.77 18.96 17.18
N PRO A 85 26.40 19.83 16.24
CA PRO A 85 24.99 20.01 15.92
C PRO A 85 24.40 18.79 15.18
N VAL A 86 23.10 18.83 14.98
CA VAL A 86 22.34 17.64 14.61
C VAL A 86 22.51 17.18 13.18
N GLY A 87 22.95 18.04 12.28
CA GLY A 87 22.91 17.69 10.88
C GLY A 87 23.75 16.45 10.54
N CYS A 88 25.02 16.44 10.92
CA CYS A 88 25.98 15.50 10.32
C CYS A 88 25.60 14.03 10.58
N GLY A 89 25.21 13.76 11.82
CA GLY A 89 24.81 12.44 12.24
C GLY A 89 23.52 12.00 11.57
N GLN A 90 22.63 12.92 11.30
CA GLN A 90 21.33 12.57 10.68
C GLN A 90 21.49 12.22 9.21
N TYR A 91 22.24 13.03 8.44
CA TYR A 91 22.46 12.73 7.03
C TYR A 91 23.25 11.48 6.86
N SER A 92 24.11 11.15 7.81
CA SER A 92 24.96 9.94 7.63
C SER A 92 24.37 8.77 8.33
N ARG A 93 23.18 8.89 8.88
CA ARG A 93 22.60 7.76 9.61
C ARG A 93 22.16 6.66 8.63
N ALA A 94 22.78 5.48 8.72
CA ALA A 94 22.42 4.30 7.89
C ALA A 94 22.51 4.54 6.37
N GLY A 95 23.29 5.53 5.95
CA GLY A 95 23.51 5.80 4.55
C GLY A 95 24.45 4.84 3.85
N ARG A 96 25.41 4.35 4.63
CA ARG A 96 26.45 3.45 4.10
C ARG A 96 26.18 2.02 4.59
N ARG A 97 26.22 1.09 3.65
CA ARG A 97 25.73 -0.26 3.90
C ARG A 97 26.84 -1.18 4.44
N ASN A 98 27.44 -0.76 5.54
CA ASN A 98 28.49 -1.50 6.21
C ASN A 98 27.87 -2.56 7.14
N TYR A 99 27.64 -3.75 6.57
CA TYR A 99 26.80 -4.75 7.16
C TYR A 99 27.42 -5.39 8.39
N TYR A 100 26.55 -5.85 9.26
CA TYR A 100 26.97 -6.45 10.51
C TYR A 100 25.93 -7.42 11.02
N ILE A 101 26.38 -8.31 11.92
CA ILE A 101 25.50 -9.14 12.71
C ILE A 101 25.44 -8.66 14.13
N GLY A 102 24.25 -8.35 14.62
CA GLY A 102 24.09 -7.89 16.01
C GLY A 102 22.66 -7.62 16.37
N THR A 103 22.43 -7.26 17.64
CA THR A 103 21.13 -6.92 18.15
C THR A 103 21.12 -5.42 18.36
N THR A 104 20.53 -4.70 17.39
CA THR A 104 20.71 -3.26 17.34
C THR A 104 19.95 -2.54 18.45
N GLY A 105 20.64 -1.68 19.18
CA GLY A 105 20.08 -1.00 20.35
C GLY A 105 20.41 -1.71 21.63
N VAL A 106 20.99 -2.90 21.50
CA VAL A 106 21.28 -3.75 22.66
C VAL A 106 22.76 -4.07 22.75
N ASN A 107 23.34 -4.82 21.81
CA ASN A 107 24.75 -5.05 21.82
C ASN A 107 25.48 -4.47 20.59
N ALA A 108 24.72 -3.90 19.66
CA ALA A 108 25.31 -3.37 18.45
C ALA A 108 24.56 -2.09 18.10
N PHE A 109 25.21 -1.12 17.45
CA PHE A 109 24.66 0.24 17.39
C PHE A 109 24.82 0.97 16.06
N VAL A 110 25.16 0.23 14.98
CA VAL A 110 25.69 0.84 13.78
C VAL A 110 24.71 1.78 13.09
N THR A 111 23.48 1.34 12.96
CA THR A 111 22.49 2.12 12.25
C THR A 111 21.76 3.16 13.09
N MET A 112 22.17 3.33 14.33
CA MET A 112 21.61 4.34 15.22
C MET A 112 22.36 5.65 15.06
N ASN A 113 21.73 6.76 15.45
CA ASN A 113 22.38 8.06 15.42
C ASN A 113 22.41 8.63 16.83
N PHE A 114 23.59 8.53 17.46
CA PHE A 114 23.82 9.14 18.76
C PHE A 114 24.42 10.52 18.51
N THR A 115 23.91 11.56 19.18
CA THR A 115 24.42 12.90 18.98
C THR A 115 24.28 13.76 20.24
N SER A 116 25.18 14.74 20.34
CA SER A 116 25.08 15.74 21.41
C SER A 116 24.24 16.96 20.98
N ASP A 117 23.70 16.98 19.75
CA ASP A 117 22.70 17.97 19.30
C ASP A 117 22.99 19.37 19.80
N PHE A 118 24.16 19.91 19.43
CA PHE A 118 24.59 21.22 19.99
C PHE A 118 23.55 22.31 19.70
N GLN A 119 23.28 23.10 20.73
CA GLN A 119 22.45 24.30 20.68
C GLN A 119 23.38 25.50 20.92
N GLU A 120 22.81 26.69 20.80
CA GLU A 120 23.58 27.90 20.98
C GLU A 120 24.38 27.92 22.26
N LYS A 121 23.78 27.50 23.37
CA LYS A 121 24.52 27.52 24.63
C LYS A 121 25.77 26.64 24.65
N ASP A 122 25.75 25.57 23.87
CA ASP A 122 26.89 24.69 23.76
C ASP A 122 28.00 25.35 22.93
N ILE A 123 27.62 26.10 21.91
CA ILE A 123 28.60 26.83 21.10
C ILE A 123 29.25 27.96 21.92
N VAL A 124 28.42 28.71 22.64
CA VAL A 124 28.88 29.83 23.45
C VAL A 124 29.76 29.44 24.62
N PHE A 125 29.36 28.39 25.34
CA PHE A 125 30.03 28.02 26.58
C PHE A 125 30.83 26.74 26.51
N GLY A 126 30.76 26.03 25.38
CA GLY A 126 31.50 24.81 25.22
C GLY A 126 30.64 23.58 25.50
N GLY A 127 31.00 22.49 24.85
CA GLY A 127 30.27 21.23 25.00
C GLY A 127 30.87 20.14 25.84
N ASP A 128 31.95 20.41 26.56
CA ASP A 128 32.63 19.35 27.33
C ASP A 128 31.82 18.88 28.53
N LYS A 129 31.12 19.78 29.19
CA LYS A 129 30.23 19.31 30.26
C LYS A 129 29.05 18.46 29.74
N LYS A 130 28.50 18.89 28.61
CA LYS A 130 27.51 18.11 27.91
C LYS A 130 28.01 16.72 27.53
N LEU A 131 29.23 16.66 27.03
CA LEU A 131 29.77 15.41 26.60
C LEU A 131 29.92 14.44 27.78
N ALA A 132 30.42 14.95 28.91
CA ALA A 132 30.54 14.08 30.09
C ALA A 132 29.20 13.55 30.57
N LYS A 133 28.17 14.40 30.60
CA LYS A 133 26.83 13.98 30.99
C LYS A 133 26.26 12.98 29.97
N LEU A 134 26.52 13.24 28.69
CA LEU A 134 26.08 12.33 27.62
C LEU A 134 26.67 10.93 27.79
N ILE A 135 27.96 10.86 28.12
CA ILE A 135 28.63 9.57 28.34
C ILE A 135 27.92 8.83 29.47
N ASP A 136 27.58 9.50 30.56
CA ASP A 136 26.89 8.80 31.64
C ASP A 136 25.53 8.30 31.16
N GLU A 137 24.81 9.09 30.35
CA GLU A 137 23.51 8.68 29.86
C GLU A 137 23.60 7.49 28.93
N VAL A 138 24.65 7.42 28.12
CA VAL A 138 24.91 6.26 27.29
C VAL A 138 25.14 5.02 28.13
N GLU A 139 25.93 5.17 29.18
CA GLU A 139 26.19 4.03 30.04
C GLU A 139 24.95 3.49 30.70
N THR A 140 24.10 4.40 31.17
CA THR A 140 22.81 3.99 31.73
C THR A 140 21.92 3.24 30.75
N LEU A 141 21.82 3.77 29.54
CA LEU A 141 20.79 3.29 28.62
C LEU A 141 21.24 2.25 27.65
N PHE A 142 22.55 2.13 27.51
CA PHE A 142 23.17 1.15 26.60
C PHE A 142 24.29 0.43 27.34
N PRO A 143 23.95 -0.33 28.37
CA PRO A 143 24.99 -0.92 29.21
C PRO A 143 25.89 -1.96 28.56
N LEU A 144 25.48 -2.58 27.45
CA LEU A 144 26.31 -3.56 26.75
C LEU A 144 27.25 -2.98 25.72
N ASN A 145 27.29 -1.65 25.59
CA ASN A 145 28.32 -1.05 24.74
C ASN A 145 29.72 -1.40 25.25
N LYS A 146 30.65 -1.63 24.32
CA LYS A 146 32.01 -2.05 24.65
C LYS A 146 33.03 -0.96 24.45
N GLY A 147 32.56 0.27 24.29
CA GLY A 147 33.41 1.41 24.10
C GLY A 147 32.67 2.51 23.39
N ILE A 148 33.19 3.73 23.49
CA ILE A 148 32.54 4.90 22.95
C ILE A 148 33.57 5.63 22.08
N SER A 149 33.18 6.13 20.91
CA SER A 149 34.00 7.12 20.19
C SER A 149 33.28 8.44 20.12
N VAL A 150 34.08 9.52 20.06
CA VAL A 150 33.58 10.87 20.00
C VAL A 150 34.02 11.45 18.66
N GLN A 151 33.08 11.56 17.72
CA GLN A 151 33.37 11.97 16.32
C GLN A 151 33.09 13.44 16.22
N SER A 152 34.15 14.24 16.23
CA SER A 152 34.01 15.69 16.27
C SER A 152 33.48 16.23 14.95
N GLU A 153 32.45 17.09 15.05
CA GLU A 153 31.94 17.89 13.96
C GLU A 153 32.56 19.29 13.95
N CYS A 154 32.35 20.03 12.84
CA CYS A 154 33.01 21.32 12.68
C CYS A 154 33.19 22.18 13.95
N PRO A 155 32.11 22.42 14.73
CA PRO A 155 32.33 23.43 15.79
C PRO A 155 33.31 23.05 16.92
N ILE A 156 33.62 21.78 17.13
CA ILE A 156 34.32 21.36 18.35
C ILE A 156 35.68 22.05 18.49
N GLY A 157 36.53 21.91 17.50
CA GLY A 157 37.86 22.54 17.57
C GLY A 157 37.79 24.04 17.41
N LEU A 158 36.82 24.54 16.65
CA LEU A 158 36.67 25.94 16.44
C LEU A 158 36.37 26.65 17.73
N ILE A 159 35.60 26.04 18.61
CA ILE A 159 35.28 26.71 19.89
C ILE A 159 36.25 26.37 21.02
N GLY A 160 37.24 25.52 20.77
CA GLY A 160 38.27 25.20 21.77
C GLY A 160 37.87 24.19 22.84
N ASP A 161 36.97 23.28 22.53
CA ASP A 161 36.62 22.22 23.46
C ASP A 161 37.80 21.27 23.57
N ASP A 162 37.85 20.55 24.68
CA ASP A 162 38.91 19.61 24.98
C ASP A 162 38.29 18.22 25.20
N ILE A 163 37.92 17.63 24.08
CA ILE A 163 37.35 16.27 24.14
C ILE A 163 38.35 15.21 24.60
N GLU A 164 39.64 15.46 24.44
CA GLU A 164 40.64 14.48 24.91
C GLU A 164 40.62 14.37 26.42
N SER A 165 40.56 15.52 27.10
CA SER A 165 40.44 15.54 28.54
C SER A 165 39.18 14.83 29.02
N VAL A 166 38.05 15.10 28.36
CA VAL A 166 36.80 14.45 28.78
C VAL A 166 36.91 12.95 28.57
N SER A 167 37.51 12.55 27.44
CA SER A 167 37.68 11.12 27.15
C SER A 167 38.57 10.39 28.18
N LYS A 168 39.73 10.96 28.51
CA LYS A 168 40.64 10.43 29.54
C LYS A 168 39.95 10.32 30.89
N VAL A 169 39.35 11.41 31.31
CA VAL A 169 38.74 11.45 32.65
C VAL A 169 37.58 10.48 32.79
N LYS A 170 36.67 10.52 31.84
CA LYS A 170 35.53 9.63 31.88
C LYS A 170 35.91 8.19 31.64
N GLY A 171 36.91 7.97 30.76
CA GLY A 171 37.37 6.61 30.44
C GLY A 171 37.99 5.98 31.68
N ALA A 172 38.69 6.79 32.45
CA ALA A 172 39.28 6.31 33.72
C ALA A 172 38.18 6.06 34.75
N GLU A 173 37.27 7.03 34.90
CA GLU A 173 36.21 6.91 35.91
C GLU A 173 35.36 5.67 35.67
N LEU A 174 35.06 5.36 34.41
CA LEU A 174 34.15 4.24 34.04
C LEU A 174 34.83 2.94 33.62
N SER A 175 36.16 2.88 33.64
CA SER A 175 36.96 1.74 33.11
C SER A 175 36.50 1.34 31.72
N LYS A 176 36.47 2.32 30.81
CA LYS A 176 35.81 2.18 29.49
C LYS A 176 36.73 2.82 28.47
N THR A 177 36.89 2.19 27.30
CA THR A 177 37.63 2.84 26.22
C THR A 177 36.74 3.93 25.63
N ILE A 178 37.18 5.18 25.67
CA ILE A 178 36.46 6.32 25.12
C ILE A 178 37.47 7.02 24.22
N VAL A 179 37.17 7.08 22.92
CA VAL A 179 38.15 7.50 21.95
C VAL A 179 37.81 8.88 21.41
N PRO A 180 38.64 9.89 21.68
CA PRO A 180 38.40 11.20 21.07
C PRO A 180 38.89 11.26 19.64
N VAL A 181 38.03 11.72 18.72
CA VAL A 181 38.43 11.76 17.29
C VAL A 181 38.23 13.16 16.76
N ARG A 182 39.35 13.81 16.41
CA ARG A 182 39.38 15.19 15.92
C ARG A 182 39.22 15.22 14.41
N CYS A 183 38.05 14.74 13.97
CA CYS A 183 37.72 14.62 12.57
C CYS A 183 36.81 15.74 12.06
N GLU A 184 36.89 16.92 12.69
CA GLU A 184 36.10 18.06 12.22
C GLU A 184 36.22 18.29 10.71
N GLY A 185 35.09 18.62 10.09
CA GLY A 185 35.03 18.74 8.65
C GLY A 185 35.83 19.88 8.05
N PHE A 186 36.25 20.83 8.88
CA PHE A 186 37.14 21.88 8.39
C PHE A 186 38.55 21.35 8.14
N ARG A 187 38.88 20.17 8.64
CA ARG A 187 40.23 19.65 8.48
C ARG A 187 40.43 18.98 7.13
N GLY A 188 41.65 19.04 6.61
CA GLY A 188 41.90 18.43 5.31
C GLY A 188 41.07 19.02 4.16
N VAL A 189 40.86 18.21 3.14
CA VAL A 189 40.23 18.71 1.90
C VAL A 189 39.13 17.81 1.41
N SER A 190 38.87 16.73 2.15
CA SER A 190 38.03 15.64 1.67
C SER A 190 37.86 14.60 2.76
N GLN A 191 37.21 13.48 2.44
CA GLN A 191 37.19 12.31 3.31
C GLN A 191 38.57 11.79 3.73
N SER A 192 39.56 12.00 2.87
CA SER A 192 40.84 11.35 3.08
C SER A 192 41.49 11.62 4.43
N LEU A 193 41.59 12.88 4.82
CA LEU A 193 42.24 13.18 6.08
C LEU A 193 41.49 12.57 7.25
N GLY A 194 40.17 12.43 7.11
CA GLY A 194 39.40 11.68 8.10
C GLY A 194 39.83 10.25 8.29
N HIS A 195 40.19 9.57 7.20
CA HIS A 195 40.76 8.23 7.36
C HIS A 195 42.01 8.25 8.20
N HIS A 196 42.90 9.19 7.87
CA HIS A 196 44.22 9.22 8.57
C HIS A 196 44.03 9.52 10.06
N ILE A 197 43.22 10.54 10.33
CA ILE A 197 42.85 10.90 11.70
C ILE A 197 42.28 9.72 12.44
N ALA A 198 41.35 9.02 11.78
CA ALA A 198 40.69 7.87 12.38
C ALA A 198 41.69 6.74 12.65
N ASN A 199 42.59 6.48 11.71
CA ASN A 199 43.63 5.43 11.93
C ASN A 199 44.49 5.80 13.15
N ASP A 200 44.90 7.06 13.24
CA ASP A 200 45.74 7.49 14.36
C ASP A 200 45.01 7.40 15.69
N ALA A 201 43.69 7.62 15.71
CA ALA A 201 42.87 7.46 16.92
C ALA A 201 42.79 5.99 17.31
N VAL A 202 42.69 5.09 16.33
CA VAL A 202 42.71 3.64 16.66
C VAL A 202 44.07 3.32 17.27
N ARG A 203 45.13 3.76 16.63
CA ARG A 203 46.47 3.54 17.16
C ARG A 203 46.63 4.01 18.59
N ASP A 204 46.22 5.24 18.85
CA ASP A 204 46.54 5.90 20.10
C ASP A 204 45.65 5.44 21.25
N TRP A 205 44.44 4.97 20.97
CA TRP A 205 43.45 4.74 22.04
C TRP A 205 42.93 3.31 22.13
N VAL A 206 43.13 2.50 21.08
CA VAL A 206 42.58 1.14 21.08
C VAL A 206 43.60 0.06 20.89
N LEU A 207 44.46 0.22 19.88
CA LEU A 207 45.21 -0.92 19.32
C LEU A 207 46.22 -1.50 20.28
N GLY A 208 46.73 -0.70 21.19
CA GLY A 208 47.72 -1.19 22.17
C GLY A 208 47.20 -1.80 23.44
N LYS A 209 45.89 -1.91 23.58
N LYS A 209 45.87 -1.91 23.58
CA LYS A 209 45.30 -2.36 24.84
CA LYS A 209 45.26 -2.35 24.86
C LYS A 209 45.81 -3.72 25.32
C LYS A 209 45.79 -3.73 25.32
N ARG A 210 46.10 -4.63 24.40
CA ARG A 210 46.56 -5.96 24.77
C ARG A 210 48.06 -6.20 24.56
N ASP A 211 48.85 -5.13 24.47
CA ASP A 211 50.29 -5.24 24.23
C ASP A 211 51.00 -6.11 25.28
N GLU A 212 50.51 -6.06 26.50
CA GLU A 212 51.09 -6.87 27.58
C GLU A 212 50.33 -8.12 27.97
N ASP A 213 49.40 -8.58 27.14
CA ASP A 213 48.54 -9.74 27.44
C ASP A 213 49.06 -10.85 26.53
N THR A 214 49.31 -12.01 27.12
CA THR A 214 49.89 -13.15 26.41
C THR A 214 48.87 -14.30 26.29
N THR A 215 47.58 -14.05 26.53
CA THR A 215 46.62 -15.15 26.65
C THR A 215 46.11 -15.63 25.30
N PHE A 216 46.11 -14.78 24.27
CA PHE A 216 45.54 -15.24 22.97
C PHE A 216 46.45 -16.25 22.25
N ALA A 217 45.88 -17.39 21.85
CA ALA A 217 46.62 -18.50 21.24
C ALA A 217 46.65 -18.21 19.74
N SER A 218 47.82 -17.82 19.23
CA SER A 218 47.99 -17.56 17.83
C SER A 218 48.34 -18.83 17.05
N THR A 219 48.15 -18.76 15.73
CA THR A 219 48.50 -19.87 14.83
C THR A 219 49.30 -19.21 13.69
N PRO A 220 50.00 -20.06 12.90
CA PRO A 220 50.82 -19.52 11.81
C PRO A 220 49.98 -18.94 10.68
N TYR A 221 48.68 -19.23 10.67
CA TYR A 221 47.80 -18.87 9.54
C TYR A 221 46.87 -17.71 9.88
N ASP A 222 47.21 -16.97 10.95
CA ASP A 222 46.38 -15.86 11.41
C ASP A 222 46.58 -14.61 10.51
N VAL A 223 45.46 -14.08 10.04
CA VAL A 223 45.45 -12.88 9.26
C VAL A 223 44.39 -11.91 9.74
N ALA A 224 44.50 -10.66 9.26
CA ALA A 224 43.41 -9.69 9.38
C ALA A 224 43.06 -9.12 8.01
N ILE A 225 41.74 -8.89 7.78
CA ILE A 225 41.25 -8.17 6.60
C ILE A 225 41.22 -6.70 6.96
N ILE A 226 42.10 -5.94 6.34
CA ILE A 226 42.29 -4.52 6.64
C ILE A 226 41.72 -3.69 5.49
N GLY A 227 40.74 -2.88 5.80
CA GLY A 227 40.16 -1.99 4.79
C GLY A 227 39.09 -2.65 3.94
N ASP A 228 38.21 -3.41 4.58
CA ASP A 228 36.97 -3.89 3.94
C ASP A 228 35.83 -3.55 4.88
N TYR A 229 34.92 -2.72 4.38
CA TYR A 229 33.85 -2.19 5.20
C TYR A 229 32.53 -2.96 5.00
N ASN A 230 32.64 -4.09 4.31
CA ASN A 230 31.55 -5.07 4.27
C ASN A 230 30.30 -4.53 3.63
N ILE A 231 30.48 -3.79 2.54
CA ILE A 231 29.36 -3.18 1.88
C ILE A 231 28.49 -4.27 1.26
N GLY A 232 27.26 -4.40 1.71
CA GLY A 232 26.38 -5.44 1.22
C GLY A 232 26.89 -6.85 1.55
N GLY A 233 27.79 -6.94 2.51
CA GLY A 233 28.40 -8.19 2.86
C GLY A 233 29.71 -8.60 2.18
N ASP A 234 30.35 -7.63 1.55
CA ASP A 234 31.60 -7.85 0.79
C ASP A 234 32.70 -8.55 1.59
N ALA A 235 32.83 -8.20 2.85
CA ALA A 235 33.89 -8.78 3.67
C ALA A 235 33.59 -10.22 4.02
N TRP A 236 32.33 -10.54 4.24
CA TRP A 236 31.95 -11.95 4.46
C TRP A 236 32.21 -12.82 3.25
N SER A 237 31.98 -12.31 2.04
N SER A 237 31.95 -12.30 2.05
CA SER A 237 32.21 -13.10 0.84
CA SER A 237 32.18 -13.04 0.81
C SER A 237 33.68 -13.13 0.45
C SER A 237 33.66 -13.08 0.41
N SER A 238 34.52 -12.37 1.17
CA SER A 238 36.00 -12.46 1.10
C SER A 238 36.56 -13.43 2.15
N ARG A 239 36.11 -13.25 3.40
CA ARG A 239 36.50 -14.04 4.52
C ARG A 239 36.28 -15.49 4.23
N ILE A 240 35.16 -15.81 3.58
CA ILE A 240 34.87 -17.24 3.37
C ILE A 240 35.97 -17.89 2.58
N LEU A 241 36.46 -17.19 1.56
CA LEU A 241 37.49 -17.74 0.71
C LEU A 241 38.82 -17.88 1.46
N LEU A 242 39.16 -16.88 2.26
CA LEU A 242 40.42 -16.90 3.01
C LEU A 242 40.42 -18.09 3.97
N GLU A 243 39.28 -18.36 4.56
CA GLU A 243 39.19 -19.47 5.50
C GLU A 243 39.09 -20.84 4.79
N GLU A 244 38.46 -20.91 3.64
CA GLU A 244 38.51 -22.15 2.82
C GLU A 244 39.94 -22.45 2.39
N MET A 245 40.75 -21.42 2.21
CA MET A 245 42.19 -21.58 1.96
C MET A 245 43.03 -21.98 3.17
N GLY A 246 42.40 -22.06 4.34
CA GLY A 246 43.10 -22.55 5.53
C GLY A 246 43.64 -21.46 6.44
N LEU A 247 43.33 -20.19 6.16
CA LEU A 247 43.70 -19.09 7.05
C LEU A 247 42.66 -18.89 8.17
N ARG A 248 43.06 -18.17 9.22
CA ARG A 248 42.18 -17.80 10.30
C ARG A 248 42.09 -16.28 10.30
N CYS A 249 40.90 -15.77 9.99
N CYS A 249 40.90 -15.78 9.98
CA CYS A 249 40.69 -14.34 9.93
CA CYS A 249 40.69 -14.35 9.92
C CYS A 249 40.34 -13.82 11.31
C CYS A 249 40.35 -13.83 11.31
N VAL A 250 41.35 -13.34 12.01
CA VAL A 250 41.19 -12.87 13.38
C VAL A 250 40.39 -11.58 13.46
N ALA A 251 40.49 -10.73 12.44
CA ALA A 251 39.84 -9.41 12.48
C ALA A 251 39.43 -8.92 11.09
N GLN A 252 38.32 -8.17 11.07
CA GLN A 252 37.86 -7.39 9.91
C GLN A 252 37.83 -5.91 10.26
N TRP A 253 38.61 -5.12 9.53
CA TRP A 253 38.67 -3.66 9.78
C TRP A 253 37.96 -2.92 8.65
N SER A 254 36.79 -2.35 8.85
CA SER A 254 36.00 -2.40 10.08
C SER A 254 34.59 -2.90 9.82
N GLY A 255 34.32 -3.42 8.63
CA GLY A 255 32.98 -3.94 8.37
C GLY A 255 32.67 -5.19 9.18
N ASP A 256 31.55 -5.15 9.87
CA ASP A 256 31.19 -6.18 10.85
C ASP A 256 32.21 -6.31 11.96
N GLY A 257 32.98 -5.25 12.18
CA GLY A 257 34.11 -5.31 13.11
C GLY A 257 33.69 -5.09 14.55
N SER A 258 34.36 -5.75 15.46
CA SER A 258 34.17 -5.56 16.91
C SER A 258 35.44 -4.94 17.49
N ILE A 259 35.28 -4.31 18.66
CA ILE A 259 36.44 -3.70 19.32
C ILE A 259 37.44 -4.81 19.71
N SER A 260 36.99 -5.97 20.14
CA SER A 260 37.98 -6.95 20.53
C SER A 260 38.80 -7.43 19.35
N GLU A 261 38.18 -7.56 18.18
CA GLU A 261 38.97 -8.06 17.06
C GLU A 261 40.00 -7.02 16.63
N ILE A 262 39.70 -5.74 16.76
CA ILE A 262 40.72 -4.72 16.56
C ILE A 262 41.87 -4.90 17.56
N GLU A 263 41.53 -5.08 18.83
CA GLU A 263 42.58 -5.25 19.86
C GLU A 263 43.42 -6.51 19.67
N LEU A 264 42.86 -7.54 19.02
CA LEU A 264 43.59 -8.78 18.74
C LEU A 264 44.47 -8.73 17.49
N THR A 265 44.30 -7.69 16.67
CA THR A 265 44.97 -7.64 15.39
C THR A 265 46.51 -7.68 15.52
N PRO A 266 47.09 -7.04 16.55
CA PRO A 266 48.56 -7.12 16.68
C PRO A 266 49.09 -8.52 16.89
N LYS A 267 48.22 -9.53 17.09
CA LYS A 267 48.64 -10.90 17.24
C LYS A 267 48.73 -11.65 15.89
N VAL A 268 48.31 -11.04 14.78
CA VAL A 268 48.28 -11.79 13.52
C VAL A 268 49.63 -11.88 12.83
N LYS A 269 49.72 -12.73 11.83
CA LYS A 269 50.94 -12.95 11.07
C LYS A 269 51.04 -12.08 9.81
N LEU A 270 49.91 -11.63 9.29
CA LEU A 270 49.87 -10.93 8.03
C LEU A 270 48.59 -10.08 7.95
N ASN A 271 48.77 -8.81 7.59
CA ASN A 271 47.67 -7.87 7.35
C ASN A 271 47.40 -7.85 5.83
N LEU A 272 46.14 -8.15 5.47
CA LEU A 272 45.71 -8.16 4.09
C LEU A 272 44.95 -6.88 3.83
N VAL A 273 45.55 -5.98 3.06
CA VAL A 273 44.99 -4.64 2.83
C VAL A 273 44.20 -4.64 1.52
N HIS A 274 42.89 -4.41 1.63
CA HIS A 274 42.05 -4.17 0.45
C HIS A 274 42.02 -2.69 0.15
N CYS A 275 41.38 -1.88 0.98
CA CYS A 275 41.45 -0.42 0.76
C CYS A 275 42.77 0.15 1.26
N TYR A 276 43.73 0.27 0.35
CA TYR A 276 45.00 0.97 0.64
C TYR A 276 44.79 2.42 1.13
N ARG A 277 43.93 3.17 0.47
CA ARG A 277 43.81 4.61 0.77
C ARG A 277 43.47 4.82 2.23
N SER A 278 42.46 4.09 2.71
CA SER A 278 41.93 4.35 4.05
C SER A 278 42.71 3.73 5.18
N MET A 279 43.43 2.65 4.93
N MET A 279 43.40 2.62 4.96
CA MET A 279 44.08 1.89 6.01
CA MET A 279 44.06 1.93 6.09
C MET A 279 45.55 1.62 5.89
C MET A 279 45.54 1.61 5.89
N ASN A 280 46.18 2.20 4.89
CA ASN A 280 47.65 2.05 4.76
C ASN A 280 48.38 2.61 5.97
N TYR A 281 47.79 3.62 6.62
CA TYR A 281 48.44 4.29 7.79
C TYR A 281 48.63 3.33 8.96
N ILE A 282 47.54 2.65 9.32
CA ILE A 282 47.62 1.73 10.44
C ILE A 282 48.41 0.46 10.07
N SER A 283 48.37 0.06 8.81
CA SER A 283 49.15 -1.08 8.35
C SER A 283 50.65 -0.80 8.48
N ARG A 284 51.07 0.38 8.11
CA ARG A 284 52.49 0.76 8.27
C ARG A 284 52.86 0.82 9.74
N HIS A 285 51.95 1.33 10.56
CA HIS A 285 52.19 1.38 11.98
C HIS A 285 52.40 -0.04 12.52
N MET A 286 51.53 -0.96 12.14
CA MET A 286 51.63 -2.33 12.66
C MET A 286 52.92 -3.01 12.24
N GLU A 287 53.42 -2.69 11.04
CA GLU A 287 54.68 -3.25 10.62
C GLU A 287 55.83 -2.67 11.47
N GLU A 288 55.76 -1.38 11.71
CA GLU A 288 56.82 -0.65 12.47
C GLU A 288 56.87 -1.19 13.88
N LYS A 289 55.71 -1.22 14.55
CA LYS A 289 55.65 -1.57 15.98
C LYS A 289 55.65 -3.07 16.29
N TYR A 290 54.92 -3.86 15.53
CA TYR A 290 54.76 -5.28 15.85
C TYR A 290 55.48 -6.23 14.90
N GLY A 291 56.05 -5.68 13.84
CA GLY A 291 56.71 -6.49 12.82
C GLY A 291 55.79 -7.24 11.89
N ILE A 292 54.52 -6.84 11.86
CA ILE A 292 53.56 -7.55 11.02
C ILE A 292 53.61 -7.06 9.56
N PRO A 293 53.90 -7.93 8.62
CA PRO A 293 53.93 -7.46 7.24
C PRO A 293 52.53 -7.23 6.69
N TRP A 294 52.44 -6.42 5.65
CA TRP A 294 51.12 -6.18 5.00
C TRP A 294 51.27 -6.29 3.51
N MET A 295 50.18 -6.62 2.86
CA MET A 295 50.17 -6.71 1.38
C MET A 295 48.81 -6.27 0.83
N GLU A 296 48.84 -5.57 -0.30
CA GLU A 296 47.64 -5.19 -1.02
C GLU A 296 47.07 -6.37 -1.79
N TYR A 297 45.76 -6.44 -1.86
CA TYR A 297 45.10 -7.45 -2.67
C TYR A 297 43.82 -6.89 -3.28
N ASN A 298 43.17 -7.69 -4.14
CA ASN A 298 42.03 -7.31 -4.88
C ASN A 298 41.11 -8.50 -5.09
N PHE A 299 39.91 -8.40 -4.54
CA PHE A 299 38.87 -9.45 -4.65
C PHE A 299 37.73 -9.02 -5.59
N PHE A 300 37.98 -8.15 -6.57
CA PHE A 300 36.97 -7.85 -7.57
C PHE A 300 37.15 -8.71 -8.85
N GLY A 301 36.27 -9.69 -9.04
CA GLY A 301 36.23 -10.48 -10.23
C GLY A 301 37.13 -11.69 -10.10
N PRO A 302 36.91 -12.69 -10.96
CA PRO A 302 37.70 -13.93 -10.80
C PRO A 302 39.20 -13.76 -11.10
N THR A 303 39.57 -13.02 -12.13
CA THR A 303 41.01 -12.86 -12.45
C THR A 303 41.79 -12.31 -11.24
N LYS A 304 41.30 -11.21 -10.66
CA LYS A 304 41.98 -10.57 -9.53
C LYS A 304 41.88 -11.41 -8.28
N THR A 305 40.72 -12.01 -8.05
CA THR A 305 40.56 -12.87 -6.84
C THR A 305 41.52 -14.07 -6.90
N ILE A 306 41.63 -14.73 -8.06
CA ILE A 306 42.54 -15.87 -8.17
C ILE A 306 43.97 -15.42 -7.94
N GLU A 307 44.35 -14.33 -8.58
CA GLU A 307 45.70 -13.81 -8.42
C GLU A 307 46.02 -13.46 -6.93
N SER A 308 45.05 -12.84 -6.27
CA SER A 308 45.18 -12.47 -4.88
C SER A 308 45.28 -13.71 -4.00
N LEU A 309 44.38 -14.66 -4.17
CA LEU A 309 44.48 -15.90 -3.36
C LEU A 309 45.85 -16.55 -3.47
N ARG A 310 46.36 -16.65 -4.71
CA ARG A 310 47.69 -17.20 -4.92
C ARG A 310 48.82 -16.41 -4.27
N ALA A 311 48.79 -15.08 -4.39
CA ALA A 311 49.81 -14.26 -3.79
C ALA A 311 49.79 -14.29 -2.28
N ILE A 312 48.59 -14.36 -1.70
CA ILE A 312 48.45 -14.48 -0.26
C ILE A 312 48.97 -15.84 0.18
N ALA A 313 48.53 -16.92 -0.49
CA ALA A 313 48.97 -18.27 -0.10
C ALA A 313 50.47 -18.43 -0.14
N ALA A 314 51.11 -17.75 -1.12
CA ALA A 314 52.57 -17.81 -1.24
C ALA A 314 53.31 -17.26 -0.03
N LYS A 315 52.66 -16.51 0.87
CA LYS A 315 53.30 -16.01 2.10
C LYS A 315 53.30 -17.08 3.18
N PHE A 316 52.60 -18.19 2.95
CA PHE A 316 52.49 -19.25 3.97
C PHE A 316 53.24 -20.49 3.49
N ASP A 317 52.80 -21.67 3.85
CA ASP A 317 53.52 -22.89 3.54
C ASP A 317 52.80 -23.67 2.42
N GLU A 318 53.37 -24.81 2.06
CA GLU A 318 52.80 -25.64 0.99
C GLU A 318 51.35 -26.08 1.28
N SER A 319 50.98 -26.26 2.56
CA SER A 319 49.62 -26.74 2.89
C SER A 319 48.58 -25.67 2.50
N ILE A 320 48.91 -24.40 2.73
CA ILE A 320 48.01 -23.30 2.32
C ILE A 320 47.98 -23.15 0.79
N GLN A 321 49.12 -23.31 0.12
CA GLN A 321 49.16 -23.24 -1.35
C GLN A 321 48.33 -24.36 -1.96
N LYS A 322 48.34 -25.55 -1.34
CA LYS A 322 47.51 -26.63 -1.81
C LYS A 322 46.03 -26.30 -1.61
N LYS A 323 45.66 -25.79 -0.46
CA LYS A 323 44.27 -25.40 -0.25
C LYS A 323 43.85 -24.26 -1.19
N CYS A 324 44.76 -23.35 -1.47
CA CYS A 324 44.50 -22.29 -2.44
C CYS A 324 44.00 -22.90 -3.76
N GLU A 325 44.77 -23.85 -4.29
CA GLU A 325 44.41 -24.46 -5.56
C GLU A 325 43.11 -25.23 -5.48
N GLU A 326 42.83 -25.81 -4.31
CA GLU A 326 41.48 -26.43 -4.07
C GLU A 326 40.35 -25.41 -4.14
N VAL A 327 40.56 -24.25 -3.52
CA VAL A 327 39.55 -23.20 -3.57
C VAL A 327 39.33 -22.74 -5.01
N ILE A 328 40.41 -22.52 -5.72
CA ILE A 328 40.30 -22.07 -7.09
C ILE A 328 39.56 -23.10 -7.94
N ALA A 329 39.89 -24.38 -7.77
CA ALA A 329 39.21 -25.42 -8.53
C ALA A 329 37.72 -25.51 -8.17
N LYS A 330 37.37 -25.32 -6.89
CA LYS A 330 35.98 -25.38 -6.45
C LYS A 330 35.16 -24.33 -7.17
N TYR A 331 35.66 -23.10 -7.20
CA TYR A 331 34.87 -22.00 -7.75
C TYR A 331 34.94 -21.82 -9.25
N LYS A 332 35.91 -22.47 -9.88
CA LYS A 332 36.06 -22.36 -11.32
C LYS A 332 34.76 -22.53 -12.07
N PRO A 333 34.01 -23.63 -11.85
CA PRO A 333 32.82 -23.77 -12.67
C PRO A 333 31.75 -22.70 -12.38
N GLU A 334 31.75 -22.18 -11.16
CA GLU A 334 30.77 -21.17 -10.79
C GLU A 334 31.02 -19.85 -11.54
N TRP A 335 32.23 -19.31 -11.46
CA TRP A 335 32.48 -18.07 -12.19
C TRP A 335 32.49 -18.27 -13.68
N GLU A 336 32.91 -19.46 -14.13
CA GLU A 336 32.86 -19.72 -15.57
C GLU A 336 31.42 -19.67 -16.07
N ALA A 337 30.49 -20.17 -15.26
CA ALA A 337 29.07 -20.12 -15.66
C ALA A 337 28.56 -18.68 -15.68
N VAL A 338 29.01 -17.87 -14.72
CA VAL A 338 28.67 -16.46 -14.77
C VAL A 338 29.17 -15.75 -16.02
N VAL A 339 30.43 -15.98 -16.36
CA VAL A 339 31.01 -15.41 -17.59
C VAL A 339 30.25 -15.90 -18.81
N ALA A 340 29.95 -17.19 -18.87
CA ALA A 340 29.26 -17.75 -20.06
C ALA A 340 27.89 -17.15 -20.27
N LYS A 341 27.21 -16.84 -19.18
CA LYS A 341 25.88 -16.26 -19.27
C LYS A 341 25.92 -14.76 -19.61
N TYR A 342 26.78 -14.01 -18.89
CA TYR A 342 26.74 -12.56 -18.93
C TYR A 342 27.73 -11.87 -19.88
N ARG A 343 28.92 -12.45 -20.11
CA ARG A 343 29.88 -11.81 -20.99
C ARG A 343 29.30 -11.56 -22.39
N PRO A 344 28.54 -12.53 -22.99
CA PRO A 344 27.99 -12.20 -24.31
C PRO A 344 26.99 -11.08 -24.31
N ARG A 345 26.39 -10.78 -23.16
N ARG A 345 26.41 -10.81 -23.15
CA ARG A 345 25.45 -9.71 -23.03
CA ARG A 345 25.47 -9.74 -23.02
C ARG A 345 26.11 -8.34 -22.82
C ARG A 345 26.12 -8.36 -22.84
N LEU A 346 27.40 -8.36 -22.48
CA LEU A 346 28.13 -7.16 -22.08
C LEU A 346 29.39 -6.89 -22.87
N GLU A 347 29.77 -7.82 -23.74
CA GLU A 347 31.04 -7.71 -24.46
C GLU A 347 31.12 -6.42 -25.25
N GLY A 348 32.24 -5.71 -25.10
CA GLY A 348 32.49 -4.49 -25.85
C GLY A 348 31.90 -3.21 -25.26
N LYS A 349 31.06 -3.32 -24.23
CA LYS A 349 30.43 -2.15 -23.68
C LYS A 349 31.43 -1.34 -22.87
N ARG A 350 31.28 -0.02 -22.92
CA ARG A 350 32.23 0.95 -22.37
C ARG A 350 31.65 1.60 -21.13
N VAL A 351 32.47 1.69 -20.08
N VAL A 351 32.46 1.69 -20.07
CA VAL A 351 32.04 2.21 -18.79
CA VAL A 351 32.01 2.21 -18.80
C VAL A 351 32.90 3.39 -18.39
C VAL A 351 32.88 3.38 -18.37
N MET A 352 32.28 4.37 -17.72
CA MET A 352 33.04 5.46 -17.04
C MET A 352 32.74 5.34 -15.58
N LEU A 353 33.78 5.44 -14.78
CA LEU A 353 33.67 5.34 -13.32
C LEU A 353 34.03 6.66 -12.68
N TYR A 354 33.40 6.94 -11.53
CA TYR A 354 33.86 8.00 -10.62
C TYR A 354 33.49 7.63 -9.19
N ILE A 355 34.50 7.38 -8.36
CA ILE A 355 34.24 6.87 -7.01
C ILE A 355 35.26 7.52 -6.08
N GLY A 356 35.63 6.89 -4.96
CA GLY A 356 36.29 7.63 -3.85
C GLY A 356 37.80 7.57 -3.85
N GLY A 357 38.31 6.43 -3.42
CA GLY A 357 39.75 6.26 -3.22
C GLY A 357 40.34 4.90 -3.57
N LEU A 358 39.50 3.93 -4.00
CA LEU A 358 40.00 2.59 -4.31
C LEU A 358 39.31 1.99 -5.51
N ARG A 359 37.99 1.89 -5.43
CA ARG A 359 37.25 1.24 -6.49
C ARG A 359 37.45 1.73 -7.94
N PRO A 360 37.75 3.03 -8.16
CA PRO A 360 37.96 3.53 -9.53
C PRO A 360 39.06 2.78 -10.28
N ARG A 361 40.03 2.21 -9.56
CA ARG A 361 40.94 1.26 -10.22
C ARG A 361 40.58 -0.18 -9.91
N HIS A 362 40.12 -0.46 -8.71
CA HIS A 362 40.06 -1.85 -8.25
C HIS A 362 39.03 -2.70 -8.99
N VAL A 363 37.98 -2.08 -9.54
CA VAL A 363 36.93 -2.84 -10.19
C VAL A 363 37.21 -3.07 -11.68
N ILE A 364 38.30 -2.52 -12.19
CA ILE A 364 38.54 -2.59 -13.64
C ILE A 364 38.65 -4.05 -14.12
N GLY A 365 39.35 -4.91 -13.37
CA GLY A 365 39.53 -6.29 -13.75
C GLY A 365 38.20 -7.03 -13.86
N ALA A 366 37.26 -6.73 -12.97
CA ALA A 366 35.95 -7.37 -12.97
C ALA A 366 35.16 -6.98 -14.20
N TYR A 367 35.23 -5.72 -14.60
CA TYR A 367 34.63 -5.26 -15.85
C TYR A 367 35.26 -6.02 -17.04
N GLU A 368 36.58 -6.13 -17.04
CA GLU A 368 37.29 -6.81 -18.13
C GLU A 368 36.95 -8.31 -18.20
N ASP A 369 36.67 -8.91 -17.06
CA ASP A 369 36.20 -10.30 -17.00
C ASP A 369 34.80 -10.51 -17.67
N LEU A 370 34.06 -9.42 -17.90
CA LEU A 370 32.82 -9.46 -18.64
C LEU A 370 32.96 -8.84 -20.00
N GLY A 371 34.20 -8.70 -20.47
CA GLY A 371 34.45 -8.08 -21.77
C GLY A 371 34.24 -6.60 -21.90
N MET A 372 34.08 -5.89 -20.77
CA MET A 372 33.78 -4.47 -20.84
C MET A 372 35.06 -3.68 -20.78
N GLU A 373 34.98 -2.43 -21.20
CA GLU A 373 36.14 -1.53 -21.26
C GLU A 373 35.88 -0.30 -20.38
N VAL A 374 36.83 -0.01 -19.49
CA VAL A 374 36.74 1.20 -18.66
C VAL A 374 37.47 2.33 -19.41
N VAL A 375 36.70 3.23 -19.97
CA VAL A 375 37.21 4.29 -20.86
C VAL A 375 37.53 5.56 -20.12
N GLY A 376 37.00 5.71 -18.91
CA GLY A 376 37.31 6.86 -18.05
C GLY A 376 37.19 6.44 -16.63
N THR A 377 38.06 6.99 -15.78
CA THR A 377 37.92 6.73 -14.38
C THR A 377 38.50 7.89 -13.58
N GLY A 378 38.11 7.97 -12.32
CA GLY A 378 38.63 9.05 -11.48
C GLY A 378 38.19 8.91 -10.06
N TYR A 379 38.78 9.72 -9.20
CA TYR A 379 38.54 9.61 -7.79
C TYR A 379 38.20 10.95 -7.15
N GLU A 380 37.34 10.90 -6.15
CA GLU A 380 37.07 12.07 -5.31
C GLU A 380 38.29 12.54 -4.53
N PHE A 381 39.03 11.63 -3.92
CA PHE A 381 40.00 12.05 -2.88
C PHE A 381 41.28 11.25 -2.83
N ALA A 382 41.59 10.50 -3.91
CA ALA A 382 42.83 9.78 -4.01
C ALA A 382 44.06 10.67 -3.96
N HIS A 383 45.19 10.03 -3.61
CA HIS A 383 46.50 10.70 -3.63
C HIS A 383 47.31 10.18 -4.81
N ASN A 384 48.50 10.74 -5.04
CA ASN A 384 49.23 10.28 -6.21
C ASN A 384 49.67 8.79 -6.17
N ASP A 385 49.87 8.25 -4.98
CA ASP A 385 50.15 6.82 -4.85
C ASP A 385 48.99 5.98 -5.40
N ASP A 386 47.76 6.47 -5.27
CA ASP A 386 46.65 5.77 -5.93
C ASP A 386 46.70 5.93 -7.45
N TYR A 387 47.03 7.14 -7.93
CA TYR A 387 47.12 7.33 -9.38
C TYR A 387 48.25 6.51 -9.97
N ASP A 388 49.34 6.34 -9.23
CA ASP A 388 50.44 5.46 -9.72
C ASP A 388 49.90 4.07 -9.98
N ARG A 389 49.02 3.59 -9.10
CA ARG A 389 48.50 2.24 -9.21
C ARG A 389 47.44 2.14 -10.29
N THR A 390 46.90 3.27 -10.73
CA THR A 390 45.83 3.32 -11.69
C THR A 390 46.31 3.33 -13.12
N MET A 391 47.38 4.07 -13.41
CA MET A 391 47.78 4.25 -14.79
C MET A 391 48.09 2.90 -15.50
N LYS A 392 48.65 1.92 -14.81
CA LYS A 392 48.91 0.62 -15.45
C LYS A 392 47.65 -0.25 -15.60
N GLU A 393 46.58 0.06 -14.85
CA GLU A 393 45.35 -0.70 -14.92
C GLU A 393 44.38 -0.21 -15.99
N MET A 394 44.54 1.03 -16.43
CA MET A 394 43.72 1.69 -17.42
C MET A 394 44.38 1.59 -18.79
N GLY A 395 43.57 1.53 -19.84
CA GLY A 395 44.08 1.55 -21.19
C GLY A 395 44.80 2.84 -21.60
N ASP A 396 45.62 2.73 -22.64
CA ASP A 396 46.13 3.94 -23.27
C ASP A 396 45.06 4.92 -23.80
N SER A 397 45.31 6.21 -23.60
CA SER A 397 44.47 7.28 -24.09
C SER A 397 43.10 7.34 -23.44
N THR A 398 42.91 6.66 -22.31
CA THR A 398 41.68 6.80 -21.54
C THR A 398 41.75 8.08 -20.71
N LEU A 399 40.60 8.52 -20.21
CA LEU A 399 40.49 9.78 -19.48
C LEU A 399 40.56 9.54 -17.98
N LEU A 400 41.36 10.36 -17.30
CA LEU A 400 41.47 10.33 -15.83
C LEU A 400 41.08 11.65 -15.27
N TYR A 401 40.32 11.65 -14.18
CA TYR A 401 39.83 12.89 -13.57
C TYR A 401 39.94 12.82 -12.06
N ASP A 402 40.63 13.80 -11.46
CA ASP A 402 40.73 13.93 -10.01
C ASP A 402 39.80 15.03 -9.48
N ASP A 403 38.96 14.72 -8.48
CA ASP A 403 37.98 15.70 -7.90
C ASP A 403 37.20 16.37 -9.00
N VAL A 404 36.59 15.55 -9.85
CA VAL A 404 35.84 16.03 -10.99
C VAL A 404 34.70 16.94 -10.55
N THR A 405 34.47 18.00 -11.32
CA THR A 405 33.34 18.90 -11.06
C THR A 405 32.11 18.33 -11.73
N GLY A 406 30.95 18.68 -11.24
CA GLY A 406 29.73 18.23 -11.87
C GLY A 406 29.66 18.59 -13.33
N TYR A 407 30.01 19.84 -13.65
CA TYR A 407 30.07 20.29 -15.02
C TYR A 407 30.98 19.40 -15.90
N GLU A 408 32.20 19.17 -15.43
CA GLU A 408 33.16 18.37 -16.19
C GLU A 408 32.62 16.96 -16.46
N PHE A 409 32.08 16.33 -15.43
CA PHE A 409 31.65 14.95 -15.55
C PHE A 409 30.52 14.87 -16.60
N GLU A 410 29.55 15.78 -16.52
CA GLU A 410 28.44 15.82 -17.50
C GLU A 410 29.00 16.00 -18.91
N GLU A 411 29.87 17.00 -19.10
CA GLU A 411 30.44 17.27 -20.44
C GLU A 411 31.30 16.16 -20.99
N PHE A 412 32.08 15.48 -20.11
CA PHE A 412 32.85 14.32 -20.57
C PHE A 412 31.93 13.20 -21.06
N VAL A 413 30.86 12.96 -20.33
CA VAL A 413 29.93 11.90 -20.64
C VAL A 413 29.21 12.21 -21.97
N LYS A 414 28.83 13.46 -22.16
CA LYS A 414 28.16 13.85 -23.41
C LYS A 414 29.05 13.55 -24.65
N ARG A 415 30.37 13.70 -24.55
CA ARG A 415 31.27 13.48 -25.69
C ARG A 415 31.61 12.00 -25.82
N ILE A 416 31.91 11.37 -24.70
CA ILE A 416 32.43 9.99 -24.71
C ILE A 416 31.32 8.98 -24.93
N LYS A 417 30.13 9.26 -24.41
CA LYS A 417 28.93 8.45 -24.67
C LYS A 417 29.18 7.01 -24.21
N PRO A 418 29.58 6.86 -22.94
CA PRO A 418 29.70 5.52 -22.38
C PRO A 418 28.38 4.76 -22.38
N ASP A 419 28.47 3.43 -22.45
CA ASP A 419 27.28 2.58 -22.33
C ASP A 419 26.75 2.48 -20.90
N LEU A 420 27.60 2.70 -19.91
CA LEU A 420 27.28 2.58 -18.48
C LEU A 420 28.17 3.53 -17.72
N ILE A 421 27.62 4.08 -16.64
CA ILE A 421 28.38 4.88 -15.66
C ILE A 421 28.24 4.24 -14.29
N GLY A 422 29.34 4.20 -13.55
CA GLY A 422 29.38 3.69 -12.18
C GLY A 422 29.88 4.79 -11.26
N SER A 423 28.99 5.33 -10.43
CA SER A 423 29.37 6.41 -9.56
C SER A 423 28.44 6.42 -8.34
N GLY A 424 28.17 7.59 -7.76
CA GLY A 424 27.41 7.70 -6.55
C GLY A 424 26.00 8.25 -6.67
N ILE A 425 25.35 8.42 -5.52
CA ILE A 425 23.96 8.86 -5.44
C ILE A 425 23.72 10.26 -5.98
N LYS A 426 24.69 11.14 -5.83
CA LYS A 426 24.55 12.51 -6.35
C LYS A 426 24.69 12.56 -7.87
N GLU A 427 25.20 11.50 -8.47
CA GLU A 427 25.42 11.40 -9.91
C GLU A 427 24.33 10.58 -10.61
N LYS A 428 23.77 9.59 -9.93
CA LYS A 428 22.88 8.59 -10.52
C LYS A 428 21.76 9.19 -11.41
N PHE A 429 21.02 10.12 -10.85
CA PHE A 429 19.78 10.54 -11.51
C PHE A 429 20.03 11.48 -12.66
N ILE A 430 21.19 12.15 -12.66
CA ILE A 430 21.61 13.02 -13.77
C ILE A 430 21.74 12.14 -15.02
N PHE A 431 22.53 11.08 -14.87
CA PHE A 431 22.90 10.25 -16.02
C PHE A 431 21.78 9.38 -16.49
N GLN A 432 20.93 8.91 -15.58
CA GLN A 432 19.72 8.22 -16.05
C GLN A 432 18.83 9.09 -16.95
N LYS A 433 18.68 10.38 -16.63
CA LYS A 433 17.83 11.26 -17.45
C LYS A 433 18.45 11.50 -18.82
N MET A 434 19.77 11.40 -18.89
CA MET A 434 20.47 11.43 -20.16
C MET A 434 20.34 10.13 -20.96
N GLY A 435 19.69 9.10 -20.40
CA GLY A 435 19.56 7.81 -21.09
C GLY A 435 20.76 6.90 -20.98
N ILE A 436 21.62 7.15 -20.01
CA ILE A 436 22.80 6.31 -19.77
C ILE A 436 22.58 5.44 -18.57
N PRO A 437 22.54 4.10 -18.77
CA PRO A 437 22.47 3.17 -17.66
C PRO A 437 23.49 3.52 -16.58
N PHE A 438 23.02 3.50 -15.33
CA PHE A 438 23.85 3.90 -14.18
C PHE A 438 23.79 2.86 -13.11
N ARG A 439 24.95 2.48 -12.58
CA ARG A 439 25.03 1.65 -11.39
C ARG A 439 25.78 2.37 -10.25
N GLN A 440 25.17 2.39 -9.07
CA GLN A 440 25.86 2.91 -7.90
C GLN A 440 27.03 2.05 -7.49
N MET A 441 28.23 2.63 -7.47
CA MET A 441 29.41 1.87 -7.15
C MET A 441 29.98 2.20 -5.79
N HIS A 442 29.18 2.87 -4.97
CA HIS A 442 29.44 2.93 -3.54
C HIS A 442 28.51 1.92 -2.81
N SER A 443 27.21 2.17 -2.94
CA SER A 443 26.19 1.38 -2.25
C SER A 443 25.78 0.12 -2.98
N TRP A 444 26.39 -0.17 -4.13
CA TRP A 444 25.97 -1.26 -4.96
C TRP A 444 24.52 -1.24 -5.37
N ASP A 445 23.91 -0.06 -5.33
CA ASP A 445 22.50 0.09 -5.70
C ASP A 445 21.64 -0.87 -4.88
N TYR A 446 22.01 -1.02 -3.60
CA TYR A 446 21.25 -1.81 -2.61
C TYR A 446 21.30 -3.32 -2.90
N SER A 447 22.34 -3.71 -3.66
CA SER A 447 22.58 -5.07 -4.06
C SER A 447 23.96 -5.50 -3.46
N GLY A 448 24.61 -6.44 -4.09
CA GLY A 448 25.84 -6.99 -3.54
C GLY A 448 25.63 -8.13 -2.59
N PRO A 449 26.70 -8.75 -2.09
CA PRO A 449 28.10 -8.27 -2.25
C PRO A 449 28.68 -8.34 -3.65
N TYR A 450 29.75 -7.58 -3.90
CA TYR A 450 30.49 -7.69 -5.13
C TYR A 450 31.85 -8.32 -4.96
N HIS A 451 32.35 -8.45 -3.75
CA HIS A 451 33.68 -9.05 -3.56
C HIS A 451 33.63 -10.58 -3.70
N GLY A 452 34.73 -11.14 -4.17
CA GLY A 452 34.90 -12.59 -4.16
C GLY A 452 34.21 -13.24 -5.33
N PHE A 453 34.18 -14.56 -5.31
CA PHE A 453 33.49 -15.30 -6.35
C PHE A 453 31.97 -15.13 -6.26
N ASP A 454 31.41 -15.22 -5.04
CA ASP A 454 29.97 -15.07 -4.90
C ASP A 454 29.54 -13.66 -5.26
N GLY A 455 30.38 -12.66 -4.94
CA GLY A 455 30.12 -11.30 -5.35
C GLY A 455 30.17 -11.07 -6.84
N PHE A 456 31.08 -11.76 -7.55
CA PHE A 456 31.14 -11.54 -8.99
C PHE A 456 29.84 -11.92 -9.71
N ALA A 457 29.20 -12.98 -9.22
CA ALA A 457 27.93 -13.39 -9.82
C ALA A 457 26.88 -12.26 -9.73
N ILE A 458 26.83 -11.62 -8.56
CA ILE A 458 25.86 -10.54 -8.33
C ILE A 458 26.23 -9.29 -9.16
N PHE A 459 27.51 -8.95 -9.17
CA PHE A 459 28.03 -7.85 -10.00
C PHE A 459 27.64 -8.02 -11.48
N ALA A 460 27.89 -9.21 -12.02
CA ALA A 460 27.52 -9.49 -13.41
C ALA A 460 26.02 -9.36 -13.66
N ARG A 461 25.22 -9.93 -12.78
CA ARG A 461 23.79 -9.85 -12.88
C ARG A 461 23.34 -8.38 -12.90
N ASP A 462 23.94 -7.59 -12.03
CA ASP A 462 23.57 -6.23 -11.85
C ASP A 462 23.97 -5.36 -13.04
N MET A 463 25.21 -5.50 -13.55
CA MET A 463 25.58 -4.72 -14.73
C MET A 463 24.67 -5.05 -15.90
N ASP A 464 24.36 -6.33 -16.08
CA ASP A 464 23.48 -6.75 -17.15
C ASP A 464 22.03 -6.25 -17.00
N MET A 465 21.48 -6.33 -15.81
CA MET A 465 20.07 -5.96 -15.62
C MET A 465 19.85 -4.50 -15.94
N THR A 466 20.87 -3.70 -15.62
CA THR A 466 20.80 -2.28 -15.84
C THR A 466 21.20 -1.88 -17.25
N LEU A 467 22.37 -2.31 -17.70
CA LEU A 467 22.81 -1.91 -19.04
C LEU A 467 21.82 -2.33 -20.13
N ASN A 468 21.29 -3.53 -20.00
CA ASN A 468 20.38 -4.10 -21.01
C ASN A 468 18.90 -3.93 -20.71
N ASN A 469 18.56 -3.09 -19.75
CA ASN A 469 17.16 -2.98 -19.36
C ASN A 469 16.27 -2.44 -20.47
N PRO A 470 15.03 -2.93 -20.58
CA PRO A 470 14.15 -2.35 -21.64
C PRO A 470 13.84 -0.85 -21.50
N CYS A 471 14.01 -0.27 -20.30
CA CYS A 471 13.63 1.15 -20.11
C CYS A 471 14.50 2.03 -21.01
N TRP A 472 15.70 1.62 -21.33
CA TRP A 472 16.63 2.56 -22.01
C TRP A 472 16.28 2.81 -23.46
N LYS A 473 15.38 2.02 -24.02
CA LYS A 473 14.97 2.24 -25.42
C LYS A 473 13.79 3.14 -25.50
N LYS A 474 13.32 3.66 -24.37
CA LYS A 474 12.06 4.38 -24.28
C LYS A 474 12.12 5.85 -23.99
N LEU A 475 13.32 6.42 -23.89
CA LEU A 475 13.42 7.80 -23.49
C LEU A 475 12.88 8.70 -24.58
N GLN A 476 13.00 8.35 -25.86
CA GLN A 476 12.51 9.27 -26.90
C GLN A 476 11.03 8.97 -27.24
N ALA A 477 10.16 9.95 -27.08
CA ALA A 477 8.76 9.76 -27.48
C ALA A 477 8.71 9.45 -28.97
N PRO A 478 7.85 8.51 -29.39
CA PRO A 478 7.86 8.15 -30.83
C PRO A 478 7.33 9.21 -31.75
N TRP A 479 6.72 10.27 -31.25
CA TRP A 479 6.30 11.37 -32.09
C TRP A 479 7.40 12.43 -32.15
N GLU A 480 8.54 12.31 -31.45
N GLU A 480 8.71 12.33 -31.58
CA GLU A 480 9.56 13.36 -31.44
CA GLU A 480 9.93 13.04 -32.03
C GLU A 480 10.63 12.94 -32.42
C GLU A 480 10.07 14.30 -31.22
N SER B 2 28.77 -20.05 -2.26
CA SER B 2 28.58 -20.58 -3.64
C SER B 2 27.37 -19.92 -4.27
N GLN B 3 27.33 -19.89 -5.61
CA GLN B 3 26.17 -19.45 -6.34
C GLN B 3 25.76 -20.45 -7.38
N GLN B 4 24.45 -20.51 -7.62
CA GLN B 4 23.88 -21.23 -8.78
C GLN B 4 23.50 -20.15 -9.79
N VAL B 5 24.09 -20.23 -10.99
CA VAL B 5 24.02 -19.17 -11.95
C VAL B 5 22.60 -18.77 -12.39
N ASP B 6 21.69 -19.76 -12.35
N ASP B 6 21.62 -19.66 -12.32
CA ASP B 6 20.28 -19.60 -12.70
CA ASP B 6 20.30 -19.23 -12.77
C ASP B 6 19.44 -18.83 -11.66
C ASP B 6 19.39 -18.78 -11.64
N LYS B 7 19.91 -18.80 -10.41
CA LYS B 7 19.18 -18.17 -9.31
C LYS B 7 20.20 -17.59 -8.32
N ILE B 8 20.78 -16.48 -8.73
CA ILE B 8 21.84 -15.84 -7.99
C ILE B 8 21.24 -15.19 -6.72
N LYS B 9 21.94 -15.33 -5.59
CA LYS B 9 21.46 -14.79 -4.31
C LYS B 9 22.25 -13.55 -3.98
N ALA B 10 21.56 -12.45 -3.70
CA ALA B 10 22.18 -11.28 -3.07
C ALA B 10 22.32 -11.51 -1.59
N SER B 11 22.91 -10.54 -0.87
CA SER B 11 23.22 -10.71 0.57
C SER B 11 22.13 -11.43 1.34
N TYR B 12 20.89 -10.97 1.16
CA TYR B 12 19.71 -11.76 1.55
C TYR B 12 19.21 -12.51 0.32
N PRO B 13 19.17 -13.86 0.29
CA PRO B 13 19.43 -14.79 1.37
C PRO B 13 20.81 -15.50 1.32
N LEU B 14 21.78 -15.01 0.55
CA LEU B 14 23.07 -15.65 0.46
C LEU B 14 23.65 -16.03 1.82
N PHE B 15 23.65 -15.10 2.76
CA PHE B 15 24.40 -15.30 4.03
C PHE B 15 23.65 -16.20 5.00
N LEU B 16 22.48 -16.70 4.59
CA LEU B 16 21.78 -17.79 5.32
C LEU B 16 22.20 -19.15 4.84
N ASP B 17 23.01 -19.28 3.78
CA ASP B 17 23.57 -20.57 3.42
C ASP B 17 24.40 -21.13 4.60
N GLN B 18 24.42 -22.46 4.76
CA GLN B 18 25.09 -23.08 5.90
C GLN B 18 26.53 -22.68 6.05
N ASP B 19 27.25 -22.60 4.94
CA ASP B 19 28.68 -22.31 5.05
C ASP B 19 28.90 -20.90 5.59
N TYR B 20 28.09 -19.93 5.15
CA TYR B 20 28.18 -18.58 5.70
C TYR B 20 27.74 -18.51 7.17
N LYS B 21 26.67 -19.23 7.52
N LYS B 21 26.68 -19.24 7.52
CA LYS B 21 26.21 -19.26 8.91
CA LYS B 21 26.21 -19.26 8.89
C LYS B 21 27.32 -19.80 9.80
C LYS B 21 27.30 -19.81 9.81
N ASP B 22 27.94 -20.90 9.40
CA ASP B 22 29.00 -21.50 10.21
C ASP B 22 30.19 -20.54 10.36
N MET B 23 30.53 -19.87 9.27
CA MET B 23 31.64 -18.93 9.28
C MET B 23 31.38 -17.81 10.26
N LEU B 24 30.16 -17.28 10.20
CA LEU B 24 29.79 -16.15 11.07
C LEU B 24 29.74 -16.56 12.51
N ALA B 25 29.32 -17.79 12.77
CA ALA B 25 29.37 -18.30 14.15
C ALA B 25 30.81 -18.42 14.63
N LYS B 26 31.73 -18.87 13.78
CA LYS B 26 33.14 -19.00 14.14
C LYS B 26 33.77 -17.62 14.38
N LYS B 27 33.36 -16.62 13.60
CA LYS B 27 33.91 -15.29 13.79
C LYS B 27 33.51 -14.76 15.18
N ARG B 28 32.20 -14.87 15.45
CA ARG B 28 31.66 -14.46 16.72
C ARG B 28 32.40 -15.14 17.88
N ASP B 29 32.44 -16.46 17.84
CA ASP B 29 32.99 -17.19 18.97
C ASP B 29 34.45 -16.98 19.14
N GLY B 30 35.18 -16.83 18.05
CA GLY B 30 36.62 -16.76 18.17
C GLY B 30 37.15 -15.40 18.56
N PHE B 31 36.50 -14.35 18.04
CA PHE B 31 37.12 -13.02 18.06
C PHE B 31 36.30 -11.86 18.54
N GLU B 32 34.97 -12.02 18.66
CA GLU B 32 34.10 -10.88 18.95
C GLU B 32 33.87 -10.66 20.43
N GLU B 33 34.20 -11.63 21.26
CA GLU B 33 33.98 -11.51 22.70
C GLU B 33 32.59 -10.94 23.01
N LYS B 34 31.61 -11.58 22.41
CA LYS B 34 30.24 -11.08 22.41
C LYS B 34 29.54 -11.40 23.71
N TYR B 35 28.70 -10.49 24.18
CA TYR B 35 27.86 -10.82 25.32
C TYR B 35 27.04 -12.08 25.02
N PRO B 36 26.83 -12.92 26.03
CA PRO B 36 26.00 -14.11 25.80
C PRO B 36 24.58 -13.74 25.41
N GLN B 37 23.97 -14.61 24.60
CA GLN B 37 22.62 -14.35 24.11
C GLN B 37 21.62 -14.12 25.24
N ASP B 38 21.75 -14.84 26.36
CA ASP B 38 20.84 -14.63 27.46
C ASP B 38 20.90 -13.22 28.02
N LYS B 39 22.09 -12.67 28.06
CA LYS B 39 22.28 -11.30 28.56
C LYS B 39 21.76 -10.30 27.53
N ILE B 40 21.95 -10.59 26.24
CA ILE B 40 21.37 -9.70 25.19
C ILE B 40 19.86 -9.70 25.33
N ASP B 41 19.25 -10.88 25.48
CA ASP B 41 17.80 -10.98 25.66
C ASP B 41 17.34 -10.23 26.88
N GLU B 42 18.09 -10.38 27.97
CA GLU B 42 17.70 -9.72 29.23
C GLU B 42 17.70 -8.21 29.07
N VAL B 43 18.77 -7.69 28.46
CA VAL B 43 18.86 -6.24 28.26
C VAL B 43 17.77 -5.80 27.29
N PHE B 44 17.57 -6.51 26.19
CA PHE B 44 16.47 -6.11 25.29
C PHE B 44 15.17 -5.98 26.07
N GLN B 45 14.83 -7.00 26.87
N GLN B 45 14.85 -6.98 26.87
CA GLN B 45 13.54 -6.98 27.58
CA GLN B 45 13.56 -6.97 27.55
C GLN B 45 13.46 -5.74 28.46
C GLN B 45 13.48 -5.75 28.45
N TRP B 46 14.58 -5.44 29.13
CA TRP B 46 14.63 -4.27 29.98
C TRP B 46 14.37 -2.96 29.20
N THR B 47 14.90 -2.86 27.98
CA THR B 47 14.64 -1.65 27.15
C THR B 47 13.19 -1.46 26.73
N THR B 48 12.33 -2.44 26.96
CA THR B 48 10.89 -2.34 26.63
C THR B 48 10.06 -1.92 27.82
N THR B 49 10.71 -1.73 28.95
CA THR B 49 9.96 -1.52 30.23
C THR B 49 9.68 -0.08 30.57
N LYS B 50 8.71 0.10 31.44
CA LYS B 50 8.44 1.41 32.04
C LYS B 50 9.64 1.95 32.86
N GLU B 51 10.36 1.10 33.58
CA GLU B 51 11.55 1.55 34.31
C GLU B 51 12.56 2.17 33.33
N TYR B 52 12.78 1.48 32.21
CA TYR B 52 13.71 2.01 31.23
C TYR B 52 13.20 3.30 30.63
N GLN B 53 11.90 3.35 30.33
CA GLN B 53 11.29 4.56 29.80
C GLN B 53 11.55 5.77 30.72
N GLU B 54 11.42 5.57 32.04
CA GLU B 54 11.68 6.68 32.97
C GLU B 54 13.10 7.19 32.87
N LEU B 55 14.05 6.28 32.80
CA LEU B 55 15.44 6.72 32.68
C LEU B 55 15.67 7.44 31.34
N ASN B 56 15.04 6.89 30.32
CA ASN B 56 15.16 7.42 28.95
C ASN B 56 14.66 8.86 28.88
N PHE B 57 13.52 9.12 29.53
CA PHE B 57 12.93 10.45 29.48
C PHE B 57 13.64 11.45 30.40
N GLN B 58 14.53 10.96 31.25
CA GLN B 58 15.40 11.84 32.04
C GLN B 58 16.64 12.33 31.32
N ARG B 59 16.86 11.90 30.07
CA ARG B 59 18.05 12.36 29.34
C ARG B 59 18.05 13.87 29.22
N GLU B 60 19.23 14.46 29.43
CA GLU B 60 19.43 15.90 29.23
C GLU B 60 20.47 16.23 28.20
N ALA B 61 21.44 15.36 28.01
CA ALA B 61 22.58 15.63 27.14
C ALA B 61 22.62 14.79 25.88
N LEU B 62 22.19 13.53 25.97
CA LEU B 62 22.25 12.62 24.85
C LEU B 62 20.96 12.66 24.04
N THR B 63 21.12 12.71 22.72
CA THR B 63 20.04 12.53 21.75
C THR B 63 20.32 11.25 20.95
N VAL B 64 19.28 10.46 20.74
CA VAL B 64 19.39 9.18 20.05
C VAL B 64 18.27 9.16 19.03
N ASN B 65 18.65 8.97 17.77
CA ASN B 65 17.70 8.84 16.65
C ASN B 65 16.79 10.05 16.57
N PRO B 66 17.38 11.21 16.32
CA PRO B 66 16.58 12.42 16.16
C PRO B 66 15.57 12.39 15.03
N ALA B 67 14.55 13.24 15.16
CA ALA B 67 13.55 13.45 14.11
C ALA B 67 13.53 14.89 13.68
N LYS B 68 14.72 15.33 13.27
CA LYS B 68 14.93 16.66 12.70
C LYS B 68 16.28 16.69 12.02
N ALA B 69 16.50 17.70 11.18
CA ALA B 69 17.79 17.96 10.55
C ALA B 69 18.22 19.39 10.83
N CYS B 70 19.22 19.90 10.09
CA CYS B 70 19.84 21.21 10.43
C CYS B 70 19.40 22.26 9.42
N GLN B 71 19.45 23.52 9.85
CA GLN B 71 18.98 24.64 9.05
C GLN B 71 19.28 24.66 7.55
N PRO B 72 20.55 24.55 7.18
CA PRO B 72 20.85 24.74 5.77
C PRO B 72 20.17 23.74 4.86
N LEU B 73 19.79 22.54 5.35
CA LEU B 73 19.00 21.66 4.48
C LEU B 73 17.71 22.38 3.97
N GLY B 74 17.01 23.07 4.88
CA GLY B 74 15.82 23.83 4.55
C GLY B 74 16.09 25.00 3.67
N ALA B 75 17.21 25.69 3.90
CA ALA B 75 17.57 26.81 3.03
C ALA B 75 17.75 26.30 1.60
N VAL B 76 18.39 25.18 1.44
CA VAL B 76 18.61 24.58 0.09
C VAL B 76 17.27 24.26 -0.58
N LEU B 77 16.37 23.61 0.15
CA LEU B 77 15.07 23.28 -0.44
C LEU B 77 14.33 24.56 -0.83
N CYS B 78 14.34 25.56 0.03
CA CYS B 78 13.66 26.84 -0.28
C CYS B 78 14.23 27.44 -1.60
N ALA B 79 15.55 27.50 -1.66
CA ALA B 79 16.24 28.04 -2.81
C ALA B 79 15.98 27.30 -4.11
N LEU B 80 15.82 26.01 -4.04
CA LEU B 80 15.54 25.21 -5.23
C LEU B 80 14.24 25.63 -5.88
N GLY B 81 13.32 26.26 -5.14
CA GLY B 81 12.04 26.67 -5.65
C GLY B 81 11.99 27.95 -6.46
N PHE B 82 13.15 28.53 -6.74
CA PHE B 82 13.21 29.78 -7.51
C PHE B 82 13.83 29.54 -8.87
N GLU B 83 13.31 30.25 -9.87
CA GLU B 83 13.70 30.00 -11.23
C GLU B 83 15.20 30.17 -11.42
N LYS B 84 15.78 29.20 -12.11
CA LYS B 84 17.20 29.19 -12.45
C LYS B 84 18.09 29.63 -11.27
N THR B 85 17.77 29.12 -10.07
CA THR B 85 18.47 29.49 -8.86
C THR B 85 19.37 28.36 -8.41
N MET B 86 20.61 28.69 -8.13
CA MET B 86 21.57 27.75 -7.54
C MET B 86 21.61 27.96 -6.03
N PRO B 87 21.27 26.92 -5.23
CA PRO B 87 21.56 27.02 -3.81
C PRO B 87 23.07 26.95 -3.57
N TYR B 88 23.54 27.79 -2.66
CA TYR B 88 24.97 27.98 -2.45
C TYR B 88 25.13 28.06 -0.94
N VAL B 89 25.92 27.17 -0.37
CA VAL B 89 26.07 27.18 1.07
C VAL B 89 27.51 27.59 1.35
N HIS B 90 27.64 28.75 1.95
CA HIS B 90 28.95 29.32 2.32
C HIS B 90 29.44 28.54 3.55
N GLY B 91 30.64 27.96 3.46
CA GLY B 91 31.19 27.11 4.54
C GLY B 91 31.81 25.86 3.97
N SER B 92 31.56 24.76 4.66
CA SER B 92 32.29 23.51 4.50
C SER B 92 31.61 22.60 3.54
N GLN B 93 32.36 22.00 2.60
CA GLN B 93 31.76 21.26 1.50
C GLN B 93 31.12 19.94 1.94
N GLY B 94 31.59 19.35 3.02
CA GLY B 94 31.00 18.08 3.47
C GLY B 94 29.53 18.18 3.70
N CYS B 95 29.10 19.35 4.18
CA CYS B 95 27.68 19.61 4.39
C CYS B 95 26.86 19.43 3.12
N VAL B 96 27.35 20.02 2.03
CA VAL B 96 26.61 20.02 0.75
C VAL B 96 26.52 18.62 0.17
N ALA B 97 27.56 17.79 0.31
CA ALA B 97 27.45 16.38 -0.15
C ALA B 97 26.30 15.70 0.59
N TYR B 98 26.19 15.96 1.89
CA TYR B 98 25.09 15.39 2.67
C TYR B 98 23.70 15.94 2.30
N PHE B 99 23.56 17.26 2.11
CA PHE B 99 22.24 17.84 1.79
C PHE B 99 21.76 17.26 0.49
N ARG B 100 22.66 17.20 -0.49
CA ARG B 100 22.30 16.70 -1.83
C ARG B 100 21.88 15.25 -1.73
N SER B 101 22.68 14.38 -1.11
N SER B 101 22.65 14.41 -1.08
CA SER B 101 22.37 12.96 -1.00
CA SER B 101 22.29 13.02 -1.09
C SER B 101 21.07 12.72 -0.25
C SER B 101 21.05 12.73 -0.27
N TYR B 102 20.81 13.49 0.79
CA TYR B 102 19.58 13.32 1.57
C TYR B 102 18.37 13.56 0.69
N PHE B 103 18.38 14.65 -0.05
CA PHE B 103 17.26 14.90 -0.95
C PHE B 103 17.26 13.96 -2.15
N ASN B 104 18.42 13.62 -2.68
CA ASN B 104 18.50 12.65 -3.79
C ASN B 104 17.74 11.36 -3.41
N ARG B 105 17.96 10.89 -2.19
CA ARG B 105 17.37 9.60 -1.76
C ARG B 105 15.84 9.67 -1.59
N HIS B 106 15.34 10.84 -1.20
CA HIS B 106 13.92 11.02 -0.98
C HIS B 106 13.18 11.24 -2.31
N PHE B 107 13.71 12.11 -3.15
CA PHE B 107 13.02 12.42 -4.42
C PHE B 107 13.39 11.52 -5.58
N ARG B 108 14.50 10.78 -5.43
CA ARG B 108 15.08 10.01 -6.54
C ARG B 108 15.25 10.89 -7.77
N GLU B 109 15.92 12.03 -7.53
CA GLU B 109 16.15 13.07 -8.55
C GLU B 109 17.49 13.73 -8.27
N PRO B 110 18.10 14.37 -9.30
CA PRO B 110 19.28 15.20 -9.06
C PRO B 110 18.92 16.34 -8.12
N VAL B 111 19.91 16.76 -7.33
CA VAL B 111 19.76 17.92 -6.42
C VAL B 111 21.03 18.71 -6.55
N SER B 112 20.88 19.91 -7.10
CA SER B 112 22.04 20.75 -7.40
C SER B 112 22.22 21.78 -6.29
N CYS B 113 23.45 21.90 -5.84
CA CYS B 113 23.79 22.80 -4.73
C CYS B 113 25.32 22.87 -4.74
N VAL B 114 25.86 24.05 -4.45
CA VAL B 114 27.32 24.24 -4.38
C VAL B 114 27.73 24.71 -2.99
N SER B 115 29.03 24.55 -2.77
CA SER B 115 29.76 24.99 -1.58
C SER B 115 30.79 25.97 -2.07
N ASP B 116 31.31 26.80 -1.16
CA ASP B 116 32.54 27.51 -1.46
C ASP B 116 33.74 26.97 -0.70
N SER B 117 33.66 25.75 -0.19
CA SER B 117 34.81 24.98 0.19
C SER B 117 35.80 25.66 1.12
N MET B 118 35.26 26.20 2.20
CA MET B 118 36.13 26.78 3.22
C MET B 118 36.87 25.64 3.92
N THR B 119 38.15 25.88 4.18
CA THR B 119 39.00 24.95 4.92
C THR B 119 39.51 25.59 6.21
N GLU B 120 40.36 24.84 6.90
CA GLU B 120 40.85 25.28 8.16
C GLU B 120 41.56 26.62 8.05
N ASP B 121 42.17 26.87 6.91
CA ASP B 121 42.89 28.12 6.73
C ASP B 121 41.97 29.34 6.90
N ALA B 122 40.70 29.19 6.58
CA ALA B 122 39.76 30.29 6.76
C ALA B 122 39.53 30.71 8.22
N ALA B 123 39.95 29.91 9.20
CA ALA B 123 39.80 30.30 10.60
C ALA B 123 40.69 31.52 10.96
N VAL B 124 41.70 31.83 10.16
CA VAL B 124 42.56 32.98 10.43
C VAL B 124 41.92 34.24 9.89
N PHE B 125 41.62 34.22 8.59
CA PHE B 125 41.16 35.39 7.93
C PHE B 125 39.69 35.40 7.55
N GLY B 126 38.91 34.32 7.77
CA GLY B 126 37.50 34.25 7.36
C GLY B 126 37.33 33.80 5.91
N GLY B 127 36.09 33.63 5.49
CA GLY B 127 35.81 33.09 4.17
C GLY B 127 35.55 34.09 3.04
N GLN B 128 36.06 35.32 3.12
CA GLN B 128 35.76 36.32 2.10
C GLN B 128 36.24 35.89 0.71
N GLN B 129 37.45 35.36 0.61
CA GLN B 129 37.97 34.98 -0.69
C GLN B 129 37.26 33.77 -1.25
N ASN B 130 36.87 32.86 -0.37
CA ASN B 130 36.00 31.74 -0.83
C ASN B 130 34.71 32.26 -1.48
N MET B 131 34.11 33.28 -0.88
CA MET B 131 32.86 33.85 -1.44
C MET B 131 33.11 34.49 -2.79
N LYS B 132 34.20 35.24 -2.93
CA LYS B 132 34.47 35.93 -4.17
C LYS B 132 34.69 34.93 -5.32
N ASP B 133 35.63 33.99 -5.14
CA ASP B 133 35.88 33.02 -6.16
C ASP B 133 34.69 32.05 -6.33
N GLY B 134 34.03 31.69 -5.23
CA GLY B 134 32.92 30.76 -5.32
C GLY B 134 31.73 31.32 -6.10
N LEU B 135 31.38 32.58 -5.83
CA LEU B 135 30.32 33.26 -6.61
C LEU B 135 30.71 33.35 -8.10
N GLN B 136 31.95 33.76 -8.38
CA GLN B 136 32.37 33.94 -9.77
C GLN B 136 32.33 32.58 -10.50
N ASN B 137 32.91 31.57 -9.84
CA ASN B 137 32.99 30.25 -10.40
C ASN B 137 31.62 29.64 -10.62
N CYS B 138 30.75 29.77 -9.66
CA CYS B 138 29.41 29.20 -9.76
C CYS B 138 28.66 29.86 -10.90
N LYS B 139 28.71 31.18 -10.98
CA LYS B 139 27.97 31.86 -12.03
C LYS B 139 28.47 31.45 -13.40
N ALA B 140 29.78 31.42 -13.61
CA ALA B 140 30.32 31.03 -14.91
C ALA B 140 30.02 29.62 -15.29
N THR B 141 30.10 28.71 -14.32
CA THR B 141 30.09 27.28 -14.65
C THR B 141 28.66 26.76 -14.84
N TYR B 142 27.77 27.17 -13.95
CA TYR B 142 26.40 26.61 -13.88
C TYR B 142 25.37 27.57 -14.38
N LYS B 143 25.78 28.80 -14.69
CA LYS B 143 24.89 29.77 -15.32
C LYS B 143 23.51 29.96 -14.67
N PRO B 144 23.48 30.07 -13.33
CA PRO B 144 22.21 30.42 -12.72
C PRO B 144 21.86 31.85 -12.96
N ASP B 145 20.59 32.17 -12.83
CA ASP B 145 20.17 33.58 -12.81
C ASP B 145 20.11 34.19 -11.43
N MET B 146 20.21 33.37 -10.39
CA MET B 146 20.23 33.84 -9.05
C MET B 146 21.03 32.82 -8.26
N ILE B 147 21.78 33.31 -7.26
CA ILE B 147 22.52 32.44 -6.33
C ILE B 147 21.98 32.79 -4.93
N ALA B 148 21.46 31.77 -4.24
CA ALA B 148 20.84 32.00 -2.93
C ALA B 148 21.77 31.41 -1.87
N VAL B 149 22.30 32.25 -1.01
CA VAL B 149 23.36 31.90 -0.12
C VAL B 149 22.87 31.64 1.29
N SER B 150 23.28 30.50 1.83
CA SER B 150 23.12 30.12 3.22
C SER B 150 24.48 29.80 3.84
N THR B 151 24.49 29.30 5.07
CA THR B 151 25.74 28.95 5.79
C THR B 151 25.77 27.62 6.46
N THR B 152 26.99 27.10 6.55
CA THR B 152 27.29 25.94 7.40
C THR B 152 27.83 26.40 8.75
N CYS B 153 27.93 25.47 9.68
CA CYS B 153 28.15 25.84 11.06
C CYS B 153 29.59 26.41 11.27
N MET B 154 30.58 25.96 10.48
N MET B 154 30.61 26.02 10.50
CA MET B 154 31.93 26.53 10.52
CA MET B 154 31.93 26.64 10.71
C MET B 154 31.86 28.03 10.28
C MET B 154 31.90 28.12 10.29
N ALA B 155 31.14 28.45 9.25
CA ALA B 155 31.05 29.84 8.86
C ALA B 155 30.36 30.68 9.93
N GLU B 156 29.35 30.09 10.55
CA GLU B 156 28.65 30.74 11.65
C GLU B 156 29.55 30.89 12.87
N VAL B 157 30.29 29.84 13.24
CA VAL B 157 31.16 29.93 14.41
C VAL B 157 32.29 30.95 14.17
N ILE B 158 32.93 30.95 13.00
CA ILE B 158 33.99 31.93 12.82
C ILE B 158 33.46 33.33 12.60
N GLY B 159 32.17 33.48 12.39
CA GLY B 159 31.50 34.79 12.32
C GLY B 159 31.52 35.53 10.99
N ASP B 160 31.64 34.83 9.85
CA ASP B 160 31.63 35.50 8.55
C ASP B 160 30.36 36.34 8.31
N ASP B 161 30.54 37.59 7.90
CA ASP B 161 29.43 38.52 7.61
C ASP B 161 29.05 38.35 6.15
N LEU B 162 28.01 37.55 5.91
CA LEU B 162 27.56 37.30 4.54
C LEU B 162 27.29 38.56 3.74
N ASN B 163 26.54 39.49 4.33
CA ASN B 163 26.19 40.70 3.66
C ASN B 163 27.45 41.43 3.17
N ALA B 164 28.39 41.62 4.07
CA ALA B 164 29.62 42.31 3.72
C ALA B 164 30.41 41.56 2.67
N PHE B 165 30.45 40.22 2.79
CA PHE B 165 31.22 39.42 1.85
C PHE B 165 30.66 39.47 0.43
N ILE B 166 29.35 39.43 0.35
CA ILE B 166 28.65 39.51 -0.93
C ILE B 166 28.84 40.90 -1.54
N ASN B 167 28.65 41.91 -0.71
CA ASN B 167 28.90 43.31 -1.16
C ASN B 167 30.30 43.51 -1.71
N ASN B 168 31.30 42.98 -0.99
CA ASN B 168 32.69 43.10 -1.44
C ASN B 168 32.92 42.31 -2.71
N SER B 169 32.25 41.18 -2.85
CA SER B 169 32.34 40.42 -4.09
C SER B 169 31.89 41.20 -5.32
N LYS B 170 30.79 41.94 -5.12
CA LYS B 170 30.26 42.82 -6.17
C LYS B 170 31.17 44.05 -6.38
N LYS B 171 31.63 44.63 -5.28
CA LYS B 171 32.54 45.82 -5.34
C LYS B 171 33.77 45.48 -6.19
N GLU B 172 34.32 44.28 -6.00
CA GLU B 172 35.58 43.89 -6.66
C GLU B 172 35.39 43.17 -7.96
N GLY B 173 34.15 43.12 -8.47
CA GLY B 173 33.86 42.61 -9.82
C GLY B 173 33.75 41.11 -10.01
N PHE B 174 33.69 40.34 -8.92
CA PHE B 174 33.58 38.89 -9.02
C PHE B 174 32.23 38.44 -9.50
N ILE B 175 31.19 39.21 -9.18
CA ILE B 175 29.86 38.99 -9.76
C ILE B 175 29.23 40.35 -10.02
N PRO B 176 28.30 40.42 -10.99
CA PRO B 176 27.79 41.73 -11.38
C PRO B 176 27.00 42.40 -10.27
N ASP B 177 27.07 43.74 -10.20
CA ASP B 177 26.36 44.50 -9.17
C ASP B 177 24.88 44.17 -9.07
N GLU B 178 24.24 43.94 -10.22
CA GLU B 178 22.80 43.75 -10.25
C GLU B 178 22.41 42.26 -10.24
N PHE B 179 23.40 41.38 -10.18
CA PHE B 179 23.10 39.96 -10.13
C PHE B 179 22.53 39.59 -8.74
N PRO B 180 21.39 38.87 -8.71
CA PRO B 180 20.75 38.65 -7.39
C PRO B 180 21.45 37.59 -6.55
N VAL B 181 21.87 38.02 -5.38
CA VAL B 181 22.54 37.16 -4.39
C VAL B 181 21.88 37.39 -3.03
N PRO B 182 20.63 36.95 -2.85
CA PRO B 182 19.99 36.95 -1.55
C PRO B 182 20.67 35.98 -0.62
N PHE B 183 20.61 36.25 0.68
CA PHE B 183 21.37 35.45 1.65
C PHE B 183 20.61 35.32 2.95
N ALA B 184 20.98 34.31 3.73
CA ALA B 184 20.52 34.17 5.06
C ALA B 184 21.53 33.37 5.88
N HIS B 185 21.77 33.80 7.11
CA HIS B 185 22.50 33.03 8.12
C HIS B 185 21.65 31.85 8.57
N THR B 186 22.21 30.65 8.53
CA THR B 186 21.47 29.45 8.82
C THR B 186 22.25 28.54 9.78
N PRO B 187 22.41 28.95 11.06
CA PRO B 187 23.20 28.15 12.01
C PRO B 187 22.52 26.84 12.39
N SER B 188 23.23 25.73 12.22
CA SER B 188 22.69 24.39 12.50
C SER B 188 22.36 24.13 13.96
N PHE B 189 23.00 24.91 14.82
CA PHE B 189 22.78 24.82 16.27
C PHE B 189 21.59 25.67 16.80
N VAL B 190 20.80 26.26 15.91
CA VAL B 190 19.55 26.91 16.27
C VAL B 190 18.43 26.24 15.49
N GLY B 191 17.33 25.93 16.18
CA GLY B 191 16.16 25.36 15.54
C GLY B 191 16.46 24.10 14.73
N SER B 192 15.97 24.05 13.49
CA SER B 192 16.10 22.83 12.67
C SER B 192 16.03 23.20 11.21
N HIS B 193 15.96 22.19 10.36
CA HIS B 193 15.80 22.44 8.97
C HIS B 193 14.64 23.37 8.59
N VAL B 194 13.50 23.34 9.29
CA VAL B 194 12.43 24.22 8.92
C VAL B 194 12.76 25.72 9.15
N THR B 195 13.57 25.98 10.19
CA THR B 195 14.04 27.33 10.53
C THR B 195 14.93 27.83 9.42
N GLY B 196 15.72 26.94 8.82
CA GLY B 196 16.55 27.32 7.67
C GLY B 196 15.73 27.72 6.46
N TRP B 197 14.59 27.06 6.27
CA TRP B 197 13.67 27.42 5.21
C TRP B 197 13.11 28.84 5.43
N ASP B 198 12.54 29.07 6.62
CA ASP B 198 12.07 30.41 7.01
C ASP B 198 13.16 31.47 6.81
N ASN B 199 14.36 31.25 7.32
CA ASN B 199 15.42 32.23 7.16
C ASN B 199 15.77 32.53 5.71
N MET B 200 15.86 31.48 4.90
CA MET B 200 16.18 31.64 3.50
C MET B 200 15.09 32.40 2.79
N PHE B 201 13.85 32.01 3.04
CA PHE B 201 12.73 32.68 2.36
C PHE B 201 12.69 34.18 2.70
N GLU B 202 12.79 34.47 3.99
CA GLU B 202 12.76 35.87 4.41
C GLU B 202 13.89 36.67 3.79
N GLY B 203 15.05 36.06 3.66
CA GLY B 203 16.19 36.75 2.99
C GLY B 203 15.92 37.00 1.51
N ILE B 204 15.31 36.06 0.83
CA ILE B 204 14.94 36.26 -0.57
C ILE B 204 13.87 37.32 -0.75
N ALA B 205 12.87 37.27 0.10
CA ALA B 205 11.78 38.25 0.12
C ALA B 205 12.35 39.65 0.34
N ARG B 206 13.24 39.80 1.31
CA ARG B 206 13.86 41.11 1.62
C ARG B 206 14.66 41.60 0.43
N TYR B 207 15.48 40.72 -0.14
CA TYR B 207 16.33 41.08 -1.27
C TYR B 207 15.54 41.76 -2.40
N PHE B 208 14.38 41.22 -2.70
CA PHE B 208 13.62 41.71 -3.86
C PHE B 208 12.65 42.82 -3.54
N THR B 209 12.43 43.15 -2.27
CA THR B 209 11.35 44.07 -1.94
C THR B 209 11.64 45.18 -0.96
N LEU B 210 12.64 45.03 -0.09
CA LEU B 210 12.80 46.00 0.98
C LEU B 210 13.05 47.43 0.46
N LYS B 211 13.91 47.59 -0.53
CA LYS B 211 14.29 48.92 -1.03
C LYS B 211 13.32 49.51 -2.04
N SER B 212 12.36 48.75 -2.52
CA SER B 212 11.47 49.19 -3.57
C SER B 212 10.05 49.37 -3.05
N MET B 213 9.82 49.52 -1.75
CA MET B 213 8.45 49.53 -1.23
C MET B 213 7.61 50.76 -1.63
N ASP B 214 8.25 51.89 -1.91
CA ASP B 214 7.51 53.14 -2.13
C ASP B 214 6.49 53.07 -3.26
N ASP B 215 6.68 52.24 -4.29
CA ASP B 215 5.71 52.17 -5.40
C ASP B 215 4.60 51.10 -5.21
N LYS B 216 4.61 50.37 -4.10
CA LYS B 216 3.73 49.24 -3.91
C LYS B 216 2.41 49.64 -3.31
N VAL B 217 1.34 49.03 -3.79
CA VAL B 217 -0.03 49.25 -3.28
C VAL B 217 -0.64 47.87 -3.01
N VAL B 218 -0.99 47.62 -1.76
CA VAL B 218 -1.62 46.33 -1.38
C VAL B 218 -2.86 46.11 -2.22
N GLY B 219 -2.93 44.94 -2.86
CA GLY B 219 -4.09 44.55 -3.63
C GLY B 219 -4.04 44.89 -5.11
N SER B 220 -3.06 45.68 -5.54
CA SER B 220 -3.05 46.18 -6.90
C SER B 220 -2.81 45.14 -7.95
N ASN B 221 -2.23 43.97 -7.64
CA ASN B 221 -2.09 42.96 -8.68
C ASN B 221 -3.17 41.88 -8.64
N LYS B 222 -4.09 41.98 -7.68
CA LYS B 222 -5.29 41.14 -7.59
C LYS B 222 -4.96 39.66 -7.28
N LYS B 223 -3.74 39.39 -6.82
CA LYS B 223 -3.34 38.00 -6.53
C LYS B 223 -3.23 37.74 -5.03
N ILE B 224 -3.15 36.45 -4.64
CA ILE B 224 -2.78 36.07 -3.28
C ILE B 224 -1.44 35.35 -3.31
N ASN B 225 -0.50 35.79 -2.49
CA ASN B 225 0.76 35.08 -2.39
C ASN B 225 0.55 33.84 -1.53
N ILE B 226 1.22 32.76 -1.91
CA ILE B 226 1.18 31.49 -1.14
C ILE B 226 2.62 31.13 -0.84
N VAL B 227 2.92 30.92 0.44
CA VAL B 227 4.26 30.50 0.89
C VAL B 227 4.12 29.08 1.49
N PRO B 228 4.72 28.08 0.81
CA PRO B 228 4.45 26.68 1.22
C PRO B 228 5.25 26.17 2.42
N GLY B 229 6.37 26.80 2.75
CA GLY B 229 7.34 26.24 3.66
C GLY B 229 8.00 24.98 3.14
N PHE B 230 8.71 24.32 4.04
CA PHE B 230 9.48 23.11 3.79
C PHE B 230 8.46 22.00 3.49
N GLU B 231 8.55 21.53 2.25
CA GLU B 231 7.54 20.63 1.69
C GLU B 231 8.20 19.66 0.77
N THR B 232 7.98 18.39 1.02
CA THR B 232 8.68 17.32 0.30
C THR B 232 7.74 16.34 -0.34
N TYR B 233 6.45 16.70 -0.47
CA TYR B 233 5.49 16.00 -1.33
C TYR B 233 5.16 16.85 -2.56
N LEU B 234 5.50 16.35 -3.74
CA LEU B 234 5.14 17.06 -4.96
C LEU B 234 3.65 17.30 -5.08
N GLY B 235 2.82 16.38 -4.60
CA GLY B 235 1.39 16.54 -4.70
C GLY B 235 0.86 17.72 -3.90
N ASN B 236 1.60 18.19 -2.91
CA ASN B 236 1.22 19.34 -2.11
C ASN B 236 1.38 20.66 -2.81
N PHE B 237 2.47 20.86 -3.53
CA PHE B 237 2.56 22.07 -4.37
C PHE B 237 1.45 22.03 -5.42
N ARG B 238 1.23 20.87 -5.99
CA ARG B 238 0.33 20.69 -7.10
C ARG B 238 -1.11 20.92 -6.68
N VAL B 239 -1.51 20.36 -5.54
CA VAL B 239 -2.92 20.48 -5.15
C VAL B 239 -3.31 21.92 -4.82
N ILE B 240 -2.40 22.69 -4.23
CA ILE B 240 -2.69 24.07 -3.88
C ILE B 240 -2.87 24.87 -5.18
N LYS B 241 -1.97 24.68 -6.13
CA LYS B 241 -2.10 25.36 -7.43
C LYS B 241 -3.37 24.93 -8.16
N ARG B 242 -3.71 23.65 -8.07
CA ARG B 242 -4.89 23.17 -8.73
C ARG B 242 -6.17 23.74 -8.12
N MET B 243 -6.23 23.80 -6.79
CA MET B 243 -7.42 24.35 -6.13
C MET B 243 -7.62 25.83 -6.43
N LEU B 244 -6.53 26.60 -6.39
CA LEU B 244 -6.64 28.02 -6.61
C LEU B 244 -7.04 28.25 -8.06
N SER B 245 -6.47 27.47 -8.97
CA SER B 245 -6.85 27.62 -10.38
C SER B 245 -8.32 27.31 -10.61
N GLU B 246 -8.84 26.26 -9.97
N GLU B 246 -8.84 26.25 -9.98
CA GLU B 246 -10.27 25.87 -10.09
CA GLU B 246 -10.26 25.88 -10.11
C GLU B 246 -11.21 26.94 -9.59
C GLU B 246 -11.19 26.98 -9.63
N MET B 247 -10.73 27.74 -8.66
CA MET B 247 -11.49 28.78 -8.04
C MET B 247 -11.37 30.08 -8.83
N GLY B 248 -10.53 30.12 -9.84
CA GLY B 248 -10.30 31.36 -10.57
C GLY B 248 -9.57 32.40 -9.75
N VAL B 249 -8.74 31.97 -8.81
CA VAL B 249 -8.03 32.90 -7.93
C VAL B 249 -6.66 33.15 -8.50
N GLY B 250 -6.31 34.41 -8.66
CA GLY B 250 -4.95 34.78 -9.05
C GLY B 250 -4.03 34.56 -7.84
N TYR B 251 -2.89 33.97 -8.13
CA TYR B 251 -1.96 33.65 -7.05
C TYR B 251 -0.55 33.61 -7.52
N SER B 252 0.36 33.64 -6.57
N SER B 252 0.37 33.68 -6.57
CA SER B 252 1.76 33.48 -6.84
CA SER B 252 1.78 33.40 -6.83
C SER B 252 2.32 32.53 -5.76
C SER B 252 2.31 32.50 -5.75
N LEU B 253 2.81 31.35 -6.18
CA LEU B 253 3.38 30.39 -5.25
C LEU B 253 4.83 30.75 -5.13
N LEU B 254 5.25 31.16 -3.92
CA LEU B 254 6.60 31.68 -3.69
C LEU B 254 7.47 30.61 -3.04
N SER B 255 8.41 30.11 -3.87
CA SER B 255 9.21 28.92 -3.69
C SER B 255 8.41 27.73 -4.17
N ASP B 256 8.71 27.29 -5.39
CA ASP B 256 7.92 26.25 -6.08
C ASP B 256 8.83 25.28 -6.82
N PRO B 257 9.35 24.26 -6.11
CA PRO B 257 10.34 23.35 -6.66
C PRO B 257 9.69 22.18 -7.43
N GLU B 258 8.38 22.21 -7.68
CA GLU B 258 7.80 20.96 -8.17
C GLU B 258 8.28 20.58 -9.54
N GLU B 259 8.65 21.55 -10.40
CA GLU B 259 9.22 21.16 -11.67
C GLU B 259 10.66 20.61 -11.56
N VAL B 260 11.50 21.28 -10.79
CA VAL B 260 12.90 20.86 -10.71
C VAL B 260 13.11 19.56 -9.96
N LEU B 261 12.11 19.17 -9.19
CA LEU B 261 12.15 17.88 -8.47
C LEU B 261 11.36 16.80 -9.20
N ASP B 262 11.03 17.02 -10.47
CA ASP B 262 10.28 15.99 -11.25
C ASP B 262 10.46 16.20 -12.77
N THR B 263 11.72 16.35 -13.20
CA THR B 263 11.99 16.46 -14.62
C THR B 263 11.82 15.12 -15.32
N PRO B 264 11.37 15.16 -16.58
CA PRO B 264 11.22 13.91 -17.33
C PRO B 264 12.57 13.29 -17.70
N ALA B 265 12.58 11.97 -17.85
CA ALA B 265 13.78 11.25 -18.36
C ALA B 265 13.59 11.13 -19.87
N ASP B 266 14.05 12.12 -20.59
CA ASP B 266 13.84 12.19 -22.04
C ASP B 266 15.15 12.37 -22.81
N GLY B 267 16.28 12.09 -22.16
CA GLY B 267 17.57 12.13 -22.83
C GLY B 267 18.37 13.35 -22.52
N GLN B 268 17.81 14.29 -21.76
CA GLN B 268 18.65 15.39 -21.26
C GLN B 268 18.48 15.64 -19.79
N PHE B 269 19.56 16.14 -19.18
CA PHE B 269 19.55 16.60 -17.82
C PHE B 269 19.26 18.07 -17.82
N ARG B 270 18.29 18.46 -17.01
CA ARG B 270 17.90 19.86 -16.84
C ARG B 270 18.26 20.27 -15.42
N MET B 271 19.33 21.03 -15.29
CA MET B 271 19.73 21.49 -13.96
C MET B 271 18.67 22.33 -13.26
N TYR B 272 17.96 23.14 -14.05
CA TYR B 272 16.91 24.03 -13.51
C TYR B 272 15.62 23.73 -14.28
N ALA B 273 14.49 23.86 -13.61
CA ALA B 273 13.18 23.83 -14.27
C ALA B 273 12.17 24.56 -13.44
N GLY B 274 11.30 25.32 -14.09
CA GLY B 274 10.23 25.98 -13.39
C GLY B 274 10.67 26.96 -12.30
N GLY B 275 9.91 27.03 -11.23
CA GLY B 275 10.22 27.88 -10.11
C GLY B 275 9.60 29.27 -10.16
N THR B 276 9.51 29.87 -8.98
CA THR B 276 9.06 31.19 -8.79
C THR B 276 9.99 32.15 -9.51
N THR B 277 9.43 33.09 -10.28
CA THR B 277 10.26 34.03 -11.04
C THR B 277 10.69 35.22 -10.18
N GLN B 278 11.79 35.85 -10.55
CA GLN B 278 12.17 37.08 -9.88
C GLN B 278 11.06 38.16 -10.01
N GLU B 279 10.37 38.17 -11.13
CA GLU B 279 9.29 39.12 -11.35
C GLU B 279 8.19 38.89 -10.33
N GLU B 280 7.89 37.63 -10.04
CA GLU B 280 6.88 37.32 -9.01
C GLU B 280 7.30 37.81 -7.64
N MET B 281 8.59 37.62 -7.27
CA MET B 281 9.02 38.08 -5.96
C MET B 281 9.02 39.61 -5.89
N LYS B 282 9.42 40.28 -6.97
CA LYS B 282 9.43 41.74 -6.97
C LYS B 282 8.02 42.35 -6.86
N ASP B 283 7.02 41.69 -7.44
CA ASP B 283 5.63 42.16 -7.49
C ASP B 283 4.82 41.73 -6.27
N ALA B 284 5.40 40.82 -5.47
CA ALA B 284 4.64 40.22 -4.36
C ALA B 284 4.01 41.19 -3.39
N PRO B 285 4.64 42.35 -3.07
CA PRO B 285 3.98 43.26 -2.14
C PRO B 285 2.69 43.84 -2.70
N ASN B 286 2.50 43.78 -4.01
CA ASN B 286 1.23 44.20 -4.64
C ASN B 286 0.06 43.24 -4.53
N ALA B 287 0.28 42.07 -3.92
CA ALA B 287 -0.83 41.15 -3.73
C ALA B 287 -1.85 41.65 -2.73
N LEU B 288 -3.05 41.06 -2.78
CA LEU B 288 -4.09 41.32 -1.79
C LEU B 288 -3.66 40.96 -0.39
N ASN B 289 -2.90 39.87 -0.29
CA ASN B 289 -2.51 39.30 0.96
C ASN B 289 -1.52 38.14 0.70
N THR B 290 -0.99 37.60 1.78
CA THR B 290 -0.06 36.48 1.77
C THR B 290 -0.59 35.43 2.74
N VAL B 291 -0.75 34.20 2.25
CA VAL B 291 -1.15 33.03 3.05
C VAL B 291 0.05 32.11 3.28
N LEU B 292 0.29 31.77 4.54
CA LEU B 292 1.37 30.87 4.95
C LEU B 292 0.77 29.50 5.13
N LEU B 293 1.21 28.53 4.34
CA LEU B 293 0.68 27.16 4.47
C LEU B 293 1.12 26.44 5.72
N GLN B 294 2.31 26.77 6.23
CA GLN B 294 2.92 26.08 7.38
C GLN B 294 3.41 27.15 8.34
N PRO B 295 2.44 27.79 9.03
CA PRO B 295 2.80 29.00 9.83
C PRO B 295 3.74 28.75 10.99
N TRP B 296 3.72 27.56 11.55
CA TRP B 296 4.57 27.25 12.69
C TRP B 296 6.06 27.20 12.38
N HIS B 297 6.49 27.17 11.11
CA HIS B 297 7.90 27.44 10.80
C HIS B 297 8.09 28.59 9.85
N LEU B 298 7.13 29.52 9.80
CA LEU B 298 7.24 30.73 8.96
C LEU B 298 7.09 32.04 9.76
N GLU B 299 7.50 32.03 11.03
N GLU B 299 7.50 32.04 11.03
CA GLU B 299 7.32 33.18 11.92
CA GLU B 299 7.33 33.20 11.89
C GLU B 299 8.17 34.37 11.50
C GLU B 299 8.17 34.38 11.47
N LYS B 300 9.39 34.15 11.02
CA LYS B 300 10.21 35.29 10.57
C LYS B 300 9.68 35.88 9.27
N THR B 301 9.30 35.02 8.34
CA THR B 301 8.64 35.43 7.12
C THR B 301 7.38 36.25 7.43
N LYS B 302 6.57 35.75 8.35
CA LYS B 302 5.33 36.44 8.69
C LYS B 302 5.61 37.85 9.20
N LYS B 303 6.59 37.99 10.08
CA LYS B 303 6.95 39.35 10.57
C LYS B 303 7.35 40.27 9.43
N PHE B 304 8.11 39.74 8.47
CA PHE B 304 8.51 40.58 7.34
C PHE B 304 7.33 40.96 6.44
N VAL B 305 6.51 39.97 6.12
CA VAL B 305 5.36 40.21 5.28
C VAL B 305 4.41 41.20 5.93
N GLU B 306 4.18 41.07 7.23
CA GLU B 306 3.25 41.99 7.94
C GLU B 306 3.88 43.36 8.14
N GLY B 307 5.14 43.41 8.55
CA GLY B 307 5.82 44.67 8.90
C GLY B 307 6.25 45.48 7.71
N THR B 308 6.63 44.82 6.61
CA THR B 308 7.13 45.51 5.44
C THR B 308 6.16 45.51 4.29
N TRP B 309 5.54 44.40 3.96
CA TRP B 309 4.56 44.41 2.87
C TRP B 309 3.20 44.92 3.32
N LYS B 310 2.97 44.97 4.63
CA LYS B 310 1.72 45.44 5.22
C LYS B 310 0.57 44.53 4.88
N HIS B 311 0.84 43.22 4.66
CA HIS B 311 -0.26 42.28 4.40
C HIS B 311 -0.82 41.77 5.70
N GLU B 312 -2.13 41.61 5.77
CA GLU B 312 -2.79 41.19 7.00
C GLU B 312 -2.91 39.66 6.98
N VAL B 313 -1.79 38.99 7.26
CA VAL B 313 -1.66 37.55 7.03
C VAL B 313 -2.73 36.86 7.84
N PRO B 314 -3.59 36.04 7.19
CA PRO B 314 -4.65 35.40 7.98
C PRO B 314 -4.15 34.28 8.93
N LYS B 315 -4.87 34.12 10.03
CA LYS B 315 -4.57 33.07 11.02
C LYS B 315 -5.26 31.83 10.52
N LEU B 316 -4.51 31.06 9.76
CA LEU B 316 -4.97 29.82 9.17
C LEU B 316 -4.03 28.70 9.57
N ASN B 317 -4.61 27.56 9.90
CA ASN B 317 -3.81 26.35 10.05
C ASN B 317 -3.44 25.81 8.69
N ILE B 318 -2.46 24.91 8.70
CA ILE B 318 -2.09 24.14 7.51
C ILE B 318 -3.40 23.56 6.91
N PRO B 319 -3.57 23.55 5.57
CA PRO B 319 -4.86 23.01 5.04
C PRO B 319 -4.80 21.52 4.92
N MET B 320 -4.96 20.85 6.06
CA MET B 320 -4.95 19.38 6.16
C MET B 320 -6.22 18.97 6.82
N GLY B 321 -6.82 17.91 6.30
CA GLY B 321 -8.08 17.44 6.81
C GLY B 321 -9.26 18.24 6.30
N LEU B 322 -10.43 17.95 6.86
CA LEU B 322 -11.68 18.50 6.34
C LEU B 322 -11.85 19.93 6.82
N ASP B 323 -11.86 20.16 8.12
CA ASP B 323 -12.15 21.53 8.67
C ASP B 323 -11.15 22.57 8.18
N TRP B 324 -9.87 22.23 8.20
CA TRP B 324 -8.84 23.19 7.85
C TRP B 324 -8.71 23.45 6.37
N THR B 325 -9.15 22.49 5.55
CA THR B 325 -9.23 22.74 4.11
C THR B 325 -10.43 23.65 3.86
N ASP B 326 -11.55 23.37 4.53
CA ASP B 326 -12.73 24.27 4.44
C ASP B 326 -12.32 25.70 4.79
N GLU B 327 -11.61 25.85 5.91
CA GLU B 327 -11.24 27.18 6.40
C GLU B 327 -10.34 27.90 5.41
N PHE B 328 -9.36 27.21 4.87
CA PHE B 328 -8.49 27.75 3.88
C PHE B 328 -9.26 28.23 2.66
N LEU B 329 -10.17 27.42 2.14
CA LEU B 329 -10.93 27.82 0.97
C LEU B 329 -11.86 28.99 1.27
N MET B 330 -12.46 29.02 2.44
CA MET B 330 -13.36 30.14 2.80
C MET B 330 -12.57 31.44 2.93
N LYS B 331 -11.36 31.37 3.47
CA LYS B 331 -10.54 32.58 3.59
C LYS B 331 -10.03 33.07 2.25
N VAL B 332 -9.62 32.15 1.41
CA VAL B 332 -9.20 32.50 0.08
C VAL B 332 -10.37 33.13 -0.69
N SER B 333 -11.56 32.56 -0.50
CA SER B 333 -12.77 33.15 -1.12
C SER B 333 -13.00 34.58 -0.65
N GLU B 334 -12.87 34.82 0.66
CA GLU B 334 -13.06 36.15 1.24
C GLU B 334 -12.08 37.15 0.68
N ILE B 335 -10.79 36.77 0.64
CA ILE B 335 -9.76 37.69 0.17
C ILE B 335 -9.91 38.01 -1.32
N SER B 336 -10.13 36.99 -2.13
CA SER B 336 -10.11 37.12 -3.58
C SER B 336 -11.43 37.57 -4.16
N GLY B 337 -12.52 37.39 -3.41
CA GLY B 337 -13.86 37.66 -3.96
C GLY B 337 -14.43 36.57 -4.86
N GLN B 338 -13.73 35.43 -4.94
CA GLN B 338 -14.12 34.33 -5.83
C GLN B 338 -14.92 33.33 -4.99
N PRO B 339 -16.08 32.87 -5.50
CA PRO B 339 -16.77 31.85 -4.73
C PRO B 339 -16.05 30.50 -4.83
N ILE B 340 -16.33 29.65 -3.85
CA ILE B 340 -15.90 28.26 -3.91
C ILE B 340 -16.73 27.58 -5.00
N PRO B 341 -16.08 27.00 -6.03
CA PRO B 341 -16.83 26.46 -7.14
C PRO B 341 -17.40 25.08 -6.89
N ALA B 342 -18.34 24.72 -7.74
CA ALA B 342 -19.00 23.40 -7.72
C ALA B 342 -18.03 22.22 -7.65
N SER B 343 -16.93 22.30 -8.39
CA SER B 343 -15.96 21.20 -8.44
C SER B 343 -15.38 20.94 -7.04
N LEU B 344 -15.03 21.98 -6.29
CA LEU B 344 -14.44 21.78 -4.97
C LEU B 344 -15.49 21.33 -3.94
N THR B 345 -16.70 21.86 -4.05
CA THR B 345 -17.77 21.41 -3.17
C THR B 345 -18.04 19.91 -3.36
N LYS B 346 -18.02 19.46 -4.61
CA LYS B 346 -18.25 18.02 -4.85
C LYS B 346 -17.06 17.18 -4.33
N GLU B 347 -15.84 17.66 -4.57
CA GLU B 347 -14.66 16.96 -4.05
C GLU B 347 -14.71 16.83 -2.55
N ARG B 348 -15.11 17.89 -1.86
CA ARG B 348 -15.28 17.82 -0.42
C ARG B 348 -16.27 16.70 -0.01
N GLY B 349 -17.39 16.67 -0.70
CA GLY B 349 -18.46 15.69 -0.46
C GLY B 349 -18.05 14.27 -0.77
N ARG B 350 -17.13 14.12 -1.74
CA ARG B 350 -16.53 12.81 -1.99
C ARG B 350 -15.61 12.36 -0.85
N LEU B 351 -14.85 13.27 -0.27
CA LEU B 351 -14.07 12.95 0.95
C LEU B 351 -15.02 12.55 2.08
N VAL B 352 -16.11 13.28 2.26
CA VAL B 352 -17.00 12.97 3.35
C VAL B 352 -17.63 11.60 3.10
N ASP B 353 -17.96 11.31 1.83
CA ASP B 353 -18.45 9.98 1.51
C ASP B 353 -17.46 8.87 1.92
N MET B 354 -16.20 9.09 1.57
CA MET B 354 -15.17 8.13 1.98
C MET B 354 -15.09 7.95 3.47
N MET B 355 -15.20 9.05 4.22
CA MET B 355 -15.20 8.99 5.69
C MET B 355 -16.39 8.15 6.17
N THR B 356 -17.56 8.34 5.61
CA THR B 356 -18.71 7.57 6.03
C THR B 356 -18.52 6.07 5.69
N ASP B 357 -17.90 5.80 4.55
CA ASP B 357 -17.70 4.42 4.13
C ASP B 357 -16.69 3.65 4.98
N SER B 358 -15.68 4.38 5.49
CA SER B 358 -14.54 3.77 6.16
C SER B 358 -14.52 3.96 7.67
N HIS B 359 -15.52 4.63 8.25
CA HIS B 359 -15.47 5.01 9.65
C HIS B 359 -15.42 3.84 10.59
N THR B 360 -16.01 2.69 10.22
CA THR B 360 -16.09 1.61 11.18
C THR B 360 -14.75 0.98 11.43
N TRP B 361 -13.86 0.97 10.43
CA TRP B 361 -12.56 0.36 10.64
C TRP B 361 -11.54 1.35 11.29
N LEU B 362 -11.80 2.63 11.09
CA LEU B 362 -10.92 3.67 11.65
C LEU B 362 -11.23 3.94 13.09
N HIS B 363 -12.48 3.73 13.49
CA HIS B 363 -12.92 4.16 14.81
C HIS B 363 -12.08 3.60 15.96
N GLY B 364 -11.57 4.51 16.79
CA GLY B 364 -10.82 4.08 17.95
C GLY B 364 -9.42 3.60 17.71
N LYS B 365 -8.96 3.63 16.47
CA LYS B 365 -7.61 3.16 16.20
C LYS B 365 -6.59 4.15 16.77
N ARG B 366 -5.55 3.60 17.38
CA ARG B 366 -4.54 4.34 18.14
C ARG B 366 -3.25 4.48 17.36
N PHE B 367 -2.72 5.70 17.28
CA PHE B 367 -1.53 5.99 16.49
C PHE B 367 -0.46 6.71 17.29
N ALA B 368 0.78 6.35 17.02
CA ALA B 368 1.94 7.17 17.39
C ALA B 368 2.37 7.86 16.10
N LEU B 369 2.86 9.08 16.16
CA LEU B 369 3.19 9.81 14.96
C LEU B 369 4.22 10.88 15.27
N TRP B 370 4.94 11.30 14.24
CA TRP B 370 5.98 12.33 14.35
C TRP B 370 6.19 13.06 13.05
N GLY B 371 6.96 14.14 13.10
CA GLY B 371 7.20 14.96 11.91
C GLY B 371 7.41 16.39 12.30
N ASP B 372 7.33 17.28 11.34
CA ASP B 372 7.50 18.71 11.59
C ASP B 372 6.18 19.26 12.16
N PRO B 373 6.21 20.43 12.81
CA PRO B 373 5.08 20.86 13.61
C PRO B 373 3.77 21.04 12.85
N ASP B 374 3.80 21.69 11.71
CA ASP B 374 2.55 21.90 10.99
C ASP B 374 1.99 20.59 10.45
N PHE B 375 2.85 19.75 9.86
CA PHE B 375 2.43 18.41 9.39
C PHE B 375 1.80 17.60 10.51
N VAL B 376 2.47 17.58 11.65
CA VAL B 376 1.99 16.80 12.80
C VAL B 376 0.63 17.31 13.29
N MET B 377 0.44 18.63 13.37
CA MET B 377 -0.80 19.11 13.92
C MET B 377 -1.95 18.85 12.94
N GLY B 378 -1.67 18.90 11.65
CA GLY B 378 -2.68 18.63 10.63
C GLY B 378 -3.05 17.16 10.61
N LEU B 379 -2.06 16.31 10.80
CA LEU B 379 -2.33 14.88 10.92
C LEU B 379 -3.15 14.54 12.18
N VAL B 380 -2.83 15.20 13.29
CA VAL B 380 -3.62 15.04 14.52
C VAL B 380 -5.05 15.46 14.29
N LYS B 381 -5.25 16.63 13.68
CA LYS B 381 -6.62 17.12 13.43
C LYS B 381 -7.41 16.17 12.56
N PHE B 382 -6.82 15.70 11.46
CA PHE B 382 -7.53 14.79 10.59
C PHE B 382 -7.80 13.46 11.28
N LEU B 383 -6.86 12.94 12.07
CA LEU B 383 -7.14 11.71 12.82
C LEU B 383 -8.33 11.90 13.74
N LEU B 384 -8.42 13.04 14.44
CA LEU B 384 -9.61 13.26 15.27
C LEU B 384 -10.90 13.30 14.45
N GLU B 385 -10.84 13.92 13.29
CA GLU B 385 -11.98 13.94 12.34
C GLU B 385 -12.42 12.56 11.89
N LEU B 386 -11.48 11.62 11.82
CA LEU B 386 -11.75 10.22 11.46
C LEU B 386 -12.22 9.37 12.63
N GLY B 387 -12.31 9.92 13.83
CA GLY B 387 -12.59 9.13 15.02
C GLY B 387 -11.47 8.23 15.50
N CYS B 388 -10.23 8.59 15.15
CA CYS B 388 -9.05 7.90 15.61
C CYS B 388 -8.45 8.60 16.81
N GLU B 389 -7.62 7.89 17.58
CA GLU B 389 -6.94 8.44 18.77
C GLU B 389 -5.43 8.62 18.55
N PRO B 390 -4.98 9.84 18.42
CA PRO B 390 -3.56 10.10 18.23
C PRO B 390 -2.76 10.13 19.55
N VAL B 391 -2.48 8.97 20.11
CA VAL B 391 -2.07 8.88 21.49
C VAL B 391 -0.64 9.35 21.80
N HIS B 392 0.32 9.06 20.95
CA HIS B 392 1.70 9.58 21.06
C HIS B 392 2.02 10.53 19.88
N ILE B 393 2.13 11.81 20.20
CA ILE B 393 2.34 12.87 19.24
C ILE B 393 3.72 13.42 19.50
N LEU B 394 4.65 13.18 18.61
CA LEU B 394 6.06 13.56 18.84
C LEU B 394 6.50 14.57 17.84
N CYS B 395 6.99 15.72 18.28
CA CYS B 395 7.62 16.69 17.40
C CYS B 395 8.94 17.15 17.98
N HIS B 396 10.03 16.57 17.49
CA HIS B 396 11.34 16.80 18.06
C HIS B 396 11.67 18.31 18.01
N ASN B 397 11.31 18.95 16.89
CA ASN B 397 11.61 20.37 16.66
C ASN B 397 10.42 21.26 16.99
N GLY B 398 9.54 20.81 17.85
CA GLY B 398 8.37 21.60 18.24
C GLY B 398 8.71 22.55 19.36
N ASN B 399 7.83 23.49 19.63
CA ASN B 399 8.07 24.44 20.75
C ASN B 399 6.88 24.48 21.67
N LYS B 400 7.05 25.19 22.79
CA LYS B 400 5.99 25.27 23.81
C LYS B 400 4.67 25.86 23.36
N ARG B 401 4.74 26.91 22.56
CA ARG B 401 3.52 27.56 22.07
C ARG B 401 2.79 26.59 21.13
N TRP B 402 3.56 25.90 20.29
CA TRP B 402 2.96 24.91 19.39
C TRP B 402 2.26 23.82 20.19
N LYS B 403 2.95 23.34 21.20
CA LYS B 403 2.40 22.26 22.04
C LYS B 403 1.07 22.67 22.71
N LYS B 404 1.02 23.91 23.21
CA LYS B 404 -0.25 24.45 23.74
C LYS B 404 -1.36 24.47 22.69
N ALA B 405 -1.03 24.81 21.45
CA ALA B 405 -2.01 24.82 20.35
C ALA B 405 -2.52 23.40 20.08
N VAL B 406 -1.60 22.46 20.06
CA VAL B 406 -2.02 21.07 19.81
C VAL B 406 -2.83 20.51 20.97
N ASP B 407 -2.42 20.78 22.20
CA ASP B 407 -3.22 20.40 23.40
C ASP B 407 -4.63 20.97 23.33
N ALA B 408 -4.78 22.18 22.81
CA ALA B 408 -6.14 22.74 22.63
C ALA B 408 -7.00 22.05 21.54
N ILE B 409 -6.35 21.61 20.49
CA ILE B 409 -7.01 20.81 19.48
C ILE B 409 -7.47 19.48 20.09
N LEU B 410 -6.63 18.88 20.93
CA LEU B 410 -6.96 17.61 21.52
C LEU B 410 -8.19 17.79 22.44
N ALA B 411 -8.19 18.89 23.21
CA ALA B 411 -9.33 19.21 24.12
C ALA B 411 -10.64 19.46 23.40
N ALA B 412 -10.62 19.84 22.13
CA ALA B 412 -11.86 20.06 21.39
C ALA B 412 -12.54 18.76 20.95
N SER B 413 -11.93 17.58 21.21
CA SER B 413 -12.45 16.30 20.81
C SER B 413 -12.35 15.21 21.86
N PRO B 414 -13.42 14.41 22.03
CA PRO B 414 -13.30 13.20 22.85
C PRO B 414 -12.27 12.24 22.41
N TYR B 415 -11.88 12.30 21.13
CA TYR B 415 -10.86 11.38 20.63
C TYR B 415 -9.45 11.83 21.00
N GLY B 416 -9.33 13.00 21.62
CA GLY B 416 -8.04 13.48 22.16
C GLY B 416 -7.68 13.06 23.60
N LYS B 417 -8.56 12.33 24.28
CA LYS B 417 -8.50 12.16 25.72
C LYS B 417 -7.29 11.34 26.20
N ASN B 418 -6.76 10.43 25.37
CA ASN B 418 -5.64 9.56 25.75
C ASN B 418 -4.34 9.96 25.06
N ALA B 419 -4.30 11.20 24.55
CA ALA B 419 -3.16 11.69 23.77
C ALA B 419 -2.24 12.59 24.57
N THR B 420 -0.94 12.48 24.31
CA THR B 420 0.08 13.38 24.86
C THR B 420 0.96 13.87 23.74
N VAL B 421 1.28 15.16 23.81
CA VAL B 421 2.20 15.81 22.89
C VAL B 421 3.57 15.93 23.54
N TYR B 422 4.61 15.57 22.78
CA TYR B 422 5.99 15.56 23.24
C TYR B 422 6.82 16.48 22.33
N ILE B 423 7.57 17.38 22.93
CA ILE B 423 8.50 18.24 22.19
C ILE B 423 9.92 18.02 22.71
N GLY B 424 10.89 18.13 21.80
CA GLY B 424 12.29 17.93 22.21
C GLY B 424 12.69 16.46 22.45
N LYS B 425 11.79 15.53 22.19
CA LYS B 425 12.00 14.13 22.34
C LYS B 425 12.27 13.50 20.95
N ASP B 426 13.02 12.40 20.94
CA ASP B 426 13.49 11.76 19.72
C ASP B 426 12.85 10.37 19.55
N LEU B 427 13.29 9.66 18.50
CA LEU B 427 12.70 8.36 18.17
C LEU B 427 13.13 7.26 19.14
N TRP B 428 14.18 7.46 19.94
CA TRP B 428 14.46 6.52 20.99
C TRP B 428 13.47 6.71 22.17
N HIS B 429 13.04 7.95 22.45
CA HIS B 429 11.91 8.18 23.34
C HIS B 429 10.63 7.54 22.80
N LEU B 430 10.34 7.77 21.52
N LEU B 430 10.34 7.75 21.52
CA LEU B 430 9.12 7.25 20.91
CA LEU B 430 9.12 7.25 20.94
C LEU B 430 9.09 5.71 20.99
C LEU B 430 9.11 5.71 20.99
N ARG B 431 10.24 5.10 20.74
CA ARG B 431 10.38 3.65 20.91
C ARG B 431 9.87 3.15 22.28
N SER B 432 10.23 3.85 23.36
CA SER B 432 9.73 3.45 24.68
C SER B 432 8.22 3.52 24.76
N LEU B 433 7.67 4.64 24.28
CA LEU B 433 6.22 4.84 24.33
C LEU B 433 5.43 3.76 23.59
N VAL B 434 5.95 3.27 22.46
CA VAL B 434 5.19 2.28 21.72
C VAL B 434 5.30 0.90 22.32
N PHE B 435 6.26 0.70 23.23
CA PHE B 435 6.33 -0.53 24.07
C PHE B 435 5.44 -0.41 25.30
N THR B 436 5.52 0.71 26.00
CA THR B 436 4.80 0.83 27.29
C THR B 436 3.33 1.14 27.16
N ASP B 437 2.94 1.80 26.08
CA ASP B 437 1.55 2.20 25.81
C ASP B 437 1.32 1.97 24.31
N LYS B 438 1.23 0.69 23.98
CA LYS B 438 1.27 0.24 22.61
C LYS B 438 0.09 0.78 21.78
N PRO B 439 0.38 1.46 20.69
CA PRO B 439 -0.67 1.85 19.77
C PRO B 439 -0.89 0.77 18.71
N ASP B 440 -1.83 1.00 17.81
CA ASP B 440 -2.05 0.07 16.68
C ASP B 440 -1.06 0.26 15.58
N PHE B 441 -0.69 1.52 15.28
CA PHE B 441 0.20 1.84 14.16
C PHE B 441 1.06 3.05 14.54
N MET B 442 2.16 3.23 13.82
CA MET B 442 2.95 4.46 13.78
C MET B 442 2.72 5.09 12.44
N ILE B 443 2.61 6.42 12.42
CA ILE B 443 2.65 7.17 11.17
C ILE B 443 3.91 7.99 11.22
N GLY B 444 4.87 7.71 10.33
CA GLY B 444 6.16 8.40 10.41
C GLY B 444 7.02 8.17 9.20
N ASN B 445 8.26 8.62 9.28
CA ASN B 445 9.20 8.51 8.19
C ASN B 445 9.98 7.20 8.25
N SER B 446 10.92 6.98 7.32
CA SER B 446 11.56 5.69 7.23
C SER B 446 12.36 5.29 8.46
N TYR B 447 12.74 6.24 9.33
CA TYR B 447 13.48 5.88 10.53
C TYR B 447 12.58 5.07 11.48
N GLY B 448 11.26 5.17 11.30
CA GLY B 448 10.35 4.33 12.02
C GLY B 448 10.49 2.86 11.79
N LYS B 449 11.11 2.46 10.70
CA LYS B 449 11.19 1.00 10.42
C LYS B 449 11.96 0.28 11.51
N PHE B 450 12.89 1.00 12.13
CA PHE B 450 13.70 0.35 13.14
C PHE B 450 12.92 0.15 14.45
N ILE B 451 11.97 1.02 14.71
CA ILE B 451 11.05 0.84 15.84
C ILE B 451 10.16 -0.37 15.56
N GLN B 452 9.60 -0.48 14.36
CA GLN B 452 8.79 -1.65 14.04
C GLN B 452 9.60 -2.95 14.25
N ARG B 453 10.84 -2.97 13.75
N ARG B 453 10.84 -2.98 13.73
CA ARG B 453 11.75 -4.07 13.95
CA ARG B 453 11.75 -4.08 13.95
C ARG B 453 11.90 -4.42 15.42
C ARG B 453 11.89 -4.41 15.43
N ASP B 454 12.12 -3.41 16.27
CA ASP B 454 12.29 -3.64 17.69
C ASP B 454 11.03 -4.24 18.32
N THR B 455 9.87 -3.71 17.95
CA THR B 455 8.63 -4.20 18.53
C THR B 455 8.36 -5.64 18.15
N LEU B 456 8.58 -6.03 16.89
CA LEU B 456 8.38 -7.41 16.44
C LEU B 456 9.28 -8.38 17.23
N HIS B 457 10.52 -7.93 17.54
CA HIS B 457 11.45 -8.76 18.30
C HIS B 457 10.88 -9.17 19.67
N LYS B 458 10.11 -8.27 20.29
CA LYS B 458 9.46 -8.62 21.55
C LYS B 458 8.41 -9.72 21.31
N GLY B 459 7.69 -9.60 20.21
CA GLY B 459 6.75 -10.63 19.75
C GLY B 459 5.83 -10.10 18.70
N LYS B 460 5.26 -10.99 17.90
CA LYS B 460 4.32 -10.57 16.88
C LYS B 460 3.15 -9.77 17.47
N GLU B 461 2.65 -10.17 18.63
CA GLU B 461 1.55 -9.45 19.27
C GLU B 461 1.90 -8.01 19.73
N PHE B 462 3.18 -7.69 19.80
CA PHE B 462 3.66 -6.39 20.23
C PHE B 462 4.10 -5.52 19.05
N GLU B 463 4.09 -6.09 17.84
CA GLU B 463 4.60 -5.34 16.67
C GLU B 463 3.66 -4.19 16.36
N VAL B 464 4.28 -3.03 16.09
CA VAL B 464 3.57 -1.82 15.71
C VAL B 464 3.97 -1.47 14.27
N PRO B 465 3.07 -1.70 13.30
CA PRO B 465 3.50 -1.49 11.91
C PRO B 465 3.62 -0.01 11.60
N LEU B 466 4.61 0.32 10.78
CA LEU B 466 4.83 1.69 10.32
C LEU B 466 4.02 1.96 9.04
N ILE B 467 3.38 3.11 9.05
CA ILE B 467 2.70 3.71 7.87
C ILE B 467 3.55 4.93 7.46
N ARG B 468 4.17 4.89 6.29
CA ARG B 468 5.14 5.91 5.89
C ARG B 468 4.49 7.17 5.34
N ILE B 469 4.43 8.22 6.18
CA ILE B 469 3.98 9.55 5.76
C ILE B 469 4.92 10.55 6.46
N GLY B 470 5.58 11.41 5.69
CA GLY B 470 6.54 12.37 6.22
C GLY B 470 7.82 12.43 5.41
N PHE B 471 8.89 12.81 6.07
CA PHE B 471 10.16 13.04 5.41
C PHE B 471 11.28 12.66 6.37
N PRO B 472 12.32 11.95 5.93
CA PRO B 472 12.46 11.33 4.65
C PRO B 472 11.86 9.94 4.52
N ILE B 473 11.44 9.60 3.30
CA ILE B 473 11.01 8.24 3.00
C ILE B 473 12.03 7.72 1.97
N PHE B 474 12.89 6.79 2.42
CA PHE B 474 13.98 6.29 1.59
C PHE B 474 13.83 4.85 1.15
N ASP B 475 12.92 4.09 1.77
CA ASP B 475 12.83 2.64 1.58
C ASP B 475 11.59 2.18 0.83
N ARG B 476 10.90 3.15 0.25
CA ARG B 476 9.85 2.94 -0.71
C ARG B 476 10.08 3.89 -1.85
N HIS B 477 9.51 3.60 -3.00
CA HIS B 477 9.73 4.37 -4.20
C HIS B 477 8.53 5.22 -4.54
N HIS B 478 8.80 6.48 -4.83
CA HIS B 478 7.81 7.40 -5.43
C HIS B 478 6.70 7.86 -4.50
N LEU B 479 6.87 7.66 -3.22
CA LEU B 479 5.88 8.21 -2.29
C LEU B 479 5.97 9.74 -2.20
N HIS B 480 7.09 10.32 -2.64
CA HIS B 480 7.18 11.77 -2.69
C HIS B 480 6.20 12.40 -3.70
N ARG B 481 5.58 11.59 -4.58
CA ARG B 481 4.58 12.07 -5.49
C ARG B 481 3.21 12.32 -4.85
N SER B 482 3.05 11.82 -3.64
CA SER B 482 1.77 11.80 -2.96
C SER B 482 1.34 13.20 -2.55
N THR B 483 0.16 13.24 -1.97
CA THR B 483 -0.43 14.49 -1.46
C THR B 483 -0.93 14.31 -0.04
N THR B 484 -0.69 15.30 0.82
CA THR B 484 -1.28 15.32 2.16
C THR B 484 -2.20 16.50 2.43
N LEU B 485 -2.16 17.53 1.59
CA LEU B 485 -2.95 18.73 1.77
C LEU B 485 -4.26 18.65 1.05
N GLY B 486 -5.20 19.44 1.51
CA GLY B 486 -6.48 19.58 0.82
C GLY B 486 -7.38 18.36 0.92
N TYR B 487 -8.50 18.38 0.20
CA TYR B 487 -9.39 17.22 0.21
C TYR B 487 -8.68 16.03 -0.46
N GLU B 488 -7.93 16.29 -1.52
CA GLU B 488 -7.15 15.22 -2.18
C GLU B 488 -6.19 14.52 -1.24
N GLY B 489 -5.47 15.29 -0.45
CA GLY B 489 -4.54 14.75 0.55
C GLY B 489 -5.24 13.94 1.62
N ALA B 490 -6.39 14.46 2.08
CA ALA B 490 -7.16 13.80 3.08
C ALA B 490 -7.67 12.46 2.52
N MET B 491 -8.11 12.47 1.28
N MET B 491 -8.07 12.45 1.26
CA MET B 491 -8.58 11.22 0.67
CA MET B 491 -8.56 11.20 0.67
C MET B 491 -7.43 10.20 0.61
C MET B 491 -7.42 10.19 0.61
N GLN B 492 -6.24 10.68 0.24
CA GLN B 492 -5.07 9.81 0.17
C GLN B 492 -4.70 9.27 1.54
N ILE B 493 -4.69 10.12 2.57
CA ILE B 493 -4.31 9.68 3.91
C ILE B 493 -5.35 8.67 4.42
N LEU B 494 -6.63 8.98 4.25
CA LEU B 494 -7.70 8.09 4.70
C LEU B 494 -7.53 6.69 4.09
N THR B 495 -7.31 6.67 2.78
CA THR B 495 -7.20 5.42 2.03
C THR B 495 -5.98 4.66 2.56
N THR B 496 -4.86 5.34 2.72
CA THR B 496 -3.68 4.68 3.28
C THR B 496 -3.94 4.11 4.66
N LEU B 497 -4.56 4.87 5.54
CA LEU B 497 -4.80 4.39 6.90
C LEU B 497 -5.72 3.20 6.91
N VAL B 498 -6.89 3.32 6.30
CA VAL B 498 -7.83 2.24 6.35
C VAL B 498 -7.31 0.94 5.74
N ASN B 499 -6.56 1.04 4.65
CA ASN B 499 -6.03 -0.13 4.04
C ASN B 499 -4.85 -0.70 4.79
N SER B 500 -4.15 0.15 5.57
CA SER B 500 -3.12 -0.38 6.49
C SER B 500 -3.74 -1.21 7.57
N ILE B 501 -4.87 -0.74 8.09
CA ILE B 501 -5.63 -1.47 9.08
C ILE B 501 -6.10 -2.83 8.51
N LEU B 502 -6.68 -2.81 7.34
CA LEU B 502 -7.21 -4.00 6.74
C LEU B 502 -6.11 -4.97 6.32
N GLU B 503 -4.98 -4.44 5.87
CA GLU B 503 -3.83 -5.34 5.58
C GLU B 503 -3.37 -6.09 6.85
N ARG B 504 -3.28 -5.38 7.96
CA ARG B 504 -2.83 -6.01 9.20
C ARG B 504 -3.85 -7.02 9.67
N LEU B 505 -5.14 -6.69 9.52
CA LEU B 505 -6.20 -7.63 9.94
C LEU B 505 -6.14 -8.92 9.10
N ASP B 506 -5.91 -8.76 7.79
CA ASP B 506 -5.75 -9.92 6.95
C ASP B 506 -4.55 -10.75 7.39
N GLU B 507 -3.45 -10.11 7.75
CA GLU B 507 -2.29 -10.89 8.21
C GLU B 507 -2.68 -11.69 9.46
N GLU B 508 -3.34 -11.04 10.41
CA GLU B 508 -3.71 -11.65 11.67
C GLU B 508 -4.75 -12.75 11.53
N THR B 509 -5.52 -12.75 10.44
CA THR B 509 -6.56 -13.75 10.24
C THR B 509 -6.22 -14.74 9.08
N ARG B 510 -4.95 -14.78 8.65
CA ARG B 510 -4.55 -15.64 7.53
C ARG B 510 -4.26 -17.10 7.95
N GLY B 511 -4.33 -17.41 9.23
CA GLY B 511 -3.90 -18.71 9.74
C GLY B 511 -4.99 -19.78 9.58
N MET B 512 -4.71 -20.74 8.71
CA MET B 512 -5.64 -21.77 8.33
C MET B 512 -6.11 -22.56 9.54
N GLN B 513 -7.43 -22.56 9.71
CA GLN B 513 -8.11 -23.26 10.82
C GLN B 513 -7.80 -22.69 12.21
N ALA B 514 -7.16 -21.56 12.30
CA ALA B 514 -6.84 -21.00 13.58
C ALA B 514 -7.50 -19.63 13.68
N THR B 515 -7.17 -18.73 12.78
CA THR B 515 -7.76 -17.37 12.78
C THR B 515 -8.53 -17.02 11.51
N ASP B 516 -8.52 -17.92 10.53
CA ASP B 516 -9.17 -17.61 9.26
C ASP B 516 -10.68 -17.70 9.25
N TYR B 517 -11.29 -18.04 10.38
CA TYR B 517 -12.73 -17.84 10.49
C TYR B 517 -13.13 -16.38 10.20
N ASN B 518 -12.26 -15.40 10.51
CA ASN B 518 -12.47 -13.97 10.24
C ASN B 518 -11.66 -13.49 9.07
N HIS B 519 -11.27 -14.38 8.15
CA HIS B 519 -10.56 -13.93 6.92
C HIS B 519 -11.55 -13.57 5.82
N ASP B 520 -12.36 -12.52 6.06
CA ASP B 520 -13.55 -12.20 5.23
C ASP B 520 -13.18 -11.73 3.82
N LEU B 521 -13.91 -12.20 2.81
CA LEU B 521 -13.79 -11.66 1.47
C LEU B 521 -14.20 -10.20 1.41
N VAL B 522 -15.24 -9.84 2.12
CA VAL B 522 -15.79 -8.49 2.09
C VAL B 522 -15.52 -7.78 3.43
N ARG B 523 -14.98 -6.57 3.39
CA ARG B 523 -14.76 -5.74 4.57
C ARG B 523 -15.22 -4.32 4.27
N MET C 4 -44.67 11.11 15.61
CA MET C 4 -45.72 10.98 14.56
C MET C 4 -46.91 10.19 15.08
N SER C 5 -48.11 10.76 14.96
CA SER C 5 -49.36 10.07 15.27
C SER C 5 -49.77 9.08 14.18
N ARG C 6 -50.71 8.21 14.54
CA ARG C 6 -51.32 7.29 13.59
C ARG C 6 -51.83 8.02 12.34
N GLU C 7 -52.53 9.15 12.52
CA GLU C 7 -53.12 9.84 11.36
C GLU C 7 -52.04 10.35 10.41
N GLU C 8 -50.97 10.92 10.97
CA GLU C 8 -49.79 11.36 10.25
C GLU C 8 -49.08 10.22 9.52
N VAL C 9 -48.92 9.10 10.18
CA VAL C 9 -48.30 7.95 9.53
C VAL C 9 -49.21 7.45 8.40
N GLU C 10 -50.52 7.36 8.65
CA GLU C 10 -51.48 6.96 7.64
C GLU C 10 -51.39 7.89 6.46
N SER C 11 -51.26 9.19 6.72
CA SER C 11 -51.25 10.13 5.61
C SER C 11 -49.88 10.10 4.90
N LEU C 12 -48.83 9.75 5.64
CA LEU C 12 -47.52 9.50 5.00
C LEU C 12 -47.63 8.36 4.00
N ILE C 13 -48.30 7.27 4.38
CA ILE C 13 -48.44 6.13 3.48
C ILE C 13 -49.19 6.52 2.20
N GLN C 14 -50.31 7.23 2.39
CA GLN C 14 -51.10 7.70 1.25
C GLN C 14 -50.31 8.59 0.31
N GLU C 15 -49.58 9.56 0.85
CA GLU C 15 -48.76 10.48 0.07
C GLU C 15 -47.73 9.70 -0.77
N VAL C 16 -47.05 8.76 -0.12
CA VAL C 16 -45.98 7.98 -0.80
C VAL C 16 -46.58 7.16 -1.95
N LEU C 17 -47.77 6.59 -1.72
CA LEU C 17 -48.40 5.73 -2.76
C LEU C 17 -48.96 6.49 -3.96
N GLU C 18 -49.07 7.82 -3.88
CA GLU C 18 -49.57 8.63 -5.00
C GLU C 18 -48.70 8.53 -6.28
N VAL C 19 -47.43 8.16 -6.14
CA VAL C 19 -46.54 8.09 -7.30
C VAL C 19 -46.89 6.92 -8.23
N TYR C 20 -47.54 5.90 -7.66
CA TYR C 20 -47.70 4.66 -8.37
C TYR C 20 -48.86 4.62 -9.35
N PRO C 21 -48.70 3.86 -10.46
CA PRO C 21 -49.88 3.50 -11.25
C PRO C 21 -50.88 2.73 -10.38
N GLU C 22 -52.14 2.71 -10.80
CA GLU C 22 -53.21 2.14 -9.99
C GLU C 22 -53.00 0.72 -9.49
N LYS C 23 -52.58 -0.17 -10.37
CA LYS C 23 -52.44 -1.55 -9.96
C LYS C 23 -51.37 -1.69 -8.84
N ALA C 24 -50.24 -1.01 -9.00
CA ALA C 24 -49.21 -1.04 -7.95
C ALA C 24 -49.65 -0.33 -6.67
N ARG C 25 -50.34 0.80 -6.79
CA ARG C 25 -50.80 1.52 -5.63
C ARG C 25 -51.71 0.62 -4.81
N LYS C 26 -52.68 -0.02 -5.47
CA LYS C 26 -53.62 -0.88 -4.73
C LYS C 26 -52.93 -2.04 -4.05
N ASP C 27 -51.93 -2.59 -4.70
CA ASP C 27 -51.20 -3.67 -4.07
C ASP C 27 -50.33 -3.20 -2.89
N ARG C 28 -49.55 -2.14 -3.10
CA ARG C 28 -48.64 -1.69 -2.07
C ARG C 28 -49.36 -1.20 -0.84
N ASN C 29 -50.55 -0.61 -1.00
CA ASN C 29 -51.37 -0.21 0.19
C ASN C 29 -51.58 -1.36 1.17
N LYS C 30 -51.67 -2.58 0.66
CA LYS C 30 -51.94 -3.71 1.49
C LYS C 30 -50.75 -4.21 2.30
N HIS C 31 -49.55 -3.78 1.90
CA HIS C 31 -48.30 -4.22 2.51
C HIS C 31 -47.68 -3.18 3.44
N LEU C 32 -48.42 -2.14 3.77
CA LEU C 32 -47.95 -1.03 4.61
C LEU C 32 -48.97 -0.84 5.71
N ALA C 33 -48.55 -0.71 6.97
CA ALA C 33 -49.57 -0.59 8.04
C ALA C 33 -49.01 0.21 9.20
N VAL C 34 -49.91 0.76 9.99
CA VAL C 34 -49.53 1.45 11.23
C VAL C 34 -49.84 0.50 12.36
N ASN C 35 -48.83 0.18 13.15
CA ASN C 35 -48.96 -0.83 14.12
C ASN C 35 -49.97 -0.52 15.20
N ASP C 36 -50.65 -1.59 15.61
CA ASP C 36 -51.53 -1.56 16.77
C ASP C 36 -51.25 -2.79 17.62
N PRO C 37 -50.53 -2.63 18.75
CA PRO C 37 -50.16 -3.83 19.48
C PRO C 37 -51.34 -4.59 20.14
N ALA C 38 -52.53 -3.98 20.19
CA ALA C 38 -53.77 -4.72 20.54
C ALA C 38 -53.98 -5.95 19.57
N VAL C 39 -53.72 -5.76 18.29
CA VAL C 39 -53.94 -6.84 17.30
C VAL C 39 -53.13 -8.14 17.48
N THR C 40 -53.79 -9.28 17.45
CA THR C 40 -53.04 -10.52 17.39
C THR C 40 -53.21 -11.28 16.08
N GLN C 41 -54.15 -10.83 15.21
CA GLN C 41 -54.31 -11.43 13.87
C GLN C 41 -53.81 -10.41 12.81
N SER C 42 -52.55 -10.53 12.40
CA SER C 42 -52.00 -9.58 11.45
C SER C 42 -52.63 -9.66 10.06
N LYS C 43 -53.31 -10.78 9.76
CA LYS C 43 -54.08 -10.88 8.55
C LYS C 43 -55.26 -9.91 8.54
N LYS C 44 -55.52 -9.19 9.65
CA LYS C 44 -56.43 -8.03 9.61
C LYS C 44 -55.76 -6.70 9.25
N CYS C 45 -54.43 -6.66 9.20
N CYS C 45 -54.41 -6.66 9.21
CA CYS C 45 -53.75 -5.40 9.06
CA CYS C 45 -53.62 -5.42 9.17
C CYS C 45 -52.70 -5.30 7.96
C CYS C 45 -52.68 -5.30 7.96
N ILE C 46 -52.15 -6.44 7.52
CA ILE C 46 -51.07 -6.45 6.50
C ILE C 46 -51.07 -7.76 5.74
N ILE C 47 -50.77 -7.67 4.45
CA ILE C 47 -50.62 -8.80 3.55
C ILE C 47 -49.10 -9.05 3.42
N SER C 48 -48.71 -10.32 3.32
CA SER C 48 -47.27 -10.67 3.18
C SER C 48 -47.12 -11.91 2.33
N ASN C 49 -45.86 -12.20 1.97
CA ASN C 49 -45.52 -13.42 1.24
C ASN C 49 -46.31 -13.54 -0.08
N LYS C 50 -46.45 -12.41 -0.77
CA LYS C 50 -46.97 -12.32 -2.14
C LYS C 50 -45.89 -11.92 -3.11
N LYS C 51 -46.16 -12.09 -4.39
N LYS C 51 -46.14 -12.09 -4.39
CA LYS C 51 -45.22 -11.65 -5.43
CA LYS C 51 -45.17 -11.69 -5.40
C LYS C 51 -44.88 -10.20 -5.26
C LYS C 51 -44.87 -10.21 -5.29
N SER C 52 -43.67 -9.84 -5.72
CA SER C 52 -43.28 -8.44 -5.83
C SER C 52 -43.85 -7.85 -7.10
N GLN C 53 -44.19 -6.58 -7.02
CA GLN C 53 -44.68 -5.85 -8.17
C GLN C 53 -43.51 -5.53 -9.12
N PRO C 54 -43.70 -5.75 -10.43
CA PRO C 54 -42.62 -5.50 -11.37
C PRO C 54 -42.16 -4.04 -11.40
N GLY C 55 -40.86 -3.88 -11.47
CA GLY C 55 -40.28 -2.59 -11.74
C GLY C 55 -40.10 -1.68 -10.57
N LEU C 56 -40.41 -2.15 -9.35
CA LEU C 56 -40.44 -1.25 -8.19
C LEU C 56 -39.20 -1.36 -7.29
N MET C 57 -38.22 -2.13 -7.71
CA MET C 57 -36.95 -2.21 -6.95
C MET C 57 -37.17 -2.80 -5.55
N THR C 58 -37.80 -3.96 -5.49
CA THR C 58 -37.72 -4.82 -4.33
C THR C 58 -36.28 -5.07 -3.91
N ILE C 59 -36.10 -5.34 -2.64
CA ILE C 59 -34.80 -5.66 -2.06
C ILE C 59 -34.65 -7.19 -1.96
N ARG C 60 -35.73 -7.91 -2.23
CA ARG C 60 -35.73 -9.34 -2.17
C ARG C 60 -34.75 -10.04 -3.10
N GLY C 61 -34.34 -11.23 -2.66
CA GLY C 61 -33.61 -12.22 -3.47
C GLY C 61 -34.55 -13.34 -3.94
N CYS C 62 -33.98 -14.50 -4.16
CA CYS C 62 -34.68 -15.64 -4.75
C CYS C 62 -34.52 -16.90 -3.92
N ALA C 63 -35.20 -17.93 -4.37
CA ALA C 63 -35.18 -19.20 -3.67
C ALA C 63 -33.80 -19.84 -3.59
N TYR C 64 -32.95 -19.65 -4.60
CA TYR C 64 -31.58 -20.16 -4.54
C TYR C 64 -30.80 -19.45 -3.42
N ALA C 65 -30.98 -18.15 -3.26
CA ALA C 65 -30.39 -17.44 -2.10
C ALA C 65 -30.84 -18.06 -0.80
N GLY C 66 -32.14 -18.34 -0.68
CA GLY C 66 -32.69 -18.94 0.54
C GLY C 66 -32.22 -20.37 0.79
N SER C 67 -31.91 -21.13 -0.26
CA SER C 67 -31.47 -22.50 -0.09
C SER C 67 -29.96 -22.61 -0.02
N LYS C 68 -29.29 -22.20 -1.08
CA LYS C 68 -27.83 -22.29 -1.15
C LYS C 68 -27.19 -21.27 -0.23
N GLY C 69 -27.58 -20.02 -0.39
CA GLY C 69 -26.95 -18.95 0.41
C GLY C 69 -27.21 -19.03 1.90
N VAL C 70 -28.40 -19.45 2.28
CA VAL C 70 -28.85 -19.37 3.66
C VAL C 70 -28.76 -20.72 4.40
N VAL C 71 -29.45 -21.74 3.93
CA VAL C 71 -29.56 -22.99 4.67
C VAL C 71 -28.41 -23.96 4.41
N TRP C 72 -28.16 -24.31 3.14
CA TRP C 72 -27.12 -25.31 2.84
C TRP C 72 -25.68 -24.83 2.84
N GLY C 73 -25.46 -23.66 2.25
CA GLY C 73 -24.10 -23.11 2.09
C GLY C 73 -23.23 -23.17 3.33
N PRO C 74 -23.79 -22.88 4.52
CA PRO C 74 -22.97 -22.92 5.74
C PRO C 74 -22.48 -24.29 6.16
N ILE C 75 -23.12 -25.37 5.72
CA ILE C 75 -22.74 -26.74 6.15
C ILE C 75 -21.31 -27.01 5.63
N LYS C 76 -20.38 -27.14 6.57
CA LYS C 76 -19.00 -26.90 6.25
C LYS C 76 -18.24 -28.03 5.61
N ASP C 77 -18.63 -29.27 5.89
CA ASP C 77 -17.89 -30.44 5.40
C ASP C 77 -18.56 -31.09 4.19
N MET C 78 -19.54 -30.42 3.62
CA MET C 78 -20.14 -30.81 2.35
C MET C 78 -19.70 -29.87 1.27
N ILE C 79 -19.79 -30.35 0.02
CA ILE C 79 -19.59 -29.50 -1.14
C ILE C 79 -20.94 -29.18 -1.76
N HIS C 80 -21.21 -27.88 -1.92
CA HIS C 80 -22.47 -27.40 -2.48
C HIS C 80 -22.23 -26.93 -3.90
N ILE C 81 -22.88 -27.56 -4.86
CA ILE C 81 -22.71 -27.20 -6.27
C ILE C 81 -23.76 -26.17 -6.69
N SER C 82 -23.31 -25.01 -7.16
CA SER C 82 -24.22 -24.06 -7.81
C SER C 82 -24.41 -24.51 -9.25
N HIS C 83 -25.57 -25.14 -9.53
CA HIS C 83 -25.78 -25.92 -10.72
C HIS C 83 -26.61 -25.16 -11.75
N GLY C 84 -25.94 -24.75 -12.82
CA GLY C 84 -26.49 -23.85 -13.82
C GLY C 84 -25.40 -22.89 -14.23
N PRO C 85 -25.75 -21.73 -14.76
CA PRO C 85 -24.70 -20.84 -15.29
C PRO C 85 -23.91 -20.18 -14.14
N VAL C 86 -22.91 -19.42 -14.52
CA VAL C 86 -21.87 -19.01 -13.55
C VAL C 86 -22.27 -17.91 -12.60
N GLY C 87 -23.27 -17.09 -12.92
CA GLY C 87 -23.56 -15.91 -12.12
C GLY C 87 -23.86 -16.20 -10.65
N CYS C 88 -24.83 -17.08 -10.35
CA CYS C 88 -25.43 -17.12 -9.02
C CYS C 88 -24.37 -17.49 -7.95
N GLY C 89 -23.53 -18.45 -8.28
CA GLY C 89 -22.51 -18.92 -7.36
C GLY C 89 -21.41 -17.89 -7.13
N GLN C 90 -21.16 -17.07 -8.14
CA GLN C 90 -20.12 -16.06 -8.05
C GLN C 90 -20.61 -14.89 -7.17
N TYR C 91 -21.82 -14.40 -7.39
CA TYR C 91 -22.29 -13.27 -6.60
C TYR C 91 -22.44 -13.67 -5.16
N SER C 92 -22.76 -14.93 -4.91
CA SER C 92 -23.02 -15.40 -3.53
C SER C 92 -21.79 -15.97 -2.90
N ARG C 93 -20.67 -15.92 -3.59
CA ARG C 93 -19.45 -16.56 -3.01
C ARG C 93 -18.94 -15.71 -1.84
N ALA C 94 -18.98 -16.29 -0.63
CA ALA C 94 -18.43 -15.64 0.59
C ALA C 94 -19.07 -14.30 0.92
N GLY C 95 -20.30 -14.06 0.43
CA GLY C 95 -21.04 -12.82 0.73
C GLY C 95 -21.65 -12.80 2.10
N ARG C 96 -22.00 -13.98 2.58
CA ARG C 96 -22.66 -14.13 3.91
C ARG C 96 -21.66 -14.72 4.91
N ARG C 97 -21.59 -14.11 6.08
CA ARG C 97 -20.52 -14.37 7.04
C ARG C 97 -20.89 -15.51 8.01
N ASN C 98 -21.22 -16.65 7.43
CA ASN C 98 -21.60 -17.83 8.18
C ASN C 98 -20.36 -18.59 8.62
N TYR C 99 -19.87 -18.22 9.79
CA TYR C 99 -18.54 -18.61 10.23
C TYR C 99 -18.38 -20.09 10.59
N TYR C 100 -17.19 -20.59 10.39
CA TYR C 100 -16.90 -21.99 10.64
C TYR C 100 -15.45 -22.21 10.95
N ILE C 101 -15.17 -23.35 11.55
CA ILE C 101 -13.82 -23.85 11.79
C ILE C 101 -13.54 -24.99 10.84
N GLY C 102 -12.49 -24.85 10.04
CA GLY C 102 -12.10 -25.91 9.11
C GLY C 102 -10.87 -25.52 8.30
N THR C 103 -10.45 -26.45 7.47
CA THR C 103 -9.31 -26.30 6.58
C THR C 103 -9.86 -26.21 5.20
N THR C 104 -9.97 -24.97 4.72
CA THR C 104 -10.75 -24.71 3.51
C THR C 104 -10.04 -25.26 2.25
N GLY C 105 -10.81 -25.99 1.44
CA GLY C 105 -10.28 -26.66 0.25
C GLY C 105 -9.83 -28.07 0.55
N VAL C 106 -9.86 -28.43 1.84
CA VAL C 106 -9.37 -29.76 2.27
C VAL C 106 -10.49 -30.54 2.97
N ASN C 107 -10.91 -30.09 4.13
CA ASN C 107 -12.05 -30.73 4.81
C ASN C 107 -13.30 -29.87 4.93
N ALA C 108 -13.20 -28.59 4.54
CA ALA C 108 -14.29 -27.68 4.69
C ALA C 108 -14.31 -26.81 3.45
N PHE C 109 -15.50 -26.33 3.03
CA PHE C 109 -15.58 -25.78 1.65
C PHE C 109 -16.44 -24.55 1.50
N VAL C 110 -16.76 -23.89 2.62
CA VAL C 110 -17.84 -22.93 2.65
C VAL C 110 -17.65 -21.70 1.77
N THR C 111 -16.46 -21.12 1.81
CA THR C 111 -16.16 -19.94 1.03
C THR C 111 -15.71 -20.14 -0.40
N MET C 112 -15.74 -21.39 -0.86
CA MET C 112 -15.42 -21.80 -2.24
C MET C 112 -16.66 -21.73 -3.10
N ASN C 113 -16.47 -21.54 -4.40
CA ASN C 113 -17.60 -21.58 -5.34
C ASN C 113 -17.42 -22.73 -6.32
N PHE C 114 -18.16 -23.80 -6.07
CA PHE C 114 -18.25 -24.93 -7.01
C PHE C 114 -19.44 -24.73 -7.91
N THR C 115 -19.22 -24.87 -9.24
CA THR C 115 -20.26 -24.64 -10.22
C THR C 115 -20.13 -25.55 -11.43
N SER C 116 -21.27 -25.83 -12.06
CA SER C 116 -21.26 -26.50 -13.34
C SER C 116 -21.19 -25.52 -14.54
N ASP C 117 -21.13 -24.20 -14.31
CA ASP C 117 -20.83 -23.22 -15.37
C ASP C 117 -21.53 -23.55 -16.68
N PHE C 118 -22.86 -23.59 -16.64
CA PHE C 118 -23.62 -24.00 -17.85
C PHE C 118 -23.29 -23.10 -19.04
N GLN C 119 -23.04 -23.76 -20.17
CA GLN C 119 -22.87 -23.16 -21.50
C GLN C 119 -24.10 -23.51 -22.36
N GLU C 120 -24.16 -22.94 -23.55
N GLU C 120 -24.14 -22.93 -23.57
CA GLU C 120 -25.29 -23.16 -24.45
CA GLU C 120 -25.23 -23.14 -24.51
C GLU C 120 -25.57 -24.63 -24.68
C GLU C 120 -25.55 -24.61 -24.68
N LYS C 121 -24.54 -25.44 -24.85
CA LYS C 121 -24.80 -26.88 -25.08
C LYS C 121 -25.48 -27.60 -23.91
N ASP C 122 -25.22 -27.10 -22.72
CA ASP C 122 -25.87 -27.62 -21.50
C ASP C 122 -27.32 -27.24 -21.41
N ILE C 123 -27.64 -26.03 -21.85
CA ILE C 123 -29.06 -25.63 -21.94
C ILE C 123 -29.82 -26.40 -23.03
N VAL C 124 -29.22 -26.54 -24.20
CA VAL C 124 -29.87 -27.22 -25.31
C VAL C 124 -30.06 -28.71 -25.08
N PHE C 125 -29.03 -29.37 -24.54
CA PHE C 125 -29.07 -30.84 -24.42
C PHE C 125 -29.20 -31.36 -23.03
N GLY C 126 -29.13 -30.45 -22.04
CA GLY C 126 -29.31 -30.85 -20.68
C GLY C 126 -27.99 -31.00 -19.97
N GLY C 127 -28.04 -30.77 -18.66
CA GLY C 127 -26.86 -30.85 -17.82
C GLY C 127 -26.68 -32.05 -16.95
N ASP C 128 -27.48 -33.08 -17.10
CA ASP C 128 -27.36 -34.26 -16.21
C ASP C 128 -26.09 -35.09 -16.43
N LYS C 129 -25.62 -35.19 -17.69
CA LYS C 129 -24.34 -35.85 -17.92
C LYS C 129 -23.18 -35.04 -17.36
N LYS C 130 -23.25 -33.72 -17.50
CA LYS C 130 -22.24 -32.85 -16.90
C LYS C 130 -22.23 -32.99 -15.39
N LEU C 131 -23.40 -33.07 -14.79
CA LEU C 131 -23.49 -33.19 -13.36
C LEU C 131 -22.82 -34.48 -12.86
N ALA C 132 -23.09 -35.58 -13.56
CA ALA C 132 -22.46 -36.86 -13.13
C ALA C 132 -20.96 -36.82 -13.24
N LYS C 133 -20.45 -36.21 -14.32
CA LYS C 133 -19.02 -36.07 -14.52
C LYS C 133 -18.42 -35.13 -13.44
N LEU C 134 -19.16 -34.06 -13.16
CA LEU C 134 -18.75 -33.08 -12.14
C LEU C 134 -18.60 -33.76 -10.80
N ILE C 135 -19.56 -34.62 -10.43
CA ILE C 135 -19.47 -35.36 -9.16
C ILE C 135 -18.20 -36.21 -9.08
N ASP C 136 -17.85 -36.89 -10.18
CA ASP C 136 -16.65 -37.69 -10.13
C ASP C 136 -15.43 -36.79 -9.95
N GLU C 137 -15.43 -35.65 -10.61
CA GLU C 137 -14.29 -34.73 -10.48
C GLU C 137 -14.13 -34.16 -9.05
N VAL C 138 -15.26 -33.88 -8.42
CA VAL C 138 -15.26 -33.48 -7.04
C VAL C 138 -14.66 -34.57 -6.17
N GLU C 139 -15.08 -35.82 -6.38
CA GLU C 139 -14.56 -36.88 -5.55
C GLU C 139 -13.05 -37.07 -5.70
N THR C 140 -12.55 -36.94 -6.92
CA THR C 140 -11.11 -37.02 -7.16
C THR C 140 -10.36 -35.90 -6.45
N LEU C 141 -10.87 -34.68 -6.56
CA LEU C 141 -10.07 -33.52 -6.14
C LEU C 141 -10.29 -33.07 -4.74
N PHE C 142 -11.41 -33.51 -4.15
CA PHE C 142 -11.83 -33.12 -2.80
C PHE C 142 -12.26 -34.39 -2.05
N PRO C 143 -11.31 -35.30 -1.84
CA PRO C 143 -11.68 -36.63 -1.30
C PRO C 143 -12.21 -36.60 0.13
N LEU C 144 -11.91 -35.57 0.92
CA LEU C 144 -12.44 -35.50 2.28
C LEU C 144 -13.83 -34.88 2.38
N ASN C 145 -14.48 -34.50 1.28
CA ASN C 145 -15.88 -34.04 1.38
C ASN C 145 -16.75 -35.16 1.95
N LYS C 146 -17.73 -34.77 2.77
CA LYS C 146 -18.59 -35.73 3.48
C LYS C 146 -19.99 -35.79 2.86
N GLY C 147 -20.13 -35.22 1.67
CA GLY C 147 -21.37 -35.20 0.97
C GLY C 147 -21.46 -34.03 0.02
N ILE C 148 -22.39 -34.10 -0.93
CA ILE C 148 -22.56 -33.11 -1.97
C ILE C 148 -23.99 -32.67 -2.00
N SER C 149 -24.24 -31.38 -2.13
CA SER C 149 -25.57 -30.90 -2.49
C SER C 149 -25.55 -30.29 -3.85
N VAL C 150 -26.70 -30.38 -4.52
CA VAL C 150 -26.89 -29.80 -5.85
C VAL C 150 -27.92 -28.66 -5.79
N GLN C 151 -27.46 -27.41 -5.84
CA GLN C 151 -28.32 -26.22 -5.64
C GLN C 151 -28.74 -25.73 -7.01
N SER C 152 -29.99 -26.04 -7.41
CA SER C 152 -30.46 -25.75 -8.75
C SER C 152 -30.68 -24.27 -8.96
N GLU C 153 -30.14 -23.75 -10.07
CA GLU C 153 -30.36 -22.40 -10.53
C GLU C 153 -31.48 -22.38 -11.55
N CYS C 154 -31.93 -21.19 -11.96
CA CYS C 154 -33.15 -21.10 -12.79
C CYS C 154 -33.27 -22.10 -13.92
N PRO C 155 -32.21 -22.29 -14.74
CA PRO C 155 -32.47 -23.14 -15.96
C PRO C 155 -32.80 -24.61 -15.69
N ILE C 156 -32.43 -25.18 -14.54
CA ILE C 156 -32.45 -26.65 -14.39
C ILE C 156 -33.86 -27.20 -14.61
N GLY C 157 -34.81 -26.69 -13.85
CA GLY C 157 -36.19 -27.16 -13.99
C GLY C 157 -36.83 -26.74 -15.31
N LEU C 158 -36.45 -25.58 -15.82
CA LEU C 158 -37.00 -25.05 -17.06
C LEU C 158 -36.65 -25.92 -18.24
N ILE C 159 -35.47 -26.51 -18.23
CA ILE C 159 -35.04 -27.38 -19.33
C ILE C 159 -35.39 -28.85 -19.11
N GLY C 160 -35.96 -29.20 -17.97
CA GLY C 160 -36.36 -30.57 -17.73
C GLY C 160 -35.26 -31.54 -17.30
N ASP C 161 -34.19 -31.06 -16.67
CA ASP C 161 -33.15 -31.98 -16.16
C ASP C 161 -33.71 -32.78 -14.97
N ASP C 162 -33.10 -33.93 -14.72
CA ASP C 162 -33.50 -34.84 -13.67
C ASP C 162 -32.36 -35.04 -12.66
N ILE C 163 -32.16 -34.02 -11.82
CA ILE C 163 -31.06 -34.05 -10.86
C ILE C 163 -31.31 -35.08 -9.77
N GLU C 164 -32.57 -35.46 -9.53
CA GLU C 164 -32.90 -36.49 -8.55
C GLU C 164 -32.38 -37.84 -8.98
N SER C 165 -32.58 -38.18 -10.25
CA SER C 165 -32.02 -39.43 -10.79
C SER C 165 -30.47 -39.43 -10.70
N VAL C 166 -29.84 -38.34 -11.11
CA VAL C 166 -28.39 -38.27 -11.04
C VAL C 166 -27.91 -38.42 -9.59
N SER C 167 -28.61 -37.76 -8.67
CA SER C 167 -28.23 -37.84 -7.25
C SER C 167 -28.36 -39.28 -6.71
N LYS C 168 -29.47 -39.94 -6.99
CA LYS C 168 -29.69 -41.34 -6.54
C LYS C 168 -28.64 -42.29 -7.13
N VAL C 169 -28.45 -42.23 -8.44
CA VAL C 169 -27.54 -43.16 -9.13
C VAL C 169 -26.10 -42.95 -8.70
N LYS C 170 -25.64 -41.69 -8.73
CA LYS C 170 -24.29 -41.39 -8.28
C LYS C 170 -24.09 -41.64 -6.79
N GLY C 171 -25.09 -41.32 -5.98
CA GLY C 171 -25.02 -41.53 -4.54
C GLY C 171 -24.88 -43.01 -4.22
N ALA C 172 -25.61 -43.84 -4.94
CA ALA C 172 -25.50 -45.30 -4.77
C ALA C 172 -24.12 -45.81 -5.24
N GLU C 173 -23.70 -45.38 -6.42
CA GLU C 173 -22.41 -45.80 -6.96
C GLU C 173 -21.26 -45.46 -6.03
N LEU C 174 -21.31 -44.29 -5.39
CA LEU C 174 -20.18 -43.79 -4.58
C LEU C 174 -20.34 -43.93 -3.07
N SER C 175 -21.46 -44.48 -2.63
CA SER C 175 -21.82 -44.61 -1.20
C SER C 175 -21.68 -43.26 -0.52
N LYS C 176 -22.30 -42.26 -1.16
CA LYS C 176 -22.15 -40.86 -0.80
C LYS C 176 -23.53 -40.21 -0.70
N THR C 177 -23.72 -39.34 0.31
CA THR C 177 -24.92 -38.53 0.39
C THR C 177 -24.82 -37.45 -0.66
N ILE C 178 -25.73 -37.46 -1.64
CA ILE C 178 -25.78 -36.44 -2.67
C ILE C 178 -27.21 -35.96 -2.71
N VAL C 179 -27.37 -34.67 -2.41
CA VAL C 179 -28.68 -34.10 -2.16
C VAL C 179 -29.16 -33.21 -3.30
N PRO C 180 -30.25 -33.58 -4.01
CA PRO C 180 -30.80 -32.67 -5.07
C PRO C 180 -31.68 -31.65 -4.46
N VAL C 181 -31.39 -30.38 -4.74
CA VAL C 181 -32.21 -29.30 -4.21
C VAL C 181 -32.79 -28.47 -5.33
N ARG C 182 -34.12 -28.52 -5.42
CA ARG C 182 -34.88 -27.80 -6.43
C ARG C 182 -35.24 -26.37 -6.00
N CYS C 183 -34.20 -25.56 -5.82
CA CYS C 183 -34.30 -24.22 -5.32
C CYS C 183 -34.16 -23.21 -6.44
N GLU C 184 -34.53 -23.57 -7.67
CA GLU C 184 -34.48 -22.61 -8.78
C GLU C 184 -35.15 -21.27 -8.43
N GLY C 185 -34.53 -20.15 -8.85
CA GLY C 185 -34.98 -18.85 -8.45
C GLY C 185 -36.34 -18.44 -9.02
N PHE C 186 -36.84 -19.15 -10.01
CA PHE C 186 -38.18 -18.91 -10.50
C PHE C 186 -39.24 -19.39 -9.50
N ARG C 187 -38.86 -20.20 -8.54
CA ARG C 187 -39.85 -20.73 -7.62
C ARG C 187 -40.17 -19.76 -6.49
N GLY C 188 -41.41 -19.74 -6.04
CA GLY C 188 -41.82 -18.86 -4.96
C GLY C 188 -41.65 -17.41 -5.35
N VAL C 189 -41.45 -16.55 -4.36
CA VAL C 189 -41.49 -15.11 -4.58
C VAL C 189 -40.33 -14.36 -3.94
N SER C 190 -39.42 -15.11 -3.30
CA SER C 190 -38.42 -14.54 -2.41
C SER C 190 -37.51 -15.64 -1.91
N GLN C 191 -36.60 -15.30 -0.99
CA GLN C 191 -35.78 -16.26 -0.28
C GLN C 191 -36.59 -17.32 0.45
N SER C 192 -37.80 -16.94 0.89
CA SER C 192 -38.58 -17.77 1.77
C SER C 192 -38.80 -19.20 1.25
N LEU C 193 -39.30 -19.35 0.03
CA LEU C 193 -39.59 -20.72 -0.44
C LEU C 193 -38.30 -21.54 -0.51
N GLY C 194 -37.16 -20.89 -0.75
CA GLY C 194 -35.87 -21.56 -0.66
C GLY C 194 -35.58 -22.18 0.66
N HIS C 195 -35.94 -21.50 1.76
CA HIS C 195 -35.81 -22.15 3.07
C HIS C 195 -36.61 -23.44 3.10
N HIS C 196 -37.86 -23.36 2.68
CA HIS C 196 -38.80 -24.51 2.86
C HIS C 196 -38.31 -25.69 2.00
N ILE C 197 -37.96 -25.38 0.76
CA ILE C 197 -37.35 -26.35 -0.17
C ILE C 197 -36.13 -26.99 0.48
N ALA C 198 -35.25 -26.16 1.04
CA ALA C 198 -34.03 -26.67 1.63
C ALA C 198 -34.33 -27.56 2.83
N ASN C 199 -35.27 -27.15 3.68
CA ASN C 199 -35.68 -27.98 4.82
C ASN C 199 -36.20 -29.34 4.39
N ASP C 200 -37.04 -29.35 3.37
CA ASP C 200 -37.58 -30.61 2.87
C ASP C 200 -36.47 -31.49 2.26
N ALA C 201 -35.47 -30.88 1.61
CA ALA C 201 -34.32 -31.63 1.12
C ALA C 201 -33.49 -32.26 2.26
N VAL C 202 -33.31 -31.54 3.36
CA VAL C 202 -32.61 -32.12 4.51
C VAL C 202 -33.41 -33.32 5.02
N ARG C 203 -34.72 -33.12 5.19
CA ARG C 203 -35.65 -34.18 5.63
C ARG C 203 -35.53 -35.41 4.76
N ASP C 204 -35.61 -35.20 3.46
CA ASP C 204 -35.74 -36.32 2.55
C ASP C 204 -34.45 -37.05 2.28
N TRP C 205 -33.31 -36.39 2.37
CA TRP C 205 -32.04 -36.99 1.89
C TRP C 205 -30.96 -37.14 2.95
N VAL C 206 -31.09 -36.45 4.09
CA VAL C 206 -30.07 -36.49 5.12
C VAL C 206 -30.56 -36.96 6.46
N LEU C 207 -31.66 -36.38 6.94
CA LEU C 207 -32.03 -36.45 8.37
C LEU C 207 -32.33 -37.84 8.88
N GLY C 208 -32.83 -38.71 8.03
CA GLY C 208 -33.14 -40.10 8.43
C GLY C 208 -32.02 -41.14 8.41
N LYS C 209 -30.80 -40.73 8.08
N LYS C 209 -30.81 -40.74 8.08
CA LYS C 209 -29.70 -41.67 7.86
CA LYS C 209 -29.75 -41.71 7.91
C LYS C 209 -29.48 -42.57 9.08
C LYS C 209 -29.49 -42.59 9.11
N ARG C 210 -29.57 -42.01 10.28
CA ARG C 210 -29.29 -42.75 11.52
C ARG C 210 -30.55 -43.18 12.30
N ASP C 211 -31.68 -43.28 11.59
CA ASP C 211 -32.95 -43.68 12.20
C ASP C 211 -32.91 -45.02 12.94
N GLU C 212 -32.14 -45.97 12.39
CA GLU C 212 -32.01 -47.34 13.00
C GLU C 212 -30.69 -47.51 13.79
N ASP C 213 -29.90 -46.44 13.93
CA ASP C 213 -28.63 -46.47 14.66
C ASP C 213 -28.86 -45.98 16.13
N THR C 214 -28.55 -46.87 17.07
CA THR C 214 -28.72 -46.61 18.52
C THR C 214 -27.39 -46.31 19.24
N THR C 215 -26.30 -46.14 18.50
CA THR C 215 -24.98 -46.01 19.12
C THR C 215 -24.76 -44.66 19.81
N PHE C 216 -25.52 -43.62 19.46
CA PHE C 216 -25.27 -42.31 20.07
C PHE C 216 -25.53 -42.29 21.57
N ALA C 217 -24.54 -41.78 22.27
CA ALA C 217 -24.51 -41.71 23.72
C ALA C 217 -25.35 -40.48 24.14
N SER C 218 -26.66 -40.65 24.14
CA SER C 218 -27.59 -39.56 24.49
C SER C 218 -27.61 -39.24 26.02
N THR C 219 -27.93 -38.01 26.38
CA THR C 219 -28.12 -37.56 27.73
C THR C 219 -29.44 -36.75 27.83
N PRO C 220 -29.92 -36.54 29.06
CA PRO C 220 -31.14 -35.73 29.22
C PRO C 220 -31.02 -34.25 28.83
N TYR C 221 -29.79 -33.78 28.66
CA TYR C 221 -29.52 -32.35 28.49
C TYR C 221 -29.14 -32.02 27.04
N ASP C 222 -29.41 -32.94 26.11
CA ASP C 222 -29.03 -32.76 24.71
C ASP C 222 -30.02 -31.84 23.99
N VAL C 223 -29.47 -30.82 23.39
CA VAL C 223 -30.27 -29.90 22.57
C VAL C 223 -29.62 -29.68 21.20
N ALA C 224 -30.39 -29.06 20.29
CA ALA C 224 -29.85 -28.53 19.02
C ALA C 224 -30.23 -27.07 18.89
N ILE C 225 -29.29 -26.24 18.41
CA ILE C 225 -29.56 -24.87 18.01
C ILE C 225 -30.06 -24.92 16.57
N ILE C 226 -31.34 -24.57 16.35
CA ILE C 226 -31.99 -24.64 15.05
C ILE C 226 -32.18 -23.22 14.53
N GLY C 227 -31.59 -22.92 13.39
CA GLY C 227 -31.77 -21.59 12.81
C GLY C 227 -30.88 -20.52 13.36
N ASP C 228 -29.60 -20.84 13.50
CA ASP C 228 -28.55 -19.83 13.75
C ASP C 228 -27.45 -20.15 12.76
N TYR C 229 -27.15 -19.17 11.93
CA TYR C 229 -26.19 -19.32 10.86
C TYR C 229 -24.82 -18.75 11.18
N ASN C 230 -24.63 -18.44 12.46
CA ASN C 230 -23.30 -18.10 13.01
C ASN C 230 -22.67 -16.90 12.32
N ILE C 231 -23.49 -15.88 12.11
CA ILE C 231 -22.99 -14.69 11.45
C ILE C 231 -22.00 -13.99 12.36
N GLY C 232 -20.76 -13.88 11.92
CA GLY C 232 -19.70 -13.34 12.72
C GLY C 232 -19.45 -14.11 14.00
N GLY C 233 -19.90 -15.36 14.08
CA GLY C 233 -19.76 -16.15 15.26
C GLY C 233 -20.92 -16.16 16.25
N ASP C 234 -22.07 -15.66 15.81
CA ASP C 234 -23.26 -15.59 16.67
C ASP C 234 -23.67 -16.89 17.33
N ALA C 235 -23.50 -18.00 16.63
CA ALA C 235 -23.94 -19.27 17.20
C ALA C 235 -22.98 -19.73 18.29
N TRP C 236 -21.70 -19.43 18.13
CA TRP C 236 -20.69 -19.76 19.14
C TRP C 236 -20.93 -18.98 20.42
N SER C 237 -21.28 -17.71 20.30
N SER C 237 -21.33 -17.73 20.28
CA SER C 237 -21.56 -16.91 21.50
CA SER C 237 -21.59 -16.92 21.45
C SER C 237 -22.92 -17.17 22.10
C SER C 237 -22.92 -17.18 22.09
N SER C 238 -23.73 -18.02 21.45
CA SER C 238 -24.96 -18.57 22.01
C SER C 238 -24.70 -19.94 22.68
N ARG C 239 -24.04 -20.81 21.92
CA ARG C 239 -23.63 -22.14 22.39
C ARG C 239 -22.94 -22.08 23.75
N ILE C 240 -22.05 -21.10 23.94
CA ILE C 240 -21.24 -21.03 25.14
C ILE C 240 -22.17 -20.93 26.35
N LEU C 241 -23.23 -20.13 26.22
CA LEU C 241 -24.15 -19.93 27.28
C LEU C 241 -24.98 -21.17 27.59
N LEU C 242 -25.46 -21.81 26.54
CA LEU C 242 -26.24 -23.03 26.71
C LEU C 242 -25.43 -24.10 27.47
N GLU C 243 -24.18 -24.28 27.08
CA GLU C 243 -23.28 -25.26 27.69
C GLU C 243 -22.84 -24.85 29.09
N GLU C 244 -22.66 -23.54 29.35
CA GLU C 244 -22.39 -23.09 30.73
C GLU C 244 -23.60 -23.40 31.64
N MET C 245 -24.80 -23.39 31.07
CA MET C 245 -26.03 -23.74 31.77
C MET C 245 -26.18 -25.25 31.98
N GLY C 246 -25.24 -26.06 31.46
CA GLY C 246 -25.24 -27.51 31.68
C GLY C 246 -25.87 -28.31 30.56
N LEU C 247 -26.27 -27.66 29.47
CA LEU C 247 -26.80 -28.41 28.32
C LEU C 247 -25.68 -28.87 27.38
N ARG C 248 -25.99 -29.81 26.51
CA ARG C 248 -25.04 -30.31 25.55
C ARG C 248 -25.60 -30.01 24.15
N CYS C 249 -24.92 -29.15 23.40
N CYS C 249 -24.92 -29.14 23.42
CA CYS C 249 -25.38 -28.73 22.08
CA CYS C 249 -25.38 -28.73 22.10
C CYS C 249 -24.88 -29.70 21.05
C CYS C 249 -24.88 -29.71 21.04
N VAL C 250 -25.73 -30.67 20.73
CA VAL C 250 -25.39 -31.72 19.77
C VAL C 250 -25.22 -31.20 18.36
N ALA C 251 -25.98 -30.16 18.00
CA ALA C 251 -25.96 -29.64 16.62
C ALA C 251 -26.26 -28.16 16.54
N GLN C 252 -25.67 -27.52 15.52
CA GLN C 252 -25.97 -26.18 15.09
C GLN C 252 -26.44 -26.20 13.63
N TRP C 253 -27.67 -25.76 13.41
CA TRP C 253 -28.26 -25.68 12.07
C TRP C 253 -28.35 -24.24 11.58
N SER C 254 -27.53 -23.83 10.62
CA SER C 254 -26.44 -24.57 10.03
C SER C 254 -25.09 -23.86 10.11
N GLY C 255 -25.00 -22.76 10.88
CA GLY C 255 -23.74 -22.07 11.04
C GLY C 255 -22.68 -22.92 11.74
N ASP C 256 -21.51 -23.08 11.11
CA ASP C 256 -20.45 -23.98 11.60
C ASP C 256 -20.94 -25.44 11.67
N GLY C 257 -21.97 -25.74 10.89
CA GLY C 257 -22.63 -27.08 11.02
C GLY C 257 -21.97 -28.12 10.18
N SER C 258 -21.94 -29.34 10.67
CA SER C 258 -21.43 -30.48 9.91
C SER C 258 -22.55 -31.44 9.57
N ILE C 259 -22.32 -32.26 8.55
CA ILE C 259 -23.33 -33.21 8.14
C ILE C 259 -23.61 -34.19 9.28
N SER C 260 -22.59 -34.63 10.03
CA SER C 260 -22.88 -35.59 11.10
C SER C 260 -23.77 -34.96 12.20
N GLU C 261 -23.56 -33.68 12.51
N GLU C 261 -23.57 -33.68 12.53
CA GLU C 261 -24.35 -33.11 13.57
CA GLU C 261 -24.41 -33.01 13.52
C GLU C 261 -25.82 -32.96 13.12
C GLU C 261 -25.84 -33.02 13.10
N ILE C 262 -26.06 -32.74 11.82
CA ILE C 262 -27.42 -32.76 11.30
C ILE C 262 -28.02 -34.16 11.46
N GLU C 263 -27.25 -35.18 11.10
CA GLU C 263 -27.76 -36.55 11.23
C GLU C 263 -27.98 -36.98 12.66
N LEU C 264 -27.26 -36.39 13.62
CA LEU C 264 -27.44 -36.73 15.02
C LEU C 264 -28.62 -35.98 15.69
N THR C 265 -29.19 -35.00 15.00
CA THR C 265 -30.18 -34.12 15.61
C THR C 265 -31.43 -34.85 16.07
N PRO C 266 -31.92 -35.87 15.32
CA PRO C 266 -33.07 -36.59 15.82
C PRO C 266 -32.86 -37.30 17.15
N LYS C 267 -31.63 -37.37 17.67
CA LYS C 267 -31.38 -37.95 18.98
C LYS C 267 -31.53 -36.95 20.17
N VAL C 268 -31.77 -35.68 19.91
CA VAL C 268 -31.78 -34.71 21.01
C VAL C 268 -33.11 -34.68 21.76
N LYS C 269 -33.11 -34.02 22.89
CA LYS C 269 -34.29 -33.88 23.74
C LYS C 269 -35.12 -32.64 23.43
N LEU C 270 -34.50 -31.63 22.83
CA LEU C 270 -35.18 -30.36 22.60
C LEU C 270 -34.51 -29.57 21.47
N ASN C 271 -35.32 -29.04 20.56
CA ASN C 271 -34.85 -28.18 19.48
C ASN C 271 -35.10 -26.73 19.87
N LEU C 272 -34.03 -25.94 19.89
CA LEU C 272 -34.12 -24.54 20.24
C LEU C 272 -34.11 -23.72 18.98
N VAL C 273 -35.22 -23.09 18.64
CA VAL C 273 -35.35 -22.42 17.36
C VAL C 273 -35.10 -20.94 17.53
N HIS C 274 -34.08 -20.40 16.86
CA HIS C 274 -33.82 -18.99 16.82
C HIS C 274 -34.54 -18.45 15.59
N CYS C 275 -34.05 -18.76 14.40
CA CYS C 275 -34.80 -18.32 13.19
C CYS C 275 -36.01 -19.22 12.90
N TYR C 276 -37.15 -18.78 13.40
CA TYR C 276 -38.44 -19.41 13.11
C TYR C 276 -38.72 -19.52 11.60
N ARG C 277 -38.56 -18.40 10.89
CA ARG C 277 -38.97 -18.33 9.49
C ARG C 277 -38.29 -19.44 8.71
N SER C 278 -36.97 -19.55 8.86
CA SER C 278 -36.21 -20.47 8.02
C SER C 278 -36.27 -21.94 8.41
N MET C 279 -36.46 -22.25 9.68
N MET C 279 -36.60 -22.26 9.67
CA MET C 279 -36.37 -23.63 10.10
CA MET C 279 -36.38 -23.58 10.20
C MET C 279 -37.54 -24.14 10.93
C MET C 279 -37.57 -24.16 10.94
N ASN C 280 -38.67 -23.43 10.95
CA ASN C 280 -39.88 -23.99 11.57
C ASN C 280 -40.33 -25.26 10.87
N TYR C 281 -40.10 -25.37 9.57
CA TYR C 281 -40.55 -26.53 8.79
C TYR C 281 -39.94 -27.82 9.31
N ILE C 282 -38.61 -27.83 9.47
CA ILE C 282 -37.95 -29.06 9.87
C ILE C 282 -38.22 -29.30 11.36
N SER C 283 -38.36 -28.24 12.14
CA SER C 283 -38.69 -28.35 13.54
C SER C 283 -40.06 -29.05 13.77
N ARG C 284 -41.06 -28.66 13.00
CA ARG C 284 -42.34 -29.36 13.03
C ARG C 284 -42.20 -30.80 12.60
N HIS C 285 -41.44 -31.04 11.54
CA HIS C 285 -41.21 -32.41 11.07
C HIS C 285 -40.60 -33.27 12.22
N MET C 286 -39.60 -32.74 12.91
CA MET C 286 -38.95 -33.51 14.00
C MET C 286 -39.89 -33.83 15.15
N GLU C 287 -40.80 -32.92 15.46
CA GLU C 287 -41.76 -33.17 16.53
C GLU C 287 -42.72 -34.29 16.06
N GLU C 288 -43.19 -34.18 14.82
CA GLU C 288 -44.14 -35.17 14.22
C GLU C 288 -43.51 -36.56 14.20
N LYS C 289 -42.30 -36.68 13.64
CA LYS C 289 -41.63 -37.99 13.44
C LYS C 289 -40.91 -38.56 14.69
N TYR C 290 -40.15 -37.74 15.40
CA TYR C 290 -39.30 -38.20 16.50
C TYR C 290 -39.82 -37.84 17.90
N GLY C 291 -40.91 -37.07 17.97
CA GLY C 291 -41.48 -36.60 19.25
C GLY C 291 -40.65 -35.53 19.94
N ILE C 292 -39.74 -34.88 19.21
CA ILE C 292 -38.88 -33.87 19.81
C ILE C 292 -39.58 -32.52 19.87
N PRO C 293 -39.74 -31.94 21.07
CA PRO C 293 -40.40 -30.64 21.14
C PRO C 293 -39.45 -29.53 20.66
N TRP C 294 -40.04 -28.43 20.24
CA TRP C 294 -39.27 -27.25 19.84
C TRP C 294 -39.81 -26.03 20.51
N MET C 295 -38.93 -25.06 20.71
CA MET C 295 -39.35 -23.77 21.28
C MET C 295 -38.56 -22.62 20.66
N GLU C 296 -39.26 -21.50 20.42
CA GLU C 296 -38.63 -20.28 19.97
C GLU C 296 -37.86 -19.58 21.08
N TYR C 297 -36.72 -18.98 20.76
CA TYR C 297 -35.98 -18.20 21.74
C TYR C 297 -35.35 -16.99 21.07
N ASN C 298 -34.74 -16.10 21.89
CA ASN C 298 -34.18 -14.86 21.39
C ASN C 298 -32.96 -14.53 22.23
N PHE C 299 -31.81 -14.42 21.58
CA PHE C 299 -30.54 -14.15 22.22
C PHE C 299 -30.02 -12.76 21.82
N PHE C 300 -30.91 -11.83 21.46
CA PHE C 300 -30.48 -10.47 21.24
C PHE C 300 -30.66 -9.57 22.47
N GLY C 301 -29.56 -9.19 23.10
CA GLY C 301 -29.56 -8.28 24.22
C GLY C 301 -29.76 -9.03 25.52
N PRO C 302 -29.45 -8.39 26.66
CA PRO C 302 -29.52 -9.12 27.93
C PRO C 302 -30.96 -9.44 28.36
N THR C 303 -31.91 -8.54 28.13
CA THR C 303 -33.27 -8.86 28.60
C THR C 303 -33.84 -10.15 27.96
N LYS C 304 -33.73 -10.22 26.64
CA LYS C 304 -34.21 -11.39 25.88
C LYS C 304 -33.37 -12.62 26.17
N THR C 305 -32.06 -12.44 26.26
CA THR C 305 -31.17 -13.57 26.53
C THR C 305 -31.47 -14.19 27.90
N ILE C 306 -31.70 -13.35 28.91
CA ILE C 306 -32.01 -13.85 30.25
C ILE C 306 -33.32 -14.58 30.25
N GLU C 307 -34.32 -13.96 29.67
CA GLU C 307 -35.63 -14.59 29.52
C GLU C 307 -35.55 -15.95 28.80
N SER C 308 -34.80 -16.00 27.73
CA SER C 308 -34.61 -17.24 26.98
C SER C 308 -33.90 -18.32 27.80
N LEU C 309 -32.80 -17.96 28.44
CA LEU C 309 -32.10 -18.94 29.27
C LEU C 309 -33.03 -19.54 30.32
N ARG C 310 -33.81 -18.69 30.98
CA ARG C 310 -34.77 -19.16 31.99
C ARG C 310 -35.85 -20.03 31.41
N ALA C 311 -36.38 -19.67 30.26
CA ALA C 311 -37.42 -20.48 29.65
C ALA C 311 -36.91 -21.84 29.18
N ILE C 312 -35.69 -21.88 28.64
CA ILE C 312 -35.07 -23.10 28.22
C ILE C 312 -34.78 -24.01 29.43
N ALA C 313 -34.18 -23.43 30.47
CA ALA C 313 -33.84 -24.19 31.66
C ALA C 313 -35.07 -24.81 32.30
N ALA C 314 -36.19 -24.10 32.22
CA ALA C 314 -37.46 -24.61 32.81
C ALA C 314 -37.93 -25.91 32.16
N LYS C 315 -37.45 -26.27 30.97
CA LYS C 315 -37.77 -27.55 30.29
C LYS C 315 -36.97 -28.74 30.85
N PHE C 316 -35.98 -28.47 31.70
CA PHE C 316 -35.09 -29.48 32.25
C PHE C 316 -35.33 -29.57 33.75
N ASP C 317 -34.36 -29.94 34.52
CA ASP C 317 -34.53 -30.27 35.92
C ASP C 317 -33.90 -29.16 36.76
N GLU C 318 -33.96 -29.34 38.08
CA GLU C 318 -33.45 -28.35 39.00
C GLU C 318 -31.97 -28.06 38.79
N SER C 319 -31.17 -29.05 38.40
CA SER C 319 -29.72 -28.83 38.25
C SER C 319 -29.46 -27.78 37.14
N ILE C 320 -30.26 -27.82 36.08
CA ILE C 320 -30.11 -26.86 34.96
C ILE C 320 -30.65 -25.48 35.34
N GLN C 321 -31.76 -25.46 36.06
CA GLN C 321 -32.33 -24.20 36.53
C GLN C 321 -31.35 -23.49 37.45
N LYS C 322 -30.66 -24.25 38.29
CA LYS C 322 -29.66 -23.70 39.19
C LYS C 322 -28.47 -23.16 38.38
N LYS C 323 -27.96 -23.94 37.43
CA LYS C 323 -26.89 -23.45 36.54
C LYS C 323 -27.33 -22.20 35.75
N CYS C 324 -28.58 -22.17 35.32
CA CYS C 324 -29.12 -21.00 34.64
C CYS C 324 -28.91 -19.73 35.45
N GLU C 325 -29.32 -19.76 36.72
CA GLU C 325 -29.12 -18.57 37.57
C GLU C 325 -27.66 -18.27 37.80
N GLU C 326 -26.81 -19.29 37.83
CA GLU C 326 -25.35 -19.04 37.93
C GLU C 326 -24.83 -18.29 36.69
N VAL C 327 -25.29 -18.69 35.52
CA VAL C 327 -24.88 -18.04 34.28
C VAL C 327 -25.33 -16.58 34.30
N ILE C 328 -26.58 -16.36 34.66
CA ILE C 328 -27.13 -15.04 34.67
C ILE C 328 -26.31 -14.15 35.64
N ALA C 329 -25.97 -14.71 36.80
CA ALA C 329 -25.19 -13.96 37.80
C ALA C 329 -23.78 -13.64 37.31
N LYS C 330 -23.17 -14.59 36.59
CA LYS C 330 -21.86 -14.41 36.06
C LYS C 330 -21.83 -13.20 35.12
N TYR C 331 -22.78 -13.16 34.18
CA TYR C 331 -22.72 -12.15 33.15
C TYR C 331 -23.33 -10.80 33.51
N LYS C 332 -24.08 -10.75 34.61
CA LYS C 332 -24.74 -9.53 35.06
C LYS C 332 -23.77 -8.33 35.07
N PRO C 333 -22.59 -8.46 35.73
CA PRO C 333 -21.76 -7.25 35.76
C PRO C 333 -21.24 -6.85 34.39
N GLU C 334 -21.10 -7.83 33.50
CA GLU C 334 -20.58 -7.55 32.17
C GLU C 334 -21.57 -6.74 31.33
N TRP C 335 -22.81 -7.21 31.21
CA TRP C 335 -23.80 -6.44 30.43
C TRP C 335 -24.18 -5.16 31.14
N GLU C 336 -24.16 -5.16 32.47
CA GLU C 336 -24.48 -3.94 33.17
C GLU C 336 -23.45 -2.86 32.83
N ALA C 337 -22.19 -3.25 32.78
CA ALA C 337 -21.13 -2.29 32.40
C ALA C 337 -21.30 -1.77 30.95
N VAL C 338 -21.70 -2.65 30.02
CA VAL C 338 -22.02 -2.22 28.66
C VAL C 338 -23.15 -1.19 28.65
N VAL C 339 -24.22 -1.48 29.40
CA VAL C 339 -25.36 -0.53 29.50
C VAL C 339 -24.89 0.79 30.10
N ALA C 340 -24.10 0.73 31.15
CA ALA C 340 -23.66 1.95 31.85
C ALA C 340 -22.85 2.82 30.93
N LYS C 341 -22.07 2.23 30.06
CA LYS C 341 -21.20 3.00 29.18
C LYS C 341 -21.97 3.54 27.98
N TYR C 342 -22.76 2.69 27.34
CA TYR C 342 -23.35 3.05 26.05
C TYR C 342 -24.78 3.59 26.08
N ARG C 343 -25.60 3.18 27.05
CA ARG C 343 -26.97 3.66 27.08
C ARG C 343 -27.05 5.20 27.17
N PRO C 344 -26.22 5.87 28.00
CA PRO C 344 -26.25 7.35 27.99
C PRO C 344 -25.86 7.98 26.67
N ARG C 345 -25.13 7.25 25.84
N ARG C 345 -25.14 7.24 25.84
CA ARG C 345 -24.74 7.73 24.53
CA ARG C 345 -24.76 7.73 24.54
C ARG C 345 -25.83 7.53 23.49
C ARG C 345 -25.84 7.53 23.50
N LEU C 346 -26.82 6.69 23.79
CA LEU C 346 -27.81 6.27 22.80
C LEU C 346 -29.27 6.52 23.23
N GLU C 347 -29.48 6.91 24.49
CA GLU C 347 -30.82 7.02 25.04
C GLU C 347 -31.67 7.94 24.20
N GLY C 348 -32.87 7.45 23.85
CA GLY C 348 -33.85 8.22 23.08
C GLY C 348 -33.70 8.23 21.56
N LYS C 349 -32.60 7.70 21.05
CA LYS C 349 -32.41 7.68 19.64
C LYS C 349 -33.34 6.69 18.96
N ARG C 350 -33.75 7.03 17.75
N ARG C 350 -33.76 7.05 17.76
CA ARG C 350 -34.81 6.35 17.03
CA ARG C 350 -34.82 6.37 17.04
C ARG C 350 -34.22 5.62 15.85
C ARG C 350 -34.23 5.61 15.87
N VAL C 351 -34.67 4.38 15.68
N VAL C 351 -34.66 4.37 15.68
CA VAL C 351 -34.09 3.51 14.67
CA VAL C 351 -34.05 3.55 14.64
C VAL C 351 -35.17 3.01 13.72
C VAL C 351 -35.15 2.99 13.72
N MET C 352 -34.87 2.94 12.42
CA MET C 352 -35.72 2.20 11.47
C MET C 352 -34.97 0.97 10.95
N LEU C 353 -35.66 -0.17 10.90
CA LEU C 353 -35.05 -1.43 10.45
C LEU C 353 -35.71 -1.91 9.19
N TYR C 354 -34.94 -2.61 8.35
CA TYR C 354 -35.49 -3.38 7.25
C TYR C 354 -34.59 -4.55 6.99
N ILE C 355 -35.07 -5.76 7.26
CA ILE C 355 -34.23 -6.95 7.14
C ILE C 355 -35.05 -8.09 6.53
N GLY C 356 -34.77 -9.35 6.83
CA GLY C 356 -35.31 -10.49 6.01
C GLY C 356 -36.58 -11.13 6.55
N GLY C 357 -36.37 -11.93 7.57
CA GLY C 357 -37.42 -12.78 8.13
C GLY C 357 -37.48 -12.94 9.62
N LEU C 358 -36.49 -12.38 10.36
CA LEU C 358 -36.45 -12.59 11.79
C LEU C 358 -36.00 -11.35 12.55
N ARG C 359 -34.82 -10.86 12.18
CA ARG C 359 -34.20 -9.75 12.88
C ARG C 359 -35.02 -8.48 13.02
N PRO C 360 -35.89 -8.15 12.03
CA PRO C 360 -36.73 -6.94 12.17
C PRO C 360 -37.60 -6.90 13.41
N ARG C 361 -37.95 -8.06 13.97
CA ARG C 361 -38.54 -8.06 15.32
C ARG C 361 -37.55 -8.47 16.39
N HIS C 362 -36.64 -9.36 16.05
CA HIS C 362 -35.85 -10.03 17.10
C HIS C 362 -34.86 -9.09 17.81
N VAL C 363 -34.41 -8.05 17.11
CA VAL C 363 -33.41 -7.14 17.71
C VAL C 363 -34.01 -5.99 18.47
N ILE C 364 -35.33 -5.88 18.51
CA ILE C 364 -35.93 -4.67 19.13
C ILE C 364 -35.54 -4.62 20.62
N GLY C 365 -35.57 -5.75 21.33
CA GLY C 365 -35.26 -5.73 22.76
C GLY C 365 -33.85 -5.22 23.03
N ALA C 366 -32.90 -5.60 22.19
CA ALA C 366 -31.51 -5.14 22.33
C ALA C 366 -31.38 -3.63 22.17
N TYR C 367 -32.08 -3.06 21.21
CA TYR C 367 -32.18 -1.61 21.06
C TYR C 367 -32.77 -1.01 22.32
N GLU C 368 -33.83 -1.62 22.83
CA GLU C 368 -34.49 -1.08 24.04
C GLU C 368 -33.60 -1.14 25.28
N ASP C 369 -32.74 -2.17 25.36
CA ASP C 369 -31.73 -2.27 26.42
C ASP C 369 -30.68 -1.14 26.39
N LEU C 370 -30.62 -0.41 25.27
CA LEU C 370 -29.78 0.75 25.13
C LEU C 370 -30.58 2.08 25.11
N GLY C 371 -31.85 2.00 25.49
CA GLY C 371 -32.75 3.14 25.50
C GLY C 371 -33.19 3.64 24.16
N MET C 372 -33.00 2.85 23.11
CA MET C 372 -33.35 3.29 21.76
C MET C 372 -34.77 2.85 21.43
N GLU C 373 -35.37 3.51 20.45
CA GLU C 373 -36.75 3.22 20.06
C GLU C 373 -36.74 2.79 18.58
N VAL C 374 -37.40 1.67 18.29
CA VAL C 374 -37.60 1.21 16.93
C VAL C 374 -38.91 1.76 16.43
N VAL C 375 -38.80 2.76 15.56
CA VAL C 375 -39.96 3.54 15.13
C VAL C 375 -40.55 3.00 13.82
N GLY C 376 -39.79 2.17 13.10
CA GLY C 376 -40.27 1.51 11.91
C GLY C 376 -39.55 0.21 11.73
N THR C 377 -40.25 -0.80 11.25
CA THR C 377 -39.61 -2.06 10.94
C THR C 377 -40.33 -2.79 9.82
N GLY C 378 -39.66 -3.72 9.18
CA GLY C 378 -40.27 -4.43 8.10
C GLY C 378 -39.38 -5.53 7.63
N TYR C 379 -39.97 -6.40 6.82
CA TYR C 379 -39.28 -7.56 6.33
C TYR C 379 -39.34 -7.71 4.83
N GLU C 380 -38.29 -8.27 4.26
CA GLU C 380 -38.29 -8.67 2.85
C GLU C 380 -39.27 -9.79 2.54
N PHE C 381 -39.32 -10.83 3.37
CA PHE C 381 -39.99 -12.07 2.94
C PHE C 381 -40.73 -12.81 4.06
N ALA C 382 -41.03 -12.11 5.17
CA ALA C 382 -41.81 -12.69 6.27
C ALA C 382 -43.20 -13.09 5.87
N HIS C 383 -43.79 -14.00 6.64
CA HIS C 383 -45.19 -14.41 6.47
C HIS C 383 -46.04 -13.79 7.58
N ASN C 384 -47.37 -13.96 7.51
CA ASN C 384 -48.17 -13.34 8.55
C ASN C 384 -47.90 -13.84 9.97
N ASP C 385 -47.43 -15.07 10.11
CA ASP C 385 -47.04 -15.57 11.40
C ASP C 385 -45.86 -14.80 12.01
N ASP C 386 -44.96 -14.31 11.17
CA ASP C 386 -43.93 -13.39 11.65
C ASP C 386 -44.53 -12.03 12.07
N TYR C 387 -45.45 -11.48 11.26
CA TYR C 387 -46.10 -10.20 11.63
C TYR C 387 -46.92 -10.31 12.91
N ASP C 388 -47.52 -11.47 13.16
CA ASP C 388 -48.25 -11.71 14.43
C ASP C 388 -47.28 -11.52 15.59
N ARG C 389 -46.06 -12.02 15.42
CA ARG C 389 -45.06 -11.94 16.49
C ARG C 389 -44.45 -10.55 16.62
N THR C 390 -44.60 -9.70 15.61
CA THR C 390 -44.01 -8.41 15.54
C THR C 390 -44.89 -7.31 16.17
N MET C 391 -46.20 -7.38 15.94
CA MET C 391 -47.06 -6.27 16.37
C MET C 391 -46.98 -6.07 17.90
N LYS C 392 -46.81 -7.13 18.67
CA LYS C 392 -46.67 -6.99 20.11
C LYS C 392 -45.31 -6.43 20.54
N GLU C 393 -44.27 -6.58 19.70
CA GLU C 393 -42.91 -6.12 20.03
C GLU C 393 -42.69 -4.65 19.67
N MET C 394 -43.50 -4.12 18.79
CA MET C 394 -43.36 -2.76 18.28
C MET C 394 -44.31 -1.86 19.06
N GLY C 395 -43.95 -0.59 19.19
CA GLY C 395 -44.81 0.39 19.78
C GLY C 395 -46.07 0.73 19.02
N ASP C 396 -47.03 1.30 19.73
CA ASP C 396 -48.20 1.80 19.05
C ASP C 396 -47.88 2.89 18.03
N SER C 397 -48.58 2.90 16.89
CA SER C 397 -48.46 3.94 15.85
C SER C 397 -47.11 3.93 15.14
N THR C 398 -46.34 2.85 15.29
CA THR C 398 -45.11 2.74 14.52
C THR C 398 -45.42 2.21 13.12
N LEU C 399 -44.46 2.37 12.22
CA LEU C 399 -44.65 2.01 10.80
C LEU C 399 -44.14 0.58 10.51
N LEU C 400 -44.96 -0.21 9.84
CA LEU C 400 -44.60 -1.56 9.38
C LEU C 400 -44.67 -1.62 7.88
N TYR C 401 -43.65 -2.23 7.26
CA TYR C 401 -43.57 -2.33 5.80
C TYR C 401 -43.15 -3.75 5.38
N ASP C 402 -43.94 -4.39 4.53
CA ASP C 402 -43.63 -5.70 3.95
C ASP C 402 -43.16 -5.54 2.51
N ASP C 403 -42.03 -6.16 2.17
CA ASP C 403 -41.43 -6.09 0.82
C ASP C 403 -41.35 -4.65 0.33
N VAL C 404 -40.77 -3.82 1.19
CA VAL C 404 -40.69 -2.39 0.91
C VAL C 404 -39.99 -2.09 -0.42
N THR C 405 -40.48 -1.10 -1.13
CA THR C 405 -39.82 -0.67 -2.37
C THR C 405 -38.75 0.31 -2.02
N GLY C 406 -37.77 0.43 -2.88
CA GLY C 406 -36.74 1.43 -2.66
C GLY C 406 -37.25 2.85 -2.50
N TYR C 407 -38.20 3.21 -3.36
CA TYR C 407 -38.87 4.48 -3.27
C TYR C 407 -39.55 4.71 -1.90
N GLU C 408 -40.33 3.73 -1.47
CA GLU C 408 -41.04 3.85 -0.19
C GLU C 408 -40.05 4.06 0.95
N PHE C 409 -39.00 3.23 0.96
CA PHE C 409 -38.07 3.25 2.06
C PHE C 409 -37.44 4.64 2.14
N GLU C 410 -36.99 5.19 1.01
CA GLU C 410 -36.39 6.53 1.00
C GLU C 410 -37.37 7.58 1.50
N GLU C 411 -38.61 7.51 1.01
CA GLU C 411 -39.61 8.56 1.35
C GLU C 411 -40.03 8.48 2.81
N PHE C 412 -40.20 7.26 3.34
CA PHE C 412 -40.49 7.12 4.74
C PHE C 412 -39.37 7.67 5.65
N VAL C 413 -38.14 7.40 5.25
CA VAL C 413 -36.99 7.92 5.98
C VAL C 413 -36.94 9.45 5.93
N LYS C 414 -37.20 10.03 4.78
CA LYS C 414 -37.22 11.50 4.68
C LYS C 414 -38.20 12.14 5.66
N ARG C 415 -39.36 11.51 5.91
CA ARG C 415 -40.39 12.09 6.78
C ARG C 415 -40.07 11.79 8.22
N ILE C 416 -39.71 10.53 8.49
CA ILE C 416 -39.52 10.05 9.86
C ILE C 416 -38.19 10.56 10.49
N LYS C 417 -37.18 10.73 9.66
CA LYS C 417 -35.89 11.25 10.12
C LYS C 417 -35.37 10.44 11.32
N PRO C 418 -35.23 9.13 11.12
CA PRO C 418 -34.62 8.34 12.16
C PRO C 418 -33.18 8.77 12.45
N ASP C 419 -32.68 8.47 13.64
CA ASP C 419 -31.28 8.72 14.00
C ASP C 419 -30.33 7.66 13.45
N LEU C 420 -30.86 6.48 13.16
CA LEU C 420 -30.08 5.33 12.70
C LEU C 420 -30.98 4.45 11.87
N ILE C 421 -30.42 3.83 10.85
CA ILE C 421 -31.11 2.82 10.06
C ILE C 421 -30.28 1.54 10.10
N GLY C 422 -30.99 0.40 10.17
CA GLY C 422 -30.37 -0.89 10.19
C GLY C 422 -30.98 -1.72 9.08
N SER C 423 -30.20 -2.03 8.04
CA SER C 423 -30.69 -2.74 6.87
C SER C 423 -29.51 -3.39 6.15
N GLY C 424 -29.60 -3.57 4.83
CA GLY C 424 -28.61 -4.32 4.08
C GLY C 424 -27.69 -3.51 3.21
N ILE C 425 -26.87 -4.26 2.46
CA ILE C 425 -25.83 -3.67 1.62
C ILE C 425 -26.39 -2.81 0.50
N LYS C 426 -27.55 -3.18 -0.03
CA LYS C 426 -28.14 -2.37 -1.09
C LYS C 426 -28.79 -1.06 -0.61
N GLU C 427 -29.00 -0.97 0.68
CA GLU C 427 -29.55 0.20 1.36
C GLU C 427 -28.47 1.12 1.96
N LYS C 428 -27.39 0.56 2.44
CA LYS C 428 -26.41 1.29 3.24
C LYS C 428 -25.99 2.64 2.66
N PHE C 429 -25.55 2.64 1.42
CA PHE C 429 -24.88 3.85 0.91
C PHE C 429 -25.87 4.96 0.55
N ILE C 430 -27.11 4.58 0.29
CA ILE C 430 -28.18 5.54 0.05
C ILE C 430 -28.33 6.42 1.29
N PHE C 431 -28.50 5.79 2.43
CA PHE C 431 -28.86 6.49 3.67
C PHE C 431 -27.67 7.23 4.25
N GLN C 432 -26.47 6.69 4.05
CA GLN C 432 -25.30 7.46 4.46
C GLN C 432 -25.20 8.82 3.72
N LYS C 433 -25.50 8.81 2.45
CA LYS C 433 -25.43 10.07 1.66
C LYS C 433 -26.48 11.06 2.13
N MET C 434 -27.57 10.54 2.67
CA MET C 434 -28.59 11.35 3.30
C MET C 434 -28.21 11.89 4.68
N GLY C 435 -27.04 11.49 5.20
CA GLY C 435 -26.61 11.92 6.53
C GLY C 435 -27.20 11.14 7.65
N ILE C 436 -27.68 9.95 7.37
CA ILE C 436 -28.29 9.10 8.39
C ILE C 436 -27.34 7.94 8.68
N PRO C 437 -26.77 7.89 9.91
CA PRO C 437 -25.98 6.74 10.35
C PRO C 437 -26.65 5.41 10.00
N PHE C 438 -25.86 4.50 9.45
CA PHE C 438 -26.38 3.23 8.97
C PHE C 438 -25.56 2.06 9.50
N ARG C 439 -26.22 1.04 10.03
CA ARG C 439 -25.57 -0.21 10.39
C ARG C 439 -26.17 -1.38 9.59
N GLN C 440 -25.27 -2.15 9.00
CA GLN C 440 -25.69 -3.37 8.32
C GLN C 440 -26.18 -4.38 9.31
N MET C 441 -27.45 -4.78 9.17
CA MET C 441 -28.03 -5.72 10.12
C MET C 441 -28.22 -7.12 9.53
N HIS C 442 -27.61 -7.38 8.39
CA HIS C 442 -27.37 -8.74 7.94
C HIS C 442 -25.94 -9.17 8.28
N SER C 443 -24.96 -8.49 7.67
CA SER C 443 -23.57 -8.82 7.81
C SER C 443 -22.91 -8.26 9.05
N TRP C 444 -23.66 -7.53 9.86
CA TRP C 444 -23.12 -6.83 11.00
C TRP C 444 -22.00 -5.85 10.66
N ASP C 445 -21.94 -5.43 9.41
CA ASP C 445 -20.96 -4.46 8.96
C ASP C 445 -19.57 -4.99 9.29
N TYR C 446 -19.42 -6.31 9.14
CA TYR C 446 -18.13 -7.00 9.25
C TYR C 446 -17.61 -7.06 10.69
N SER C 447 -18.58 -6.92 11.62
CA SER C 447 -18.34 -6.93 13.04
C SER C 447 -19.15 -8.12 13.65
N GLY C 448 -19.51 -8.04 14.92
CA GLY C 448 -20.19 -9.13 15.59
C GLY C 448 -19.19 -10.09 16.22
N PRO C 449 -19.67 -11.10 16.92
CA PRO C 449 -21.11 -11.47 17.00
C PRO C 449 -21.99 -10.49 17.70
N TYR C 450 -23.29 -10.59 17.44
CA TYR C 450 -24.31 -9.83 18.21
C TYR C 450 -25.13 -10.71 19.14
N HIS C 451 -25.15 -12.03 18.97
CA HIS C 451 -25.93 -12.88 19.88
C HIS C 451 -25.27 -13.02 21.26
N GLY C 452 -26.11 -13.16 22.27
CA GLY C 452 -25.65 -13.50 23.61
C GLY C 452 -25.12 -12.30 24.36
N PHE C 453 -24.54 -12.57 25.52
CA PHE C 453 -23.96 -11.51 26.34
C PHE C 453 -22.72 -10.93 25.64
N ASP C 454 -21.85 -11.79 25.11
CA ASP C 454 -20.62 -11.29 24.46
C ASP C 454 -20.99 -10.49 23.21
N GLY C 455 -22.03 -10.92 22.50
CA GLY C 455 -22.52 -10.17 21.35
C GLY C 455 -23.10 -8.82 21.68
N PHE C 456 -23.79 -8.71 22.80
CA PHE C 456 -24.41 -7.42 23.16
C PHE C 456 -23.37 -6.31 23.33
N ALA C 457 -22.21 -6.67 23.88
CA ALA C 457 -21.13 -5.66 24.04
C ALA C 457 -20.71 -5.10 22.68
N ILE C 458 -20.58 -5.99 21.70
CA ILE C 458 -20.14 -5.58 20.35
C ILE C 458 -21.24 -4.77 19.65
N PHE C 459 -22.48 -5.25 19.78
CA PHE C 459 -23.65 -4.52 19.25
C PHE C 459 -23.69 -3.06 19.77
N ALA C 460 -23.53 -2.91 21.08
CA ALA C 460 -23.57 -1.59 21.72
C ALA C 460 -22.45 -0.71 21.21
N ARG C 461 -21.22 -1.28 21.19
CA ARG C 461 -20.06 -0.58 20.68
C ARG C 461 -20.33 -0.04 19.27
N ASP C 462 -20.91 -0.93 18.47
CA ASP C 462 -21.13 -0.66 17.08
C ASP C 462 -22.20 0.40 16.84
N MET C 463 -23.34 0.28 17.54
CA MET C 463 -24.38 1.29 17.33
C MET C 463 -23.84 2.67 17.74
N ASP C 464 -23.07 2.71 18.81
CA ASP C 464 -22.46 3.95 19.27
C ASP C 464 -21.43 4.54 18.32
N MET C 465 -20.55 3.70 17.81
CA MET C 465 -19.44 4.21 17.00
C MET C 465 -19.98 4.85 15.73
N THR C 466 -21.08 4.29 15.25
CA THR C 466 -21.70 4.79 14.04
C THR C 466 -22.67 5.94 14.31
N LEU C 467 -23.63 5.75 15.23
CA LEU C 467 -24.58 6.83 15.44
C LEU C 467 -23.86 8.13 15.87
N ASN C 468 -22.85 8.01 16.74
CA ASN C 468 -22.18 9.18 17.31
C ASN C 468 -20.90 9.59 16.59
N ASN C 469 -20.66 9.02 15.41
CA ASN C 469 -19.40 9.29 14.73
C ASN C 469 -19.24 10.75 14.36
N PRO C 470 -18.03 11.29 14.46
CA PRO C 470 -17.89 12.70 13.99
C PRO C 470 -18.19 13.01 12.52
N CYS C 471 -18.19 12.02 11.63
CA CYS C 471 -18.41 12.29 10.21
C CYS C 471 -19.80 12.87 9.98
N TRP C 472 -20.78 12.53 10.81
CA TRP C 472 -22.14 12.94 10.51
C TRP C 472 -22.41 14.43 10.70
N LYS C 473 -21.49 15.13 11.32
CA LYS C 473 -21.67 16.60 11.49
C LYS C 473 -21.06 17.34 10.31
N LYS C 474 -20.55 16.62 9.30
CA LYS C 474 -19.72 17.24 8.27
C LYS C 474 -20.31 17.22 6.87
N LEU C 475 -21.54 16.75 6.72
CA LEU C 475 -22.12 16.65 5.39
C LEU C 475 -22.39 18.01 4.75
N GLN C 476 -22.70 19.02 5.55
CA GLN C 476 -23.02 20.35 5.03
C GLN C 476 -21.73 21.20 4.92
N ALA C 477 -21.37 21.60 3.71
CA ALA C 477 -20.27 22.55 3.52
C ALA C 477 -20.56 23.86 4.28
N PRO C 478 -19.54 24.39 5.00
CA PRO C 478 -19.83 25.62 5.76
C PRO C 478 -20.14 26.84 4.92
N TRP C 479 -19.96 26.78 3.60
CA TRP C 479 -20.36 27.89 2.74
C TRP C 479 -21.75 27.73 2.12
N GLU C 480 -22.45 26.62 2.37
CA GLU C 480 -23.83 26.43 1.86
C GLU C 480 -24.90 26.47 2.97
N SER D 2 -16.71 -13.98 27.60
CA SER D 2 -16.66 -12.81 28.52
C SER D 2 -16.13 -11.62 27.77
N GLN D 3 -16.54 -10.42 28.18
CA GLN D 3 -16.01 -9.22 27.61
C GLN D 3 -15.55 -8.32 28.75
N GLN D 4 -14.48 -7.58 28.48
CA GLN D 4 -14.03 -6.45 29.34
C GLN D 4 -14.50 -5.18 28.64
N VAL D 5 -15.33 -4.39 29.31
CA VAL D 5 -16.03 -3.31 28.64
C VAL D 5 -15.11 -2.24 28.03
N ASP D 6 -13.91 -2.02 28.53
N ASP D 6 -13.89 -2.11 28.55
CA ASP D 6 -13.10 -0.98 27.90
CA ASP D 6 -12.95 -1.10 28.10
C ASP D 6 -12.21 -1.50 26.80
C ASP D 6 -12.22 -1.52 26.83
N LYS D 7 -12.27 -2.81 26.53
CA LYS D 7 -11.55 -3.38 25.37
C LYS D 7 -12.34 -4.57 24.83
N ILE D 8 -13.44 -4.22 24.19
CA ILE D 8 -14.37 -5.22 23.67
C ILE D 8 -13.72 -5.96 22.48
N LYS D 9 -13.90 -7.27 22.44
CA LYS D 9 -13.35 -8.10 21.35
C LYS D 9 -14.47 -8.50 20.40
N ALA D 10 -14.27 -8.25 19.13
CA ALA D 10 -15.09 -8.84 18.07
C ALA D 10 -14.60 -10.25 17.81
N SER D 11 -15.27 -10.94 16.88
CA SER D 11 -15.03 -12.37 16.61
C SER D 11 -13.55 -12.73 16.64
N TYR D 12 -12.75 -11.93 15.91
CA TYR D 12 -11.28 -11.97 16.09
C TYR D 12 -10.94 -10.80 17.05
N PRO D 13 -10.37 -11.00 18.26
CA PRO D 13 -9.84 -12.23 18.79
C PRO D 13 -10.71 -12.94 19.84
N LEU D 14 -11.99 -12.57 19.98
CA LEU D 14 -12.87 -13.17 21.00
C LEU D 14 -12.76 -14.70 21.08
N PHE D 15 -12.86 -15.35 19.91
CA PHE D 15 -12.98 -16.83 19.88
C PHE D 15 -11.66 -17.55 20.12
N LEU D 16 -10.55 -16.80 20.26
CA LEU D 16 -9.31 -17.35 20.80
C LEU D 16 -9.26 -17.35 22.30
N ASP D 17 -10.22 -16.75 23.01
CA ASP D 17 -10.28 -16.95 24.48
C ASP D 17 -10.33 -18.48 24.80
N GLN D 18 -9.70 -18.89 25.91
CA GLN D 18 -9.65 -20.29 26.28
C GLN D 18 -11.02 -20.97 26.36
N ASP D 19 -12.00 -20.26 26.92
CA ASP D 19 -13.32 -20.88 27.09
C ASP D 19 -13.95 -21.17 25.72
N TYR D 20 -13.83 -20.25 24.76
CA TYR D 20 -14.29 -20.54 23.42
C TYR D 20 -13.49 -21.62 22.71
N LYS D 21 -12.17 -21.61 22.86
CA LYS D 21 -11.34 -22.67 22.28
C LYS D 21 -11.76 -24.05 22.80
N ASP D 22 -11.94 -24.18 24.10
CA ASP D 22 -12.31 -25.46 24.67
C ASP D 22 -13.69 -25.88 24.17
N MET D 23 -14.62 -24.93 24.08
CA MET D 23 -15.98 -25.23 23.60
C MET D 23 -15.92 -25.76 22.17
N LEU D 24 -15.10 -25.11 21.32
CA LEU D 24 -14.99 -25.52 19.90
C LEU D 24 -14.34 -26.86 19.76
N ALA D 25 -13.38 -27.15 20.63
CA ALA D 25 -12.79 -28.47 20.65
C ALA D 25 -13.81 -29.53 21.03
N LYS D 26 -14.67 -29.24 22.03
CA LYS D 26 -15.71 -30.19 22.43
C LYS D 26 -16.75 -30.40 21.35
N LYS D 27 -17.09 -29.34 20.62
CA LYS D 27 -18.04 -29.47 19.54
C LYS D 27 -17.48 -30.42 18.46
N ARG D 28 -16.25 -30.14 18.04
CA ARG D 28 -15.57 -30.96 17.07
C ARG D 28 -15.53 -32.46 17.51
N ASP D 29 -14.98 -32.67 18.68
CA ASP D 29 -14.82 -34.05 19.15
C ASP D 29 -16.11 -34.77 19.39
N GLY D 30 -17.14 -34.07 19.88
CA GLY D 30 -18.42 -34.70 20.14
C GLY D 30 -19.24 -35.09 18.93
N PHE D 31 -19.31 -34.17 17.97
CA PHE D 31 -20.41 -34.19 17.02
C PHE D 31 -20.02 -34.06 15.57
N GLU D 32 -18.80 -33.62 15.27
CA GLU D 32 -18.46 -33.31 13.87
C GLU D 32 -17.89 -34.48 13.08
N GLU D 33 -17.45 -35.54 13.77
CA GLU D 33 -16.87 -36.72 13.11
C GLU D 33 -15.83 -36.27 12.09
N LYS D 34 -14.93 -35.44 12.56
CA LYS D 34 -13.98 -34.74 11.70
C LYS D 34 -12.83 -35.67 11.30
N TYR D 35 -12.36 -35.56 10.07
CA TYR D 35 -11.17 -36.28 9.66
C TYR D 35 -10.03 -35.90 10.63
N PRO D 36 -9.18 -36.89 11.02
CA PRO D 36 -8.01 -36.60 11.86
C PRO D 36 -7.09 -35.56 11.23
N GLN D 37 -6.49 -34.74 12.08
CA GLN D 37 -5.62 -33.69 11.62
C GLN D 37 -4.48 -34.21 10.75
N ASP D 38 -3.91 -35.40 11.04
CA ASP D 38 -2.87 -35.97 10.15
C ASP D 38 -3.37 -36.22 8.73
N LYS D 39 -4.62 -36.65 8.60
N LYS D 39 -4.62 -36.62 8.59
CA LYS D 39 -5.21 -36.87 7.29
CA LYS D 39 -5.20 -36.85 7.28
C LYS D 39 -5.48 -35.57 6.57
C LYS D 39 -5.47 -35.54 6.56
N ILE D 40 -5.96 -34.57 7.29
CA ILE D 40 -6.13 -33.25 6.72
C ILE D 40 -4.79 -32.73 6.19
N ASP D 41 -3.74 -32.83 7.01
CA ASP D 41 -2.42 -32.35 6.58
C ASP D 41 -1.93 -33.12 5.34
N GLU D 42 -2.19 -34.42 5.31
CA GLU D 42 -1.75 -35.27 4.17
C GLU D 42 -2.44 -34.82 2.91
N VAL D 43 -3.75 -34.63 3.00
CA VAL D 43 -4.50 -34.21 1.82
C VAL D 43 -4.10 -32.81 1.39
N PHE D 44 -3.98 -31.88 2.34
CA PHE D 44 -3.46 -30.51 1.99
C PHE D 44 -2.17 -30.62 1.20
N GLN D 45 -1.21 -31.37 1.74
N GLN D 45 -1.21 -31.38 1.72
CA GLN D 45 0.09 -31.44 1.06
CA GLN D 45 0.06 -31.44 1.06
C GLN D 45 -0.10 -31.97 -0.36
C GLN D 45 -0.11 -31.97 -0.37
N TRP D 46 -0.96 -32.97 -0.52
CA TRP D 46 -1.21 -33.51 -1.85
C TRP D 46 -1.78 -32.47 -2.86
N THR D 47 -2.67 -31.62 -2.36
CA THR D 47 -3.23 -30.55 -3.21
C THR D 47 -2.21 -29.52 -3.67
N THR D 48 -0.99 -29.57 -3.15
CA THR D 48 0.07 -28.67 -3.57
C THR D 48 1.01 -29.27 -4.62
N THR D 49 0.74 -30.53 -4.99
CA THR D 49 1.68 -31.31 -5.82
C THR D 49 1.43 -31.17 -7.31
N LYS D 50 2.45 -31.50 -8.09
CA LYS D 50 2.31 -31.66 -9.53
C LYS D 50 1.32 -32.75 -9.89
N GLU D 51 1.31 -33.88 -9.17
CA GLU D 51 0.33 -34.94 -9.42
C GLU D 51 -1.12 -34.43 -9.32
N TYR D 52 -1.39 -33.66 -8.29
CA TYR D 52 -2.72 -33.08 -8.12
C TYR D 52 -2.97 -32.07 -9.21
N GLN D 53 -1.97 -31.26 -9.53
CA GLN D 53 -2.15 -30.27 -10.62
C GLN D 53 -2.61 -30.94 -11.94
N GLU D 54 -1.99 -32.07 -12.27
CA GLU D 54 -2.37 -32.80 -13.50
C GLU D 54 -3.83 -33.22 -13.47
N LEU D 55 -4.27 -33.78 -12.36
CA LEU D 55 -5.67 -34.17 -12.22
C LEU D 55 -6.60 -32.94 -12.34
N ASN D 56 -6.19 -31.87 -11.66
CA ASN D 56 -6.95 -30.60 -11.64
C ASN D 56 -7.14 -30.04 -13.05
N PHE D 57 -6.09 -30.10 -13.86
CA PHE D 57 -6.13 -29.58 -15.23
C PHE D 57 -6.88 -30.51 -16.21
N GLN D 58 -7.19 -31.73 -15.78
CA GLN D 58 -8.06 -32.66 -16.56
C GLN D 58 -9.56 -32.40 -16.37
N ARG D 59 -9.93 -31.50 -15.46
CA ARG D 59 -11.37 -31.21 -15.28
C ARG D 59 -12.01 -30.82 -16.57
N GLU D 60 -13.19 -31.38 -16.82
CA GLU D 60 -14.05 -31.02 -17.95
C GLU D 60 -15.42 -30.48 -17.54
N ALA D 61 -15.93 -30.89 -16.39
CA ALA D 61 -17.31 -30.58 -15.98
C ALA D 61 -17.39 -29.61 -14.79
N LEU D 62 -16.46 -29.78 -13.85
CA LEU D 62 -16.44 -29.01 -12.62
C LEU D 62 -15.63 -27.72 -12.79
N THR D 63 -16.21 -26.64 -12.32
CA THR D 63 -15.50 -25.34 -12.18
C THR D 63 -15.44 -25.00 -10.71
N VAL D 64 -14.28 -24.52 -10.26
CA VAL D 64 -14.07 -24.17 -8.87
C VAL D 64 -13.43 -22.79 -8.82
N ASN D 65 -14.08 -21.87 -8.12
CA ASN D 65 -13.56 -20.53 -7.93
C ASN D 65 -13.32 -19.81 -9.28
N PRO D 66 -14.39 -19.64 -10.05
CA PRO D 66 -14.27 -18.92 -11.31
C PRO D 66 -13.75 -17.50 -11.15
N ALA D 67 -13.21 -17.02 -12.28
CA ALA D 67 -12.76 -15.65 -12.42
C ALA D 67 -13.52 -14.97 -13.54
N LYS D 68 -14.84 -15.05 -13.42
CA LYS D 68 -15.75 -14.37 -14.34
C LYS D 68 -17.13 -14.36 -13.71
N ALA D 69 -18.02 -13.53 -14.26
CA ALA D 69 -19.43 -13.47 -13.87
C ALA D 69 -20.31 -13.60 -15.10
N CYS D 70 -21.61 -13.29 -14.99
CA CYS D 70 -22.55 -13.55 -16.07
C CYS D 70 -22.94 -12.28 -16.79
N GLN D 71 -23.41 -12.45 -18.01
CA GLN D 71 -23.73 -11.34 -18.90
C GLN D 71 -24.49 -10.13 -18.30
N PRO D 72 -25.62 -10.35 -17.64
CA PRO D 72 -26.40 -9.18 -17.25
C PRO D 72 -25.68 -8.25 -16.28
N LEU D 73 -24.72 -8.76 -15.49
CA LEU D 73 -23.90 -7.86 -14.68
C LEU D 73 -23.27 -6.74 -15.57
N GLY D 74 -22.67 -7.14 -16.70
CA GLY D 74 -22.08 -6.16 -17.62
C GLY D 74 -23.10 -5.27 -18.28
N ALA D 75 -24.28 -5.81 -18.63
CA ALA D 75 -25.33 -4.97 -19.20
C ALA D 75 -25.74 -3.84 -18.20
N VAL D 76 -25.87 -4.18 -16.94
CA VAL D 76 -26.22 -3.24 -15.91
C VAL D 76 -25.14 -2.15 -15.81
N LEU D 77 -23.85 -2.53 -15.75
CA LEU D 77 -22.81 -1.52 -15.68
C LEU D 77 -22.84 -0.60 -16.90
N CYS D 78 -23.03 -1.18 -18.08
CA CYS D 78 -23.11 -0.39 -19.31
C CYS D 78 -24.23 0.64 -19.23
N ALA D 79 -25.40 0.16 -18.82
CA ALA D 79 -26.59 0.98 -18.71
C ALA D 79 -26.44 2.12 -17.72
N LEU D 80 -25.75 1.90 -16.61
CA LEU D 80 -25.53 2.92 -15.59
C LEU D 80 -24.77 4.10 -16.15
N GLY D 81 -24.04 3.94 -17.26
CA GLY D 81 -23.26 5.01 -17.86
C GLY D 81 -24.02 6.00 -18.71
N PHE D 82 -25.33 5.87 -18.76
CA PHE D 82 -26.17 6.74 -19.58
C PHE D 82 -27.01 7.64 -18.69
N GLU D 83 -27.18 8.89 -19.17
CA GLU D 83 -27.82 9.91 -18.36
C GLU D 83 -29.25 9.49 -17.97
N LYS D 84 -29.53 9.64 -16.67
CA LYS D 84 -30.84 9.35 -16.10
C LYS D 84 -31.42 8.02 -16.61
N THR D 85 -30.57 7.00 -16.69
CA THR D 85 -30.96 5.71 -17.18
C THR D 85 -31.09 4.70 -16.07
N MET D 86 -32.21 3.97 -16.06
CA MET D 86 -32.44 2.85 -15.15
C MET D 86 -32.08 1.55 -15.85
N PRO D 87 -31.08 0.81 -15.35
CA PRO D 87 -30.92 -0.58 -15.78
C PRO D 87 -32.13 -1.39 -15.33
N TYR D 88 -32.60 -2.22 -16.25
CA TYR D 88 -33.81 -3.02 -16.06
C TYR D 88 -33.52 -4.40 -16.61
N VAL D 89 -33.61 -5.43 -15.74
CA VAL D 89 -33.31 -6.74 -16.18
C VAL D 89 -34.61 -7.53 -16.20
N HIS D 90 -35.03 -7.88 -17.40
CA HIS D 90 -36.25 -8.69 -17.59
C HIS D 90 -35.97 -10.12 -17.16
N GLY D 91 -36.81 -10.65 -16.27
CA GLY D 91 -36.64 -12.00 -15.70
C GLY D 91 -36.79 -12.00 -14.20
N SER D 92 -35.89 -12.74 -13.56
CA SER D 92 -35.99 -13.09 -12.15
C SER D 92 -35.35 -12.10 -11.24
N GLN D 93 -36.03 -11.77 -10.15
CA GLN D 93 -35.49 -10.68 -9.30
C GLN D 93 -34.26 -11.04 -8.48
N GLY D 94 -34.06 -12.31 -8.20
CA GLY D 94 -32.91 -12.76 -7.41
C GLY D 94 -31.64 -12.24 -8.04
N CYS D 95 -31.63 -12.24 -9.36
CA CYS D 95 -30.44 -11.82 -10.11
C CYS D 95 -30.06 -10.40 -9.81
N VAL D 96 -31.07 -9.52 -9.80
CA VAL D 96 -30.83 -8.08 -9.57
C VAL D 96 -30.37 -7.79 -8.16
N ALA D 97 -30.85 -8.53 -7.18
CA ALA D 97 -30.32 -8.37 -5.78
C ALA D 97 -28.81 -8.64 -5.78
N TYR D 98 -28.42 -9.67 -6.52
CA TYR D 98 -27.01 -10.01 -6.61
C TYR D 98 -26.17 -9.01 -7.40
N PHE D 99 -26.68 -8.53 -8.54
CA PHE D 99 -25.92 -7.57 -9.38
C PHE D 99 -25.65 -6.31 -8.56
N ARG D 100 -26.70 -5.83 -7.89
CA ARG D 100 -26.61 -4.59 -7.10
C ARG D 100 -25.60 -4.76 -6.00
N SER D 101 -25.73 -5.83 -5.21
N SER D 101 -25.72 -5.84 -5.24
CA SER D 101 -24.82 -6.09 -4.07
CA SER D 101 -24.82 -5.99 -4.10
C SER D 101 -23.35 -6.23 -4.50
C SER D 101 -23.36 -6.21 -4.49
N TYR D 102 -23.13 -6.90 -5.61
CA TYR D 102 -21.78 -7.11 -6.12
C TYR D 102 -21.13 -5.80 -6.43
N PHE D 103 -21.81 -4.94 -7.15
CA PHE D 103 -21.26 -3.61 -7.39
C PHE D 103 -21.26 -2.73 -6.12
N ASN D 104 -22.26 -2.84 -5.26
CA ASN D 104 -22.28 -2.05 -4.03
C ASN D 104 -20.96 -2.30 -3.27
N ARG D 105 -20.58 -3.55 -3.19
CA ARG D 105 -19.40 -3.95 -2.39
C ARG D 105 -18.08 -3.43 -2.98
N HIS D 106 -18.03 -3.33 -4.31
CA HIS D 106 -16.82 -2.86 -5.00
C HIS D 106 -16.69 -1.36 -5.00
N PHE D 107 -17.79 -0.66 -5.28
CA PHE D 107 -17.76 0.82 -5.35
C PHE D 107 -18.03 1.50 -4.04
N ARG D 108 -18.61 0.76 -3.08
CA ARG D 108 -19.11 1.35 -1.81
C ARG D 108 -20.04 2.52 -2.12
N GLU D 109 -20.99 2.24 -3.02
CA GLU D 109 -21.97 3.25 -3.51
C GLU D 109 -23.29 2.57 -3.74
N PRO D 110 -24.37 3.34 -3.76
CA PRO D 110 -25.66 2.76 -4.22
C PRO D 110 -25.55 2.31 -5.66
N VAL D 111 -26.33 1.29 -6.02
CA VAL D 111 -26.37 0.77 -7.39
C VAL D 111 -27.83 0.51 -7.68
N SER D 112 -28.38 1.32 -8.56
CA SER D 112 -29.82 1.27 -8.88
C SER D 112 -30.07 0.39 -10.13
N CYS D 113 -31.02 -0.54 -9.99
CA CYS D 113 -31.35 -1.49 -11.04
C CYS D 113 -32.70 -2.08 -10.66
N VAL D 114 -33.58 -2.31 -11.62
CA VAL D 114 -34.86 -2.99 -11.32
C VAL D 114 -34.97 -4.31 -12.07
N SER D 115 -35.92 -5.11 -11.59
CA SER D 115 -36.35 -6.39 -12.16
C SER D 115 -37.80 -6.20 -12.54
N ASP D 116 -38.33 -7.05 -13.43
CA ASP D 116 -39.79 -7.15 -13.57
C ASP D 116 -40.36 -8.42 -12.98
N SER D 117 -39.59 -9.07 -12.12
CA SER D 117 -40.08 -10.06 -11.18
C SER D 117 -40.91 -11.14 -11.79
N MET D 118 -40.37 -11.76 -12.84
CA MET D 118 -41.03 -12.94 -13.40
C MET D 118 -40.96 -14.11 -12.42
N THR D 119 -42.05 -14.85 -12.33
CA THR D 119 -42.16 -16.00 -11.47
C THR D 119 -42.46 -17.26 -12.28
N GLU D 120 -42.65 -18.37 -11.59
CA GLU D 120 -42.86 -19.64 -12.25
C GLU D 120 -44.06 -19.59 -13.23
N ASP D 121 -45.05 -18.79 -12.89
CA ASP D 121 -46.23 -18.70 -13.71
C ASP D 121 -45.92 -18.24 -15.13
N ALA D 122 -44.92 -17.37 -15.28
CA ALA D 122 -44.51 -16.91 -16.60
C ALA D 122 -44.00 -18.02 -17.56
N ALA D 123 -43.72 -19.23 -17.08
CA ALA D 123 -43.37 -20.32 -17.96
C ALA D 123 -44.53 -20.79 -18.87
N VAL D 124 -45.77 -20.48 -18.51
CA VAL D 124 -46.90 -20.87 -19.36
C VAL D 124 -47.01 -19.90 -20.50
N PHE D 125 -47.08 -18.63 -20.09
CA PHE D 125 -47.62 -17.59 -20.82
C PHE D 125 -46.55 -16.59 -21.23
N GLY D 126 -45.27 -16.74 -20.82
CA GLY D 126 -44.20 -15.75 -21.08
C GLY D 126 -44.24 -14.51 -20.18
N GLY D 127 -43.25 -13.62 -20.32
CA GLY D 127 -43.12 -12.46 -19.47
C GLY D 127 -43.66 -11.16 -20.04
N GLN D 128 -44.60 -11.19 -20.99
CA GLN D 128 -45.10 -9.95 -21.59
C GLN D 128 -45.77 -9.02 -20.56
N GLN D 129 -46.61 -9.55 -19.69
CA GLN D 129 -47.28 -8.69 -18.75
C GLN D 129 -46.33 -8.09 -17.72
N ASN D 130 -45.34 -8.87 -17.29
CA ASN D 130 -44.28 -8.32 -16.45
C ASN D 130 -43.61 -7.13 -17.10
N MET D 131 -43.37 -7.21 -18.41
CA MET D 131 -42.73 -6.08 -19.11
C MET D 131 -43.61 -4.83 -19.13
N LYS D 132 -44.89 -5.03 -19.44
CA LYS D 132 -45.84 -3.94 -19.53
C LYS D 132 -45.94 -3.23 -18.18
N ASP D 133 -46.27 -3.95 -17.12
CA ASP D 133 -46.39 -3.30 -15.81
C ASP D 133 -45.02 -2.86 -15.27
N GLY D 134 -43.98 -3.64 -15.56
CA GLY D 134 -42.60 -3.29 -15.08
C GLY D 134 -42.14 -1.93 -15.65
N LEU D 135 -42.29 -1.79 -16.95
CA LEU D 135 -41.92 -0.52 -17.62
C LEU D 135 -42.76 0.60 -17.05
N GLN D 136 -44.08 0.42 -16.94
CA GLN D 136 -44.92 1.51 -16.45
C GLN D 136 -44.54 1.91 -15.03
N ASN D 137 -44.38 0.90 -14.19
CA ASN D 137 -44.09 1.10 -12.79
C ASN D 137 -42.73 1.78 -12.58
N CYS D 138 -41.74 1.31 -13.30
CA CYS D 138 -40.38 1.84 -13.17
C CYS D 138 -40.35 3.30 -13.62
N LYS D 139 -40.97 3.59 -14.76
CA LYS D 139 -41.03 4.97 -15.25
C LYS D 139 -41.70 5.90 -14.27
N ALA D 140 -42.86 5.50 -13.75
CA ALA D 140 -43.58 6.34 -12.80
C ALA D 140 -42.86 6.53 -11.50
N THR D 141 -42.25 5.48 -10.98
CA THR D 141 -41.73 5.53 -9.63
C THR D 141 -40.35 6.19 -9.55
N TYR D 142 -39.45 5.80 -10.44
CA TYR D 142 -38.04 6.23 -10.41
C TYR D 142 -37.74 7.30 -11.44
N LYS D 143 -38.70 7.63 -12.31
CA LYS D 143 -38.56 8.78 -13.23
C LYS D 143 -37.25 8.83 -14.03
N PRO D 144 -36.82 7.69 -14.58
CA PRO D 144 -35.70 7.73 -15.49
C PRO D 144 -36.07 8.37 -16.83
N ASP D 145 -35.09 8.88 -17.55
CA ASP D 145 -35.32 9.34 -18.96
C ASP D 145 -35.16 8.23 -20.01
N MET D 146 -34.60 7.10 -19.60
CA MET D 146 -34.38 5.96 -20.45
C MET D 146 -34.36 4.72 -19.56
N ILE D 147 -34.89 3.63 -20.07
CA ILE D 147 -34.83 2.33 -19.41
C ILE D 147 -34.10 1.40 -20.36
N ALA D 148 -33.01 0.80 -19.88
CA ALA D 148 -32.15 -0.07 -20.70
C ALA D 148 -32.34 -1.51 -20.25
N VAL D 149 -32.89 -2.34 -21.15
CA VAL D 149 -33.43 -3.65 -20.79
C VAL D 149 -32.47 -4.75 -21.19
N SER D 150 -32.14 -5.61 -20.22
CA SER D 150 -31.37 -6.83 -20.44
C SER D 150 -32.20 -8.02 -19.93
N THR D 151 -31.61 -9.21 -19.90
CA THR D 151 -32.33 -10.43 -19.47
C THR D 151 -31.57 -11.32 -18.50
N THR D 152 -32.37 -12.02 -17.69
CA THR D 152 -31.85 -13.09 -16.86
C THR D 152 -32.07 -14.43 -17.57
N CYS D 153 -31.48 -15.47 -17.01
CA CYS D 153 -31.40 -16.70 -17.79
C CYS D 153 -32.81 -17.37 -17.92
N MET D 154 -33.67 -17.18 -16.93
N MET D 154 -33.76 -17.19 -17.00
CA MET D 154 -35.06 -17.68 -17.05
CA MET D 154 -35.07 -17.83 -17.23
C MET D 154 -35.75 -17.14 -18.28
C MET D 154 -35.73 -17.16 -18.43
N ALA D 155 -35.62 -15.84 -18.51
CA ALA D 155 -36.26 -15.17 -19.63
C ALA D 155 -35.67 -15.68 -20.95
N GLU D 156 -34.38 -15.92 -20.98
CA GLU D 156 -33.73 -16.48 -22.18
C GLU D 156 -34.19 -17.93 -22.41
N VAL D 157 -34.25 -18.77 -21.38
CA VAL D 157 -34.63 -20.15 -21.60
C VAL D 157 -36.11 -20.26 -22.06
N ILE D 158 -37.01 -19.48 -21.48
CA ILE D 158 -38.39 -19.57 -21.93
C ILE D 158 -38.59 -18.86 -23.28
N GLY D 159 -37.63 -18.08 -23.72
CA GLY D 159 -37.63 -17.48 -25.06
C GLY D 159 -38.40 -16.18 -25.29
N ASP D 160 -38.52 -15.32 -24.26
CA ASP D 160 -39.25 -14.09 -24.37
C ASP D 160 -38.61 -13.19 -25.44
N ASP D 161 -39.43 -12.65 -26.33
CA ASP D 161 -38.96 -11.77 -27.41
C ASP D 161 -39.01 -10.34 -26.88
N LEU D 162 -37.87 -9.84 -26.40
CA LEU D 162 -37.81 -8.48 -25.84
C LEU D 162 -38.37 -7.41 -26.78
N ASN D 163 -37.91 -7.44 -28.02
CA ASN D 163 -38.36 -6.48 -28.99
C ASN D 163 -39.88 -6.47 -29.07
N ALA D 164 -40.50 -7.63 -29.27
CA ALA D 164 -41.95 -7.69 -29.36
C ALA D 164 -42.63 -7.22 -28.06
N PHE D 165 -42.06 -7.57 -26.90
CA PHE D 165 -42.70 -7.20 -25.65
C PHE D 165 -42.64 -5.70 -25.41
N ILE D 166 -41.51 -5.09 -25.77
CA ILE D 166 -41.40 -3.66 -25.59
C ILE D 166 -42.33 -2.94 -26.53
N ASN D 167 -42.34 -3.35 -27.79
CA ASN D 167 -43.25 -2.77 -28.81
C ASN D 167 -44.70 -2.86 -28.35
N ASN D 168 -45.09 -4.01 -27.79
CA ASN D 168 -46.47 -4.17 -27.33
C ASN D 168 -46.75 -3.31 -26.12
N SER D 169 -45.72 -3.05 -25.31
CA SER D 169 -45.87 -2.19 -24.17
C SER D 169 -46.19 -0.77 -24.59
N LYS D 170 -45.52 -0.33 -25.64
CA LYS D 170 -45.77 1.00 -26.21
C LYS D 170 -47.14 1.02 -26.95
N LYS D 171 -47.41 -0.02 -27.73
CA LYS D 171 -48.70 -0.11 -28.48
C LYS D 171 -49.88 0.02 -27.51
N GLU D 172 -49.80 -0.63 -26.34
CA GLU D 172 -50.91 -0.64 -25.40
C GLU D 172 -50.86 0.46 -24.35
N GLY D 173 -49.94 1.42 -24.49
CA GLY D 173 -49.93 2.64 -23.67
C GLY D 173 -49.29 2.56 -22.30
N PHE D 174 -48.54 1.47 -22.03
CA PHE D 174 -47.83 1.33 -20.76
C PHE D 174 -46.66 2.29 -20.60
N ILE D 175 -46.03 2.66 -21.69
CA ILE D 175 -45.07 3.76 -21.68
C ILE D 175 -45.17 4.49 -23.02
N PRO D 176 -44.73 5.75 -23.07
CA PRO D 176 -44.91 6.51 -24.30
C PRO D 176 -44.12 5.94 -25.47
N ASP D 177 -44.66 6.11 -26.69
CA ASP D 177 -44.00 5.62 -27.89
C ASP D 177 -42.59 6.15 -28.05
N GLU D 178 -42.40 7.39 -27.65
CA GLU D 178 -41.13 8.09 -27.84
C GLU D 178 -40.15 7.80 -26.69
N PHE D 179 -40.60 7.15 -25.63
CA PHE D 179 -39.73 6.94 -24.49
C PHE D 179 -38.66 5.91 -24.86
N PRO D 180 -37.38 6.21 -24.63
CA PRO D 180 -36.34 5.27 -25.09
C PRO D 180 -36.21 4.01 -24.25
N VAL D 181 -36.39 2.85 -24.91
CA VAL D 181 -36.26 1.55 -24.30
C VAL D 181 -35.35 0.67 -25.15
N PRO D 182 -34.05 1.00 -25.17
CA PRO D 182 -33.13 0.09 -25.83
C PRO D 182 -33.03 -1.24 -25.11
N PHE D 183 -32.63 -2.30 -25.83
CA PHE D 183 -32.64 -3.64 -25.21
C PHE D 183 -31.55 -4.53 -25.76
N ALA D 184 -31.22 -5.58 -25.00
CA ALA D 184 -30.32 -6.59 -25.47
C ALA D 184 -30.62 -7.88 -24.75
N HIS D 185 -30.58 -8.97 -25.49
CA HIS D 185 -30.56 -10.31 -24.92
C HIS D 185 -29.19 -10.61 -24.31
N THR D 186 -29.18 -11.08 -23.06
CA THR D 186 -27.94 -11.23 -22.32
C THR D 186 -27.91 -12.58 -21.60
N PRO D 187 -27.83 -13.68 -22.35
CA PRO D 187 -27.84 -15.01 -21.72
C PRO D 187 -26.60 -15.30 -20.89
N SER D 188 -26.79 -15.68 -19.61
CA SER D 188 -25.69 -15.96 -18.71
C SER D 188 -24.87 -17.15 -19.09
N PHE D 189 -25.44 -18.02 -19.92
CA PHE D 189 -24.75 -19.25 -20.31
C PHE D 189 -23.96 -19.06 -21.62
N VAL D 190 -23.85 -17.82 -22.10
CA VAL D 190 -22.92 -17.49 -23.19
C VAL D 190 -21.92 -16.46 -22.70
N GLY D 191 -20.65 -16.69 -23.01
CA GLY D 191 -19.60 -15.75 -22.63
C GLY D 191 -19.54 -15.41 -21.14
N SER D 192 -19.52 -14.13 -20.84
CA SER D 192 -19.38 -13.64 -19.45
C SER D 192 -19.92 -12.23 -19.30
N HIS D 193 -19.71 -11.64 -18.15
CA HIS D 193 -20.13 -10.30 -17.90
C HIS D 193 -19.67 -9.32 -18.96
N VAL D 194 -18.48 -9.49 -19.55
CA VAL D 194 -18.03 -8.53 -20.54
C VAL D 194 -18.87 -8.60 -21.83
N THR D 195 -19.31 -9.81 -22.17
CA THR D 195 -20.22 -10.02 -23.31
C THR D 195 -21.52 -9.29 -23.10
N GLY D 196 -22.04 -9.28 -21.88
CA GLY D 196 -23.28 -8.55 -21.57
C GLY D 196 -23.10 -7.06 -21.79
N TRP D 197 -21.90 -6.56 -21.49
CA TRP D 197 -21.59 -5.14 -21.70
C TRP D 197 -21.63 -4.82 -23.20
N ASP D 198 -20.90 -5.61 -24.01
CA ASP D 198 -20.92 -5.49 -25.47
C ASP D 198 -22.37 -5.52 -26.02
N ASN D 199 -23.12 -6.53 -25.60
CA ASN D 199 -24.50 -6.70 -26.10
C ASN D 199 -25.37 -5.53 -25.75
N MET D 200 -25.27 -5.06 -24.51
CA MET D 200 -26.06 -3.89 -24.09
C MET D 200 -25.68 -2.64 -24.86
N PHE D 201 -24.39 -2.40 -24.97
CA PHE D 201 -23.93 -1.19 -25.66
C PHE D 201 -24.40 -1.22 -27.11
N GLU D 202 -24.23 -2.34 -27.78
CA GLU D 202 -24.65 -2.43 -29.20
C GLU D 202 -26.15 -2.21 -29.32
N GLY D 203 -26.93 -2.71 -28.37
CA GLY D 203 -28.37 -2.48 -28.34
C GLY D 203 -28.73 -1.01 -28.20
N ILE D 204 -28.00 -0.29 -27.36
CA ILE D 204 -28.23 1.15 -27.14
C ILE D 204 -27.81 1.92 -28.37
N ALA D 205 -26.68 1.54 -28.95
CA ALA D 205 -26.19 2.18 -30.16
C ALA D 205 -27.19 2.02 -31.32
N ARG D 206 -27.71 0.82 -31.53
CA ARG D 206 -28.70 0.56 -32.58
C ARG D 206 -29.94 1.37 -32.31
N TYR D 207 -30.41 1.40 -31.06
CA TYR D 207 -31.64 2.10 -30.71
C TYR D 207 -31.65 3.56 -31.21
N PHE D 208 -30.54 4.25 -30.97
CA PHE D 208 -30.45 5.67 -31.27
C PHE D 208 -30.00 6.00 -32.68
N THR D 209 -29.58 5.02 -33.46
CA THR D 209 -28.92 5.34 -34.75
C THR D 209 -29.36 4.53 -35.98
N LEU D 210 -29.86 3.32 -35.80
CA LEU D 210 -30.06 2.44 -36.97
C LEU D 210 -31.02 3.05 -37.99
N LYS D 211 -32.09 3.66 -37.49
CA LYS D 211 -33.19 4.17 -38.34
C LYS D 211 -32.99 5.64 -38.79
N SER D 212 -31.94 6.31 -38.35
CA SER D 212 -31.74 7.70 -38.69
C SER D 212 -30.40 7.92 -39.38
N MET D 213 -29.90 6.93 -40.07
CA MET D 213 -28.60 7.02 -40.71
C MET D 213 -28.55 7.96 -41.94
N ASP D 214 -29.71 8.20 -42.56
CA ASP D 214 -29.77 9.02 -43.78
C ASP D 214 -29.09 10.35 -43.68
N ASP D 215 -29.24 11.06 -42.57
CA ASP D 215 -28.69 12.40 -42.49
C ASP D 215 -27.24 12.47 -41.93
N LYS D 216 -26.58 11.33 -41.74
CA LYS D 216 -25.29 11.31 -41.05
C LYS D 216 -24.14 11.43 -42.03
N VAL D 217 -23.14 12.21 -41.69
CA VAL D 217 -21.92 12.34 -42.47
C VAL D 217 -20.74 12.07 -41.52
N VAL D 218 -19.92 11.08 -41.83
CA VAL D 218 -18.74 10.76 -41.00
C VAL D 218 -17.84 11.98 -40.92
N GLY D 219 -17.40 12.31 -39.72
CA GLY D 219 -16.51 13.44 -39.46
C GLY D 219 -17.16 14.79 -39.26
N SER D 220 -18.46 14.90 -39.54
CA SER D 220 -19.11 16.22 -39.48
C SER D 220 -19.18 16.88 -38.13
N ASN D 221 -19.11 16.11 -37.03
CA ASN D 221 -19.08 16.73 -35.70
C ASN D 221 -17.67 16.93 -35.13
N LYS D 222 -16.66 16.47 -35.86
CA LYS D 222 -15.24 16.71 -35.54
C LYS D 222 -14.81 16.08 -34.20
N LYS D 223 -15.56 15.08 -33.74
CA LYS D 223 -15.28 14.38 -32.47
C LYS D 223 -14.82 12.96 -32.71
N ILE D 224 -14.17 12.36 -31.71
CA ILE D 224 -13.90 10.93 -31.70
C ILE D 224 -14.79 10.26 -30.64
N ASN D 225 -15.51 9.22 -31.00
CA ASN D 225 -16.25 8.46 -29.97
C ASN D 225 -15.27 7.57 -29.22
N ILE D 226 -15.49 7.42 -27.92
CA ILE D 226 -14.68 6.51 -27.09
C ILE D 226 -15.65 5.56 -26.40
N VAL D 227 -15.44 4.26 -26.56
CA VAL D 227 -16.28 3.21 -25.93
C VAL D 227 -15.36 2.49 -24.92
N PRO D 228 -15.68 2.63 -23.62
CA PRO D 228 -14.70 2.15 -22.63
C PRO D 228 -14.79 0.65 -22.33
N GLY D 229 -15.92 0.02 -22.63
CA GLY D 229 -16.18 -1.33 -22.14
C GLY D 229 -16.38 -1.39 -20.64
N PHE D 230 -16.44 -2.62 -20.14
CA PHE D 230 -16.65 -2.97 -18.73
C PHE D 230 -15.44 -2.48 -17.96
N GLU D 231 -15.67 -1.48 -17.10
CA GLU D 231 -14.60 -0.73 -16.46
C GLU D 231 -15.03 -0.39 -15.08
N THR D 232 -14.23 -0.80 -14.09
CA THR D 232 -14.64 -0.63 -12.68
C THR D 232 -13.63 0.17 -11.86
N TYR D 233 -12.72 0.88 -12.54
CA TYR D 233 -11.89 1.94 -11.94
C TYR D 233 -12.36 3.31 -12.40
N LEU D 234 -12.78 4.15 -11.45
CA LEU D 234 -13.21 5.50 -11.76
C LEU D 234 -12.05 6.26 -12.42
N GLY D 235 -10.82 6.00 -12.01
CA GLY D 235 -9.68 6.72 -12.56
C GLY D 235 -9.50 6.49 -14.06
N ASN D 236 -10.01 5.39 -14.57
CA ASN D 236 -9.88 5.06 -15.97
C ASN D 236 -10.83 5.86 -16.85
N PHE D 237 -12.07 6.09 -16.44
CA PHE D 237 -12.91 7.03 -17.19
C PHE D 237 -12.29 8.42 -17.15
N ARG D 238 -11.81 8.81 -15.97
CA ARG D 238 -11.30 10.16 -15.75
C ARG D 238 -10.03 10.41 -16.54
N VAL D 239 -9.08 9.45 -16.57
CA VAL D 239 -7.82 9.71 -17.26
C VAL D 239 -7.99 9.87 -18.77
N ILE D 240 -8.89 9.09 -19.36
CA ILE D 240 -9.10 9.15 -20.77
C ILE D 240 -9.69 10.54 -21.09
N LYS D 241 -10.71 10.96 -20.35
CA LYS D 241 -11.26 12.30 -20.55
C LYS D 241 -10.22 13.42 -20.33
N ARG D 242 -9.41 13.26 -19.32
CA ARG D 242 -8.36 14.25 -19.03
C ARG D 242 -7.35 14.36 -20.17
N MET D 243 -6.91 13.22 -20.68
N MET D 243 -6.90 13.22 -20.68
CA MET D 243 -5.91 13.24 -21.74
CA MET D 243 -5.89 13.23 -21.73
C MET D 243 -6.47 13.86 -23.00
C MET D 243 -6.46 13.86 -23.01
N LEU D 244 -7.68 13.46 -23.38
CA LEU D 244 -8.29 14.02 -24.58
C LEU D 244 -8.52 15.52 -24.43
N SER D 245 -8.97 15.97 -23.27
CA SER D 245 -9.15 17.42 -23.05
C SER D 245 -7.85 18.20 -23.14
N GLU D 246 -6.79 17.66 -22.57
N GLU D 246 -6.78 17.65 -22.58
CA GLU D 246 -5.45 18.28 -22.59
CA GLU D 246 -5.46 18.29 -22.60
C GLU D 246 -4.93 18.42 -24.02
C GLU D 246 -4.94 18.47 -23.99
N MET D 247 -5.31 17.47 -24.88
N MET D 247 -5.34 17.53 -24.85
CA MET D 247 -4.89 17.47 -26.25
CA MET D 247 -4.90 17.47 -26.22
C MET D 247 -5.78 18.31 -27.15
C MET D 247 -5.79 18.31 -27.13
N GLY D 248 -6.88 18.83 -26.59
CA GLY D 248 -7.80 19.67 -27.36
C GLY D 248 -8.61 18.87 -28.36
N VAL D 249 -8.84 17.58 -28.06
CA VAL D 249 -9.55 16.66 -28.93
C VAL D 249 -11.01 16.61 -28.55
N GLY D 250 -11.88 16.82 -29.51
CA GLY D 250 -13.30 16.70 -29.31
C GLY D 250 -13.62 15.22 -29.18
N TYR D 251 -14.42 14.89 -28.18
CA TYR D 251 -14.73 13.47 -27.94
C TYR D 251 -16.11 13.29 -27.33
N SER D 252 -16.62 12.07 -27.39
CA SER D 252 -17.83 11.65 -26.69
C SER D 252 -17.53 10.29 -26.08
N LEU D 253 -17.56 10.25 -24.77
CA LEU D 253 -17.32 9.00 -24.02
C LEU D 253 -18.69 8.34 -23.90
N LEU D 254 -18.84 7.20 -24.57
CA LEU D 254 -20.13 6.51 -24.70
C LEU D 254 -20.21 5.37 -23.66
N SER D 255 -21.06 5.63 -22.66
CA SER D 255 -21.20 4.90 -21.37
C SER D 255 -20.18 5.42 -20.37
N ASP D 256 -20.62 6.34 -19.52
CA ASP D 256 -19.73 7.03 -18.61
C ASP D 256 -20.39 7.09 -17.24
N PRO D 257 -20.14 6.08 -16.40
CA PRO D 257 -20.76 6.03 -15.09
C PRO D 257 -19.97 6.72 -13.99
N GLU D 258 -18.95 7.53 -14.32
CA GLU D 258 -18.07 7.96 -13.26
C GLU D 258 -18.76 8.90 -12.30
N GLU D 259 -19.75 9.65 -12.74
CA GLU D 259 -20.46 10.49 -11.79
C GLU D 259 -21.41 9.69 -10.86
N VAL D 260 -22.18 8.78 -11.44
CA VAL D 260 -23.16 8.01 -10.68
C VAL D 260 -22.56 7.00 -9.72
N LEU D 261 -21.30 6.65 -9.94
CA LEU D 261 -20.56 5.79 -9.05
C LEU D 261 -19.66 6.58 -8.10
N ASP D 262 -19.91 7.87 -7.95
CA ASP D 262 -19.07 8.69 -7.05
C ASP D 262 -19.78 9.98 -6.66
N THR D 263 -21.03 9.85 -6.25
CA THR D 263 -21.77 11.01 -5.79
C THR D 263 -21.28 11.46 -4.42
N PRO D 264 -21.34 12.77 -4.13
CA PRO D 264 -20.91 13.24 -2.84
C PRO D 264 -21.88 12.92 -1.71
N ALA D 265 -21.36 12.75 -0.48
CA ALA D 265 -22.22 12.57 0.72
C ALA D 265 -22.49 13.96 1.29
N ASP D 266 -23.52 14.62 0.77
CA ASP D 266 -23.85 16.01 1.17
C ASP D 266 -25.28 16.18 1.69
N GLY D 267 -25.93 15.09 2.06
CA GLY D 267 -27.25 15.13 2.65
C GLY D 267 -28.37 14.74 1.71
N GLN D 268 -28.05 14.50 0.45
CA GLN D 268 -29.03 13.91 -0.45
C GLN D 268 -28.54 12.71 -1.22
N PHE D 269 -29.49 11.84 -1.52
CA PHE D 269 -29.28 10.72 -2.41
C PHE D 269 -29.65 11.10 -3.80
N ARG D 270 -28.69 10.89 -4.71
CA ARG D 270 -28.86 11.14 -6.15
C ARG D 270 -28.92 9.84 -6.89
N MET D 271 -30.12 9.39 -7.27
CA MET D 271 -30.22 8.09 -7.98
C MET D 271 -29.48 8.10 -9.31
N TYR D 272 -29.49 9.25 -10.00
CA TYR D 272 -28.80 9.44 -11.28
C TYR D 272 -27.83 10.59 -11.16
N ALA D 273 -26.71 10.50 -11.88
CA ALA D 273 -25.80 11.62 -12.00
C ALA D 273 -24.97 11.45 -13.26
N GLY D 274 -24.77 12.55 -13.98
CA GLY D 274 -23.87 12.55 -15.14
C GLY D 274 -24.31 11.58 -16.22
N GLY D 275 -23.34 10.93 -16.89
CA GLY D 275 -23.62 9.98 -17.94
C GLY D 275 -23.70 10.51 -19.36
N THR D 276 -23.52 9.60 -20.30
CA THR D 276 -23.64 9.90 -21.71
C THR D 276 -25.06 10.36 -22.00
N THR D 277 -25.21 11.44 -22.76
CA THR D 277 -26.56 11.94 -23.07
C THR D 277 -27.13 11.21 -24.29
N GLN D 278 -28.45 11.23 -24.41
CA GLN D 278 -29.12 10.67 -25.59
C GLN D 278 -28.66 11.43 -26.86
N GLU D 279 -28.44 12.72 -26.73
CA GLU D 279 -27.96 13.56 -27.83
C GLU D 279 -26.61 13.05 -28.31
N GLU D 280 -25.73 12.68 -27.36
CA GLU D 280 -24.44 12.14 -27.78
C GLU D 280 -24.59 10.83 -28.53
N MET D 281 -25.51 9.95 -28.13
CA MET D 281 -25.64 8.70 -28.85
C MET D 281 -26.24 8.92 -30.23
N LYS D 282 -27.22 9.79 -30.30
CA LYS D 282 -27.85 10.13 -31.59
C LYS D 282 -26.85 10.71 -32.58
N ASP D 283 -25.92 11.55 -32.08
CA ASP D 283 -24.97 12.28 -32.91
C ASP D 283 -23.70 11.48 -33.18
N ALA D 284 -23.55 10.33 -32.49
CA ALA D 284 -22.34 9.55 -32.62
C ALA D 284 -21.91 9.15 -34.03
N PRO D 285 -22.85 8.83 -34.97
CA PRO D 285 -22.41 8.49 -36.32
C PRO D 285 -21.69 9.64 -37.02
N ASN D 286 -21.89 10.87 -36.56
CA ASN D 286 -21.23 12.02 -37.17
C ASN D 286 -19.77 12.21 -36.70
N ALA D 287 -19.29 11.38 -35.77
CA ALA D 287 -17.90 11.45 -35.40
C ALA D 287 -16.93 11.12 -36.50
N LEU D 288 -15.68 11.54 -36.32
CA LEU D 288 -14.60 11.13 -37.24
C LEU D 288 -14.37 9.64 -37.26
N ASN D 289 -14.49 9.03 -36.09
CA ASN D 289 -14.23 7.63 -35.91
C ASN D 289 -14.66 7.27 -34.49
N THR D 290 -14.53 5.99 -34.18
CA THR D 290 -14.85 5.42 -32.87
C THR D 290 -13.65 4.60 -32.48
N VAL D 291 -13.19 4.87 -31.26
CA VAL D 291 -12.13 4.08 -30.63
C VAL D 291 -12.65 3.17 -29.52
N LEU D 292 -12.26 1.90 -29.55
CA LEU D 292 -12.67 0.91 -28.58
C LEU D 292 -11.55 0.72 -27.57
N LEU D 293 -11.78 1.09 -26.32
CA LEU D 293 -10.68 0.94 -25.32
C LEU D 293 -10.36 -0.49 -24.98
N GLN D 294 -11.36 -1.37 -25.09
CA GLN D 294 -11.21 -2.76 -24.69
C GLN D 294 -11.77 -3.63 -25.78
N PRO D 295 -11.01 -3.74 -26.89
CA PRO D 295 -11.58 -4.34 -28.13
C PRO D 295 -11.90 -5.81 -28.01
N TRP D 296 -11.19 -6.53 -27.17
CA TRP D 296 -11.44 -7.97 -27.00
C TRP D 296 -12.77 -8.33 -26.37
N HIS D 297 -13.51 -7.37 -25.81
CA HIS D 297 -14.92 -7.67 -25.48
C HIS D 297 -15.89 -6.68 -26.12
N LEU D 298 -15.51 -6.05 -27.23
CA LEU D 298 -16.38 -5.11 -27.92
C LEU D 298 -16.55 -5.51 -29.38
N GLU D 299 -16.47 -6.80 -29.67
CA GLU D 299 -16.54 -7.28 -31.06
C GLU D 299 -17.90 -7.02 -31.73
N LYS D 300 -19.00 -7.19 -31.00
CA LYS D 300 -20.30 -6.94 -31.59
C LYS D 300 -20.52 -5.45 -31.84
N THR D 301 -20.12 -4.63 -30.86
CA THR D 301 -20.11 -3.21 -31.02
C THR D 301 -19.28 -2.79 -32.23
N LYS D 302 -18.10 -3.37 -32.39
CA LYS D 302 -17.24 -3.01 -33.50
C LYS D 302 -17.94 -3.30 -34.84
N LYS D 303 -18.58 -4.43 -34.96
CA LYS D 303 -19.28 -4.80 -36.23
C LYS D 303 -20.36 -3.79 -36.54
N PHE D 304 -21.06 -3.31 -35.51
CA PHE D 304 -22.13 -2.34 -35.75
C PHE D 304 -21.55 -0.99 -36.15
N VAL D 305 -20.53 -0.57 -35.45
CA VAL D 305 -19.92 0.73 -35.70
C VAL D 305 -19.32 0.77 -37.10
N GLU D 306 -18.68 -0.32 -37.48
CA GLU D 306 -18.07 -0.42 -38.82
C GLU D 306 -19.13 -0.54 -39.94
N GLY D 307 -20.10 -1.41 -39.72
CA GLY D 307 -21.08 -1.80 -40.73
C GLY D 307 -22.17 -0.78 -40.90
N THR D 308 -22.59 -0.11 -39.83
CA THR D 308 -23.67 0.87 -39.88
C THR D 308 -23.16 2.29 -39.84
N TRP D 309 -22.24 2.63 -38.93
CA TRP D 309 -21.79 4.02 -38.85
C TRP D 309 -20.71 4.32 -39.89
N LYS D 310 -20.13 3.26 -40.47
CA LYS D 310 -19.05 3.34 -41.48
C LYS D 310 -17.79 3.98 -40.91
N HIS D 311 -17.56 3.83 -39.60
CA HIS D 311 -16.31 4.30 -39.02
C HIS D 311 -15.21 3.27 -39.21
N GLU D 312 -14.02 3.72 -39.47
CA GLU D 312 -12.91 2.81 -39.70
C GLU D 312 -12.17 2.58 -38.39
N VAL D 313 -12.75 1.73 -37.55
CA VAL D 313 -12.30 1.59 -36.16
C VAL D 313 -10.84 1.19 -36.12
N PRO D 314 -9.98 2.00 -35.45
CA PRO D 314 -8.57 1.63 -35.53
C PRO D 314 -8.22 0.40 -34.69
N LYS D 315 -7.21 -0.35 -35.14
CA LYS D 315 -6.72 -1.54 -34.46
C LYS D 315 -5.75 -1.05 -33.39
N LEU D 316 -6.28 -0.81 -32.21
CA LEU D 316 -5.51 -0.32 -31.06
C LEU D 316 -5.71 -1.28 -29.93
N ASN D 317 -4.63 -1.58 -29.22
CA ASN D 317 -4.74 -2.25 -27.98
C ASN D 317 -5.26 -1.30 -26.90
N ILE D 318 -5.73 -1.89 -25.80
CA ILE D 318 -6.05 -1.13 -24.58
C ILE D 318 -4.91 -0.16 -24.25
N PRO D 319 -5.21 1.10 -23.86
CA PRO D 319 -4.05 2.01 -23.59
C PRO D 319 -3.49 1.80 -22.20
N MET D 320 -2.70 0.73 -22.06
CA MET D 320 -2.05 0.36 -20.82
C MET D 320 -0.57 0.24 -21.07
N GLY D 321 0.22 0.74 -20.13
CA GLY D 321 1.64 0.72 -20.27
C GLY D 321 2.13 1.78 -21.20
N LEU D 322 3.44 1.74 -21.49
CA LEU D 322 4.08 2.86 -22.18
C LEU D 322 3.76 2.78 -23.65
N ASP D 323 4.08 1.67 -24.31
CA ASP D 323 3.94 1.60 -25.77
C ASP D 323 2.51 1.77 -26.24
N TRP D 324 1.59 1.13 -25.53
CA TRP D 324 0.20 1.22 -25.96
C TRP D 324 -0.50 2.54 -25.67
N THR D 325 -0.02 3.27 -24.64
CA THR D 325 -0.48 4.63 -24.43
C THR D 325 0.08 5.52 -25.53
N ASP D 326 1.37 5.33 -25.85
CA ASP D 326 1.97 6.09 -26.98
C ASP D 326 1.13 5.87 -28.25
N GLU D 327 0.79 4.62 -28.54
CA GLU D 327 0.07 4.30 -29.79
C GLU D 327 -1.31 4.92 -29.80
N PHE D 328 -1.99 4.87 -28.67
CA PHE D 328 -3.30 5.48 -28.53
C PHE D 328 -3.23 6.96 -28.80
N LEU D 329 -2.27 7.64 -28.22
CA LEU D 329 -2.12 9.09 -28.42
C LEU D 329 -1.76 9.44 -29.85
N MET D 330 -0.91 8.65 -30.48
CA MET D 330 -0.51 8.90 -31.85
C MET D 330 -1.69 8.67 -32.77
N LYS D 331 -2.52 7.69 -32.49
CA LYS D 331 -3.69 7.46 -33.35
C LYS D 331 -4.74 8.51 -33.20
N VAL D 332 -4.95 8.95 -31.98
CA VAL D 332 -5.91 10.00 -31.69
C VAL D 332 -5.39 11.28 -32.36
N SER D 333 -4.08 11.49 -32.34
CA SER D 333 -3.51 12.68 -33.00
C SER D 333 -3.76 12.65 -34.50
N GLU D 334 -3.60 11.47 -35.10
CA GLU D 334 -3.81 11.31 -36.53
C GLU D 334 -5.27 11.55 -36.89
N ILE D 335 -6.18 10.99 -36.12
CA ILE D 335 -7.59 11.09 -36.44
C ILE D 335 -8.10 12.55 -36.26
N SER D 336 -7.68 13.21 -35.19
CA SER D 336 -8.24 14.49 -34.80
C SER D 336 -7.50 15.64 -35.46
N GLY D 337 -6.28 15.42 -35.93
CA GLY D 337 -5.38 16.50 -36.35
C GLY D 337 -4.71 17.28 -35.24
N GLN D 338 -4.93 16.88 -33.98
CA GLN D 338 -4.38 17.58 -32.85
C GLN D 338 -3.00 17.08 -32.51
N PRO D 339 -2.03 17.98 -32.32
CA PRO D 339 -0.72 17.44 -31.88
C PRO D 339 -0.77 16.96 -30.42
N ILE D 340 0.11 16.02 -30.09
CA ILE D 340 0.28 15.61 -28.70
C ILE D 340 0.94 16.76 -27.94
N PRO D 341 0.30 17.25 -26.88
CA PRO D 341 0.75 18.46 -26.23
C PRO D 341 1.93 18.21 -25.31
N ALA D 342 2.61 19.29 -25.02
CA ALA D 342 3.73 19.27 -24.09
C ALA D 342 3.44 18.61 -22.74
N SER D 343 2.23 18.81 -22.19
CA SER D 343 1.89 18.25 -20.88
C SER D 343 1.97 16.72 -20.91
N LEU D 344 1.41 16.10 -21.96
CA LEU D 344 1.47 14.63 -22.09
C LEU D 344 2.87 14.11 -22.40
N THR D 345 3.64 14.83 -23.19
CA THR D 345 5.03 14.45 -23.42
C THR D 345 5.80 14.43 -22.11
N LYS D 346 5.58 15.44 -21.26
CA LYS D 346 6.30 15.49 -19.99
C LYS D 346 5.81 14.35 -19.08
N GLU D 347 4.49 14.14 -19.02
CA GLU D 347 3.94 13.02 -18.22
C GLU D 347 4.56 11.68 -18.62
N ARG D 348 4.69 11.46 -19.92
CA ARG D 348 5.35 10.29 -20.42
C ARG D 348 6.75 10.13 -19.88
N GLY D 349 7.53 11.20 -19.96
CA GLY D 349 8.90 11.21 -19.51
C GLY D 349 9.07 11.07 -18.02
N ARG D 350 8.03 11.46 -17.26
CA ARG D 350 8.00 11.21 -15.84
C ARG D 350 7.75 9.74 -15.54
N LEU D 351 6.88 9.09 -16.29
CA LEU D 351 6.79 7.63 -16.19
C LEU D 351 8.09 6.94 -16.50
N VAL D 352 8.73 7.35 -17.60
CA VAL D 352 9.97 6.73 -17.96
C VAL D 352 11.01 6.95 -16.82
N ASP D 353 11.02 8.15 -16.24
CA ASP D 353 11.92 8.39 -15.12
C ASP D 353 11.68 7.41 -13.98
N MET D 354 10.42 7.22 -13.64
CA MET D 354 10.07 6.24 -12.61
C MET D 354 10.53 4.85 -12.95
N MET D 355 10.40 4.47 -14.20
CA MET D 355 10.92 3.17 -14.67
C MET D 355 12.43 3.08 -14.44
N THR D 356 13.17 4.11 -14.77
CA THR D 356 14.61 4.05 -14.59
C THR D 356 14.95 3.98 -13.08
N ASP D 357 14.19 4.69 -12.26
CA ASP D 357 14.45 4.74 -10.83
C ASP D 357 14.16 3.41 -10.09
N SER D 358 13.19 2.66 -10.62
CA SER D 358 12.67 1.46 -9.92
C SER D 358 13.06 0.13 -10.60
N HIS D 359 13.78 0.20 -11.71
CA HIS D 359 14.03 -0.98 -12.52
C HIS D 359 14.79 -2.10 -11.79
N THR D 360 15.68 -1.74 -10.87
CA THR D 360 16.51 -2.78 -10.26
C THR D 360 15.70 -3.67 -9.34
N TRP D 361 14.64 -3.16 -8.73
CA TRP D 361 13.82 -4.01 -7.85
C TRP D 361 12.76 -4.78 -8.64
N LEU D 362 12.36 -4.25 -9.78
CA LEU D 362 11.38 -4.93 -10.63
C LEU D 362 11.97 -6.06 -11.45
N HIS D 363 13.26 -5.96 -11.78
CA HIS D 363 13.84 -6.84 -12.78
C HIS D 363 13.73 -8.29 -12.41
N GLY D 364 13.15 -9.09 -13.32
CA GLY D 364 13.09 -10.49 -13.08
C GLY D 364 12.01 -10.98 -12.15
N LYS D 365 11.23 -10.07 -11.57
CA LYS D 365 10.18 -10.49 -10.68
C LYS D 365 9.10 -11.26 -11.45
N ARG D 366 8.66 -12.34 -10.84
CA ARG D 366 7.75 -13.32 -11.42
C ARG D 366 6.34 -13.13 -10.88
N PHE D 367 5.35 -13.05 -11.78
CA PHE D 367 3.95 -12.83 -11.41
C PHE D 367 2.98 -13.84 -11.96
N ALA D 368 2.01 -14.18 -11.13
CA ALA D 368 0.78 -14.82 -11.63
C ALA D 368 -0.28 -13.75 -11.67
N LEU D 369 -1.18 -13.78 -12.63
CA LEU D 369 -2.18 -12.74 -12.78
C LEU D 369 -3.42 -13.22 -13.50
N TRP D 370 -4.51 -12.51 -13.27
CA TRP D 370 -5.82 -12.84 -13.88
C TRP D 370 -6.71 -11.64 -14.03
N GLY D 371 -7.79 -11.81 -14.75
CA GLY D 371 -8.72 -10.75 -14.99
C GLY D 371 -9.38 -10.91 -16.33
N ASP D 372 -9.96 -9.84 -16.81
CA ASP D 372 -10.64 -9.84 -18.10
C ASP D 372 -9.59 -9.70 -19.20
N PRO D 373 -9.93 -10.08 -20.44
CA PRO D 373 -8.87 -10.24 -21.47
C PRO D 373 -8.05 -8.98 -21.79
N ASP D 374 -8.71 -7.83 -21.97
CA ASP D 374 -7.98 -6.62 -22.27
C ASP D 374 -7.11 -6.16 -21.12
N PHE D 375 -7.68 -6.16 -19.91
CA PHE D 375 -6.91 -5.82 -18.72
C PHE D 375 -5.69 -6.71 -18.57
N VAL D 376 -5.89 -8.01 -18.78
CA VAL D 376 -4.81 -8.98 -18.60
C VAL D 376 -3.69 -8.73 -19.64
N MET D 377 -4.06 -8.51 -20.90
CA MET D 377 -3.02 -8.32 -21.91
C MET D 377 -2.24 -7.04 -21.70
N GLY D 378 -2.93 -6.00 -21.23
CA GLY D 378 -2.27 -4.73 -20.93
C GLY D 378 -1.35 -4.87 -19.75
N LEU D 379 -1.77 -5.62 -18.73
CA LEU D 379 -0.88 -5.83 -17.60
C LEU D 379 0.34 -6.64 -18.02
N VAL D 380 0.14 -7.64 -18.85
CA VAL D 380 1.27 -8.46 -19.38
C VAL D 380 2.26 -7.54 -20.11
N LYS D 381 1.74 -6.71 -21.02
CA LYS D 381 2.60 -5.83 -21.80
C LYS D 381 3.42 -4.90 -20.90
N PHE D 382 2.76 -4.23 -19.94
CA PHE D 382 3.48 -3.34 -19.06
C PHE D 382 4.51 -4.10 -18.19
N LEU D 383 4.17 -5.28 -17.69
CA LEU D 383 5.12 -6.08 -16.96
C LEU D 383 6.36 -6.35 -17.80
N LEU D 384 6.16 -6.69 -19.07
CA LEU D 384 7.33 -6.90 -19.95
C LEU D 384 8.15 -5.62 -20.09
N GLU D 385 7.48 -4.49 -20.18
CA GLU D 385 8.17 -3.19 -20.27
C GLU D 385 8.99 -2.87 -19.04
N LEU D 386 8.53 -3.35 -17.89
CA LEU D 386 9.24 -3.21 -16.63
C LEU D 386 10.37 -4.22 -16.40
N GLY D 387 10.61 -5.14 -17.35
CA GLY D 387 11.58 -6.23 -17.12
C GLY D 387 11.13 -7.28 -16.13
N CYS D 388 9.81 -7.43 -15.95
CA CYS D 388 9.23 -8.47 -15.11
C CYS D 388 8.82 -9.67 -15.94
N GLU D 389 8.62 -10.82 -15.29
CA GLU D 389 8.22 -12.04 -16.01
C GLU D 389 6.79 -12.45 -15.63
N PRO D 390 5.83 -12.31 -16.54
CA PRO D 390 4.47 -12.69 -16.23
C PRO D 390 4.20 -14.16 -16.48
N VAL D 391 4.59 -15.01 -15.53
CA VAL D 391 4.74 -16.45 -15.79
C VAL D 391 3.43 -17.25 -15.87
N HIS D 392 2.46 -16.93 -15.03
CA HIS D 392 1.13 -17.55 -15.11
C HIS D 392 0.09 -16.45 -15.46
N ILE D 393 -0.47 -16.54 -16.66
CA ILE D 393 -1.41 -15.55 -17.20
C ILE D 393 -2.74 -16.24 -17.39
N LEU D 394 -3.73 -15.89 -16.58
CA LEU D 394 -4.99 -16.67 -16.53
C LEU D 394 -6.12 -15.76 -16.91
N CYS D 395 -6.89 -16.16 -17.91
CA CYS D 395 -8.08 -15.41 -18.30
C CYS D 395 -9.21 -16.40 -18.49
N HIS D 396 -10.02 -16.53 -17.46
CA HIS D 396 -11.08 -17.56 -17.45
C HIS D 396 -12.02 -17.35 -18.64
N ASN D 397 -12.34 -16.09 -18.92
CA ASN D 397 -13.26 -15.74 -20.01
C ASN D 397 -12.52 -15.36 -21.33
N GLY D 398 -11.28 -15.81 -21.51
CA GLY D 398 -10.52 -15.52 -22.74
C GLY D 398 -10.85 -16.51 -23.82
N ASN D 399 -10.44 -16.19 -25.04
CA ASN D 399 -10.67 -17.09 -26.16
C ASN D 399 -9.39 -17.39 -26.88
N LYS D 400 -9.47 -18.31 -27.84
CA LYS D 400 -8.29 -18.75 -28.56
C LYS D 400 -7.58 -17.68 -29.36
N ARG D 401 -8.35 -16.81 -30.00
CA ARG D 401 -7.79 -15.74 -30.78
C ARG D 401 -7.02 -14.80 -29.83
N TRP D 402 -7.65 -14.48 -28.70
CA TRP D 402 -6.96 -13.64 -27.72
C TRP D 402 -5.67 -14.28 -27.22
N LYS D 403 -5.72 -15.56 -26.91
CA LYS D 403 -4.56 -16.27 -26.44
C LYS D 403 -3.41 -16.19 -27.47
N LYS D 404 -3.74 -16.37 -28.75
CA LYS D 404 -2.73 -16.23 -29.79
C LYS D 404 -2.09 -14.85 -29.78
N ALA D 405 -2.90 -13.82 -29.59
CA ALA D 405 -2.42 -12.43 -29.52
C ALA D 405 -1.48 -12.25 -28.34
N VAL D 406 -1.83 -12.79 -27.18
CA VAL D 406 -0.96 -12.65 -26.02
C VAL D 406 0.33 -13.44 -26.20
N ASP D 407 0.23 -14.65 -26.72
CA ASP D 407 1.41 -15.47 -27.03
C ASP D 407 2.34 -14.70 -27.97
N ALA D 408 1.79 -13.92 -28.88
CA ALA D 408 2.67 -13.08 -29.75
C ALA D 408 3.41 -11.93 -29.00
N ILE D 409 2.69 -11.30 -28.10
CA ILE D 409 3.25 -10.28 -27.25
C ILE D 409 4.38 -10.88 -26.43
N LEU D 410 4.18 -12.10 -25.93
CA LEU D 410 5.23 -12.71 -25.10
C LEU D 410 6.50 -13.00 -25.93
N ALA D 411 6.27 -13.51 -27.14
CA ALA D 411 7.35 -13.77 -28.11
C ALA D 411 8.12 -12.55 -28.52
N ALA D 412 7.57 -11.34 -28.41
CA ALA D 412 8.32 -10.14 -28.76
C ALA D 412 9.28 -9.68 -27.68
N SER D 413 9.34 -10.38 -26.53
CA SER D 413 10.20 -10.03 -25.43
C SER D 413 10.93 -11.20 -24.80
N PRO D 414 12.22 -11.03 -24.48
CA PRO D 414 12.86 -12.10 -23.70
C PRO D 414 12.26 -12.32 -22.33
N TYR D 415 11.53 -11.33 -21.82
CA TYR D 415 10.89 -11.45 -20.51
C TYR D 415 9.63 -12.30 -20.57
N GLY D 416 9.22 -12.70 -21.76
CA GLY D 416 8.10 -13.62 -21.95
C GLY D 416 8.41 -15.10 -21.99
N LYS D 417 9.68 -15.46 -21.86
CA LYS D 417 10.16 -16.81 -22.12
C LYS D 417 9.60 -17.90 -21.22
N ASN D 418 9.27 -17.55 -19.99
CA ASN D 418 8.84 -18.55 -19.03
C ASN D 418 7.35 -18.44 -18.72
N ALA D 419 6.63 -17.74 -19.61
CA ALA D 419 5.22 -17.42 -19.45
C ALA D 419 4.29 -18.37 -20.22
N THR D 420 3.14 -18.68 -19.63
CA THR D 420 2.09 -19.47 -20.27
C THR D 420 0.76 -18.76 -20.06
N VAL D 421 -0.04 -18.75 -21.11
CA VAL D 421 -1.38 -18.17 -21.10
C VAL D 421 -2.39 -19.29 -20.97
N TYR D 422 -3.33 -19.14 -20.05
CA TYR D 422 -4.39 -20.12 -19.80
C TYR D 422 -5.74 -19.48 -20.03
N ILE D 423 -6.58 -20.16 -20.79
CA ILE D 423 -7.96 -19.76 -21.01
C ILE D 423 -8.89 -20.88 -20.55
N GLY D 424 -10.06 -20.49 -20.03
CA GLY D 424 -11.05 -21.45 -19.57
C GLY D 424 -10.71 -22.05 -18.22
N LYS D 425 -9.63 -21.61 -17.60
N LYS D 425 -9.62 -21.61 -17.62
CA LYS D 425 -9.16 -22.15 -16.35
CA LYS D 425 -9.17 -22.14 -16.37
C LYS D 425 -9.55 -21.17 -15.25
C LYS D 425 -9.55 -21.15 -15.24
N ASP D 426 -9.71 -21.68 -14.04
CA ASP D 426 -10.22 -20.93 -12.90
C ASP D 426 -9.17 -20.72 -11.81
N LEU D 427 -9.58 -20.15 -10.68
CA LEU D 427 -8.66 -19.88 -9.61
C LEU D 427 -8.24 -21.11 -8.82
N TRP D 428 -8.97 -22.22 -8.93
CA TRP D 428 -8.44 -23.45 -8.37
C TRP D 428 -7.31 -24.01 -9.26
N HIS D 429 -7.41 -23.85 -10.57
CA HIS D 429 -6.27 -24.14 -11.44
C HIS D 429 -5.08 -23.23 -11.08
N LEU D 430 -5.32 -21.93 -10.93
CA LEU D 430 -4.23 -21.01 -10.62
C LEU D 430 -3.54 -21.36 -9.30
N ARG D 431 -4.33 -21.74 -8.31
CA ARG D 431 -3.79 -22.18 -7.05
C ARG D 431 -2.71 -23.28 -7.25
N SER D 432 -3.00 -24.28 -8.07
CA SER D 432 -1.99 -25.27 -8.38
C SER D 432 -0.71 -24.65 -8.97
N LEU D 433 -0.88 -23.79 -9.94
CA LEU D 433 0.29 -23.21 -10.60
C LEU D 433 1.20 -22.46 -9.63
N VAL D 434 0.62 -21.76 -8.67
CA VAL D 434 1.44 -20.98 -7.76
C VAL D 434 2.13 -21.82 -6.70
N PHE D 435 1.68 -23.07 -6.54
CA PHE D 435 2.39 -24.08 -5.73
C PHE D 435 3.48 -24.76 -6.55
N THR D 436 3.17 -25.19 -7.76
CA THR D 436 4.13 -26.01 -8.49
C THR D 436 5.22 -25.19 -9.18
N ASP D 437 4.90 -23.95 -9.56
CA ASP D 437 5.86 -23.05 -10.25
C ASP D 437 5.70 -21.66 -9.59
N LYS D 438 6.22 -21.60 -8.36
CA LYS D 438 5.93 -20.50 -7.47
C LYS D 438 6.44 -19.19 -8.07
N PRO D 439 5.56 -18.17 -8.22
CA PRO D 439 6.02 -16.82 -8.58
C PRO D 439 6.30 -16.01 -7.31
N ASP D 440 6.75 -14.78 -7.50
CA ASP D 440 6.97 -13.87 -6.38
C ASP D 440 5.69 -13.30 -5.82
N PHE D 441 4.76 -12.92 -6.72
CA PHE D 441 3.50 -12.27 -6.34
C PHE D 441 2.37 -12.73 -7.30
N MET D 442 1.13 -12.54 -6.85
CA MET D 442 -0.05 -12.59 -7.68
C MET D 442 -0.55 -11.16 -7.84
N ILE D 443 -1.05 -10.87 -9.03
CA ILE D 443 -1.79 -9.65 -9.29
C ILE D 443 -3.20 -10.06 -9.66
N GLY D 444 -4.18 -9.73 -8.82
CA GLY D 444 -5.55 -10.18 -9.06
C GLY D 444 -6.56 -9.54 -8.13
N ASN D 445 -7.77 -10.07 -8.18
CA ASN D 445 -8.86 -9.53 -7.39
C ASN D 445 -8.93 -10.14 -5.99
N SER D 446 -9.94 -9.77 -5.19
CA SER D 446 -10.00 -10.21 -3.79
C SER D 446 -10.08 -11.71 -3.62
N TYR D 447 -10.53 -12.45 -4.64
CA TYR D 447 -10.60 -13.89 -4.50
C TYR D 447 -9.23 -14.51 -4.40
N GLY D 448 -8.20 -13.77 -4.86
CA GLY D 448 -6.85 -14.20 -4.64
C GLY D 448 -6.42 -14.36 -3.22
N LYS D 449 -7.11 -13.70 -2.26
CA LYS D 449 -6.65 -13.77 -0.86
C LYS D 449 -6.65 -15.20 -0.36
N PHE D 450 -7.57 -16.01 -0.90
CA PHE D 450 -7.68 -17.38 -0.42
C PHE D 450 -6.54 -18.23 -0.95
N ILE D 451 -6.00 -17.89 -2.12
CA ILE D 451 -4.80 -18.54 -2.62
C ILE D 451 -3.60 -18.15 -1.73
N GLN D 452 -3.46 -16.87 -1.42
CA GLN D 452 -2.36 -16.47 -0.53
C GLN D 452 -2.43 -17.24 0.80
N ARG D 453 -3.62 -17.33 1.38
N ARG D 453 -3.64 -17.36 1.35
CA ARG D 453 -3.86 -18.11 2.58
CA ARG D 453 -3.88 -18.12 2.57
C ARG D 453 -3.38 -19.55 2.43
C ARG D 453 -3.37 -19.55 2.42
N ASP D 454 -3.76 -20.19 1.33
CA ASP D 454 -3.35 -21.57 1.07
C ASP D 454 -1.84 -21.68 0.97
N THR D 455 -1.19 -20.75 0.27
CA THR D 455 0.25 -20.83 0.14
C THR D 455 0.98 -20.62 1.46
N LEU D 456 0.51 -19.72 2.30
CA LEU D 456 1.17 -19.53 3.61
C LEU D 456 1.04 -20.80 4.46
N HIS D 457 -0.09 -21.51 4.34
CA HIS D 457 -0.28 -22.73 5.14
C HIS D 457 0.84 -23.75 4.82
N LYS D 458 1.31 -23.82 3.57
CA LYS D 458 2.41 -24.73 3.26
C LYS D 458 3.67 -24.29 3.99
N GLY D 459 3.90 -22.99 4.02
CA GLY D 459 4.98 -22.36 4.77
C GLY D 459 5.21 -20.92 4.37
N LYS D 460 5.81 -20.13 5.29
CA LYS D 460 6.12 -18.75 4.97
C LYS D 460 6.94 -18.64 3.69
N GLU D 461 7.90 -19.55 3.53
CA GLU D 461 8.75 -19.54 2.31
C GLU D 461 7.96 -19.83 1.01
N PHE D 462 6.74 -20.35 1.11
CA PHE D 462 5.96 -20.68 -0.08
C PHE D 462 4.86 -19.66 -0.30
N GLU D 463 4.71 -18.71 0.61
CA GLU D 463 3.63 -17.73 0.50
C GLU D 463 3.81 -16.82 -0.72
N VAL D 464 2.70 -16.65 -1.43
CA VAL D 464 2.65 -15.77 -2.60
C VAL D 464 1.73 -14.60 -2.27
N PRO D 465 2.32 -13.40 -2.00
CA PRO D 465 1.41 -12.30 -1.64
C PRO D 465 0.58 -11.78 -2.81
N LEU D 466 -0.65 -11.39 -2.52
CA LEU D 466 -1.55 -10.80 -3.50
C LEU D 466 -1.38 -9.30 -3.58
N ILE D 467 -1.33 -8.79 -4.79
CA ILE D 467 -1.37 -7.38 -5.10
C ILE D 467 -2.73 -7.16 -5.75
N ARG D 468 -3.61 -6.37 -5.13
CA ARG D 468 -4.97 -6.25 -5.60
C ARG D 468 -5.15 -5.23 -6.72
N ILE D 469 -5.33 -5.74 -7.94
CA ILE D 469 -5.64 -4.93 -9.11
C ILE D 469 -6.61 -5.77 -9.95
N GLY D 470 -7.79 -5.21 -10.23
CA GLY D 470 -8.82 -5.91 -10.97
C GLY D 470 -10.20 -5.70 -10.35
N PHE D 471 -11.08 -6.65 -10.58
CA PHE D 471 -12.45 -6.58 -10.12
C PHE D 471 -12.93 -7.99 -9.79
N PRO D 472 -13.67 -8.19 -8.71
CA PRO D 472 -13.94 -7.20 -7.67
C PRO D 472 -12.86 -7.10 -6.60
N ILE D 473 -12.74 -5.91 -6.01
CA ILE D 473 -11.93 -5.72 -4.81
C ILE D 473 -12.89 -5.33 -3.69
N PHE D 474 -13.07 -6.24 -2.74
CA PHE D 474 -14.05 -6.10 -1.68
C PHE D 474 -13.48 -5.94 -0.27
N ASP D 475 -12.18 -6.22 -0.09
CA ASP D 475 -11.56 -6.28 1.20
C ASP D 475 -10.56 -5.18 1.47
N ARG D 476 -10.54 -4.19 0.58
CA ARG D 476 -9.81 -2.94 0.76
C ARG D 476 -10.80 -1.85 0.38
N HIS D 477 -10.53 -0.65 0.89
CA HIS D 477 -11.42 0.46 0.68
C HIS D 477 -10.89 1.45 -0.34
N HIS D 478 -11.74 1.81 -1.28
CA HIS D 478 -11.49 2.93 -2.19
C HIS D 478 -10.47 2.68 -3.26
N LEU D 479 -10.13 1.42 -3.48
CA LEU D 479 -9.24 1.11 -4.60
C LEU D 479 -9.92 1.31 -5.94
N HIS D 480 -11.25 1.31 -5.98
CA HIS D 480 -11.97 1.60 -7.19
C HIS D 480 -11.71 3.03 -7.70
N ARG D 481 -11.11 3.91 -6.88
CA ARG D 481 -10.73 5.25 -7.34
C ARG D 481 -9.47 5.30 -8.20
N SER D 482 -8.75 4.19 -8.23
CA SER D 482 -7.42 4.09 -8.87
C SER D 482 -7.53 4.21 -10.37
N THR D 483 -6.37 4.26 -11.00
CA THR D 483 -6.21 4.28 -12.44
C THR D 483 -5.29 3.19 -12.91
N THR D 484 -5.64 2.52 -13.99
CA THR D 484 -4.72 1.61 -14.67
C THR D 484 -4.35 1.97 -16.10
N LEU D 485 -5.11 2.86 -16.75
CA LEU D 485 -4.88 3.26 -18.12
C LEU D 485 -3.93 4.45 -18.18
N GLY D 486 -3.33 4.60 -19.32
CA GLY D 486 -2.51 5.76 -19.61
C GLY D 486 -1.20 5.80 -18.86
N TYR D 487 -0.50 6.92 -18.99
CA TYR D 487 0.72 7.10 -18.25
C TYR D 487 0.42 7.18 -16.76
N GLU D 488 -0.65 7.89 -16.37
CA GLU D 488 -1.06 7.92 -14.95
C GLU D 488 -1.28 6.53 -14.36
N GLY D 489 -1.97 5.66 -15.09
CA GLY D 489 -2.24 4.31 -14.63
C GLY D 489 -0.96 3.50 -14.52
N ALA D 490 -0.07 3.68 -15.49
CA ALA D 490 1.17 2.96 -15.46
C ALA D 490 2.01 3.39 -14.27
N MET D 491 2.00 4.70 -13.99
N MET D 491 2.02 4.69 -13.97
CA MET D 491 2.71 5.24 -12.83
CA MET D 491 2.72 5.17 -12.80
C MET D 491 2.16 4.62 -11.53
C MET D 491 2.16 4.54 -11.54
N GLN D 492 0.84 4.51 -11.47
CA GLN D 492 0.19 3.88 -10.31
C GLN D 492 0.53 2.42 -10.17
N ILE D 493 0.48 1.66 -11.27
CA ILE D 493 0.78 0.24 -11.23
C ILE D 493 2.24 0.03 -10.85
N LEU D 494 3.15 0.79 -11.46
CA LEU D 494 4.57 0.70 -11.13
C LEU D 494 4.86 0.89 -9.65
N THR D 495 4.27 1.96 -9.10
CA THR D 495 4.44 2.29 -7.70
C THR D 495 3.91 1.17 -6.82
N THR D 496 2.74 0.67 -7.13
CA THR D 496 2.15 -0.42 -6.36
C THR D 496 3.04 -1.64 -6.42
N LEU D 497 3.51 -2.00 -7.63
CA LEU D 497 4.36 -3.19 -7.75
C LEU D 497 5.67 -3.05 -6.96
N VAL D 498 6.42 -1.98 -7.21
CA VAL D 498 7.71 -1.87 -6.59
C VAL D 498 7.60 -1.79 -5.06
N ASN D 499 6.58 -1.13 -4.54
CA ASN D 499 6.44 -1.03 -3.13
C ASN D 499 5.92 -2.32 -2.51
N SER D 500 5.18 -3.12 -3.29
CA SER D 500 4.83 -4.47 -2.83
C SER D 500 6.05 -5.32 -2.64
N ILE D 501 6.96 -5.22 -3.62
CA ILE D 501 8.24 -5.91 -3.55
C ILE D 501 9.02 -5.47 -2.30
N LEU D 502 9.13 -4.16 -2.10
CA LEU D 502 9.90 -3.64 -0.98
C LEU D 502 9.27 -3.93 0.37
N GLU D 503 7.93 -3.92 0.45
N GLU D 503 7.95 -3.90 0.45
CA GLU D 503 7.24 -4.35 1.69
CA GLU D 503 7.26 -4.35 1.68
C GLU D 503 7.58 -5.79 2.07
C GLU D 503 7.57 -5.79 2.06
N ARG D 504 7.53 -6.70 1.09
CA ARG D 504 7.84 -8.10 1.33
C ARG D 504 9.29 -8.25 1.73
N LEU D 505 10.19 -7.49 1.08
CA LEU D 505 11.60 -7.55 1.43
C LEU D 505 11.87 -7.11 2.87
N ASP D 506 11.17 -6.04 3.27
CA ASP D 506 11.23 -5.59 4.65
C ASP D 506 10.70 -6.62 5.63
N GLU D 507 9.62 -7.32 5.27
CA GLU D 507 9.14 -8.40 6.14
C GLU D 507 10.18 -9.50 6.30
N GLU D 508 10.75 -9.93 5.18
CA GLU D 508 11.74 -10.98 5.18
C GLU D 508 13.07 -10.63 5.88
N THR D 509 13.35 -9.33 6.05
CA THR D 509 14.61 -8.88 6.64
C THR D 509 14.40 -8.17 8.01
N ARG D 510 13.22 -8.36 8.61
CA ARG D 510 12.88 -7.70 9.86
C ARG D 510 13.37 -8.48 11.09
N GLY D 511 13.94 -9.66 10.91
CA GLY D 511 14.31 -10.56 12.05
C GLY D 511 15.64 -10.14 12.70
N MET D 512 15.53 -9.67 13.95
N MET D 512 15.55 -9.63 13.93
CA MET D 512 16.63 -9.17 14.76
CA MET D 512 16.73 -9.08 14.55
C MET D 512 17.75 -10.18 14.81
C MET D 512 17.75 -10.13 14.81
N GLN D 513 18.93 -9.79 14.35
CA GLN D 513 20.16 -10.59 14.39
C GLN D 513 20.12 -11.81 13.47
N ALA D 514 19.08 -11.98 12.67
CA ALA D 514 18.94 -13.13 11.83
C ALA D 514 18.97 -12.68 10.37
N THR D 515 18.01 -11.87 9.98
CA THR D 515 17.96 -11.34 8.59
C THR D 515 18.06 -9.82 8.48
N ASP D 516 18.10 -9.12 9.63
CA ASP D 516 18.12 -7.65 9.55
C ASP D 516 19.43 -7.04 9.10
N TYR D 517 20.46 -7.84 8.87
CA TYR D 517 21.65 -7.29 8.20
C TYR D 517 21.28 -6.58 6.89
N ASN D 518 20.21 -7.05 6.21
CA ASN D 518 19.72 -6.47 4.99
C ASN D 518 18.46 -5.64 5.18
N HIS D 519 18.21 -5.15 6.40
CA HIS D 519 17.02 -4.29 6.64
C HIS D 519 17.39 -2.84 6.40
N ASP D 520 17.66 -2.49 5.15
CA ASP D 520 18.29 -1.21 4.78
C ASP D 520 17.32 -0.04 4.96
N LEU D 521 17.84 1.08 5.50
CA LEU D 521 17.11 2.32 5.50
C LEU D 521 16.78 2.82 4.09
N VAL D 522 17.74 2.70 3.20
CA VAL D 522 17.63 3.25 1.85
C VAL D 522 17.52 2.10 0.86
N ARG D 523 16.51 2.12 0.00
CA ARG D 523 16.35 1.13 -1.07
C ARG D 523 16.05 1.87 -2.39
C1 HCA E . 30.80 9.27 1.99
C2 HCA E . 30.09 7.94 2.00
C3 HCA E . 29.79 7.38 0.60
C4 HCA E . 28.75 8.19 -0.15
C5 HCA E . 28.27 7.41 -1.39
C6 HCA E . 27.61 8.17 -2.52
C7 HCA E . 29.36 5.91 0.66
O1 HCA E . 30.50 10.09 2.88
O2 HCA E . 31.65 9.47 1.11
O3 HCA E . 26.71 7.54 -3.18
O4 HCA E . 27.96 9.33 -2.84
O5 HCA E . 28.35 5.65 1.36
O6 HCA E . 29.97 5.06 -0.07
O7 HCA E . 31.02 7.47 -0.17
FE1 ICS F . 38.20 2.70 0.66
MO1 ICS F . 32.01 5.52 -0.75
FE2 ICS F . 36.59 4.75 0.95
FE3 ICS F . 35.57 2.32 0.82
FE4 ICS F . 36.62 3.42 -1.33
FE5 ICS F . 34.28 4.53 -1.86
FE6 ICS F . 34.35 5.75 0.44
FE7 ICS F . 33.27 3.39 0.28
CX ICS F . 35.12 3.94 -0.14
S1A ICS F . 38.34 4.69 -0.46
S1B ICS F . 33.90 6.72 -1.45
S2A ICS F . 36.92 3.17 2.41
S3A ICS F . 35.87 3.92 -3.43
S3B ICS F . 32.53 5.11 1.53
S4A ICS F . 36.94 1.27 -0.59
S4B ICS F . 32.34 3.43 -1.76
S5A ICS F . 33.56 1.44 1.31
S1A ICH G . 38.34 4.69 -0.46
FE1 ICH G . 38.20 2.70 0.66
FE3 ICH G . 35.57 2.32 0.82
S4A ICH G . 36.94 1.27 -0.59
S2A ICH G . 36.92 3.17 2.41
FE2 ICH G . 36.59 4.75 0.95
CX ICH G . 35.12 3.94 -0.14
FE6 ICH G . 34.35 5.75 0.44
FE4 ICH G . 36.62 3.42 -1.33
FE5 ICH G . 34.28 4.53 -1.86
SE3A ICH G . 35.83 3.90 -3.48
S1B ICH G . 33.90 6.72 -1.45
MO1 ICH G . 32.01 5.52 -0.75
S4B ICH G . 32.34 3.43 -1.76
FE7 ICH G . 33.27 3.39 0.28
SE5A ICH G . 33.49 1.38 1.30
S3B ICH G . 32.53 5.11 1.53
SE2B ICH G . 35.93 6.82 1.73
N1 IMD H . 53.96 -2.41 0.86
C2 IMD H . 53.53 -3.47 1.58
N3 IMD H . 54.29 -3.58 2.70
C4 IMD H . 55.23 -2.58 2.65
C5 IMD H . 55.03 -1.86 1.50
CL CL I . 18.57 1.39 14.02
C CMO J . 35.76 6.40 1.47
O CMO J . 36.03 7.35 2.07
FE1 CLF K . 29.53 19.53 7.43
FE2 CLF K . 31.28 19.89 9.20
FE3 CLF K . 31.35 17.50 7.77
FE4 CLF K . 29.43 18.08 9.58
S1 CLF K . 28.96 20.42 9.64
S2A CLF K . 31.79 19.60 6.98
S4A CLF K . 31.66 17.81 10.06
S3A CLF K . 29.12 17.30 7.47
FE5 CLF K . 26.86 19.25 10.07
FE6 CLF K . 27.07 21.74 10.60
FE7 CLF K . 24.66 20.85 9.44
FE8 CLF K . 27.09 20.95 8.19
S2B CLF K . 25.50 20.32 11.51
S3B CLF K . 25.86 22.75 8.91
S4B CLF K . 25.63 19.18 8.12
N1 IMD L . 5.90 30.04 -11.30
C2 IMD L . 5.62 28.71 -11.37
N3 IMD L . 5.29 28.27 -10.14
C4 IMD L . 5.36 29.29 -9.28
C5 IMD L . 5.72 30.39 -10.01
N1 IMD M . -0.92 8.97 1.77
C2 IMD M . 0.30 8.43 1.95
N3 IMD M . 1.19 9.42 1.84
C4 IMD M . 0.52 10.58 1.56
C5 IMD M . -0.81 10.29 1.53
N1 IMD N . 41.43 26.56 13.48
C2 IMD N . 41.64 25.29 13.84
N3 IMD N . 41.19 25.11 15.09
C4 IMD N . 40.71 26.29 15.53
C5 IMD N . 40.86 27.19 14.52
FE FE2 O . -19.24 5.56 -1.13
FE FE2 P . 13.64 10.25 -10.55
C1 HCA Q . -29.50 -13.04 0.88
C2 HCA Q . -28.31 -12.99 1.80
C3 HCA Q . -28.28 -11.73 2.69
C4 HCA Q . -27.97 -10.45 1.88
C5 HCA Q . -27.60 -9.30 2.84
C6 HCA Q . -27.70 -7.86 2.35
C7 HCA Q . -27.26 -11.90 3.80
O1 HCA Q . -30.55 -12.53 1.24
O2 HCA Q . -29.27 -13.55 -0.26
O3 HCA Q . -28.60 -7.52 1.52
O4 HCA Q . -26.86 -7.07 2.85
O5 HCA Q . -27.60 -11.64 4.97
O6 HCA Q . -26.09 -12.10 3.48
O7 HCA Q . -29.57 -11.54 3.28
FE1 ICS R . -33.41 -16.24 9.45
MO1 ICS R . -29.79 -11.80 5.49
FE2 ICS R . -32.81 -15.40 7.02
FE3 ICS R . -30.95 -15.34 8.90
FE4 ICS R . -32.99 -13.65 8.98
FE5 ICS R . -31.64 -11.98 7.46
FE6 ICS R . -31.49 -13.83 5.61
FE7 ICS R . -29.63 -13.68 7.41
CX ICS R . -31.58 -13.97 7.64
S1A ICS R . -34.71 -14.93 8.12
S1B ICS R . -32.12 -11.75 5.25
S2A ICS R . -31.97 -17.18 8.03
S3A ICS R . -33.22 -11.39 9.04
S3B ICS R . -29.33 -14.13 5.23
S4A ICS R . -32.13 -14.83 10.72
S4B ICS R . -29.48 -11.47 7.80
S5A ICS R . -28.72 -15.06 8.87
S1A ICH S . -34.71 -14.93 8.12
FE1 ICH S . -33.41 -16.24 9.45
FE3 ICH S . -30.95 -15.34 8.90
S4A ICH S . -32.13 -14.83 10.72
S2A ICH S . -31.97 -17.18 8.03
FE2 ICH S . -32.81 -15.40 7.02
CX ICH S . -31.58 -13.97 7.64
FE6 ICH S . -31.49 -13.83 5.61
FE4 ICH S . -32.99 -13.65 8.98
FE5 ICH S . -31.64 -11.98 7.46
SE3A ICH S . -33.17 -11.33 9.07
S1B ICH S . -32.12 -11.75 5.25
MO1 ICH S . -29.79 -11.80 5.49
S4B ICH S . -29.48 -11.47 7.80
FE7 ICH S . -29.63 -13.68 7.41
SE5A ICH S . -28.66 -15.04 8.90
S3B ICH S . -29.33 -14.13 5.23
SE2B ICH S . -32.83 -15.42 4.70
N1 IMD T . -44.99 -26.14 18.85
C2 IMD T . -43.77 -25.91 19.35
N3 IMD T . -43.54 -24.59 19.38
C4 IMD T . -44.64 -23.97 18.90
C5 IMD T . -45.56 -24.95 18.56
CL CL U . -11.98 -19.99 -0.13
C CMO V . -32.67 -15.22 5.13
O CMO V . -33.11 -15.71 4.19
FE1 CLF W . -31.04 -15.31 -10.52
FE2 CLF W . -32.12 -17.54 -10.88
FE3 CLF W . -31.62 -16.76 -8.25
FE4 CLF W . -29.69 -17.45 -9.99
S1 CLF W . -30.24 -16.84 -12.26
S2A CLF W . -33.11 -15.85 -9.71
S4A CLF W . -31.30 -18.86 -9.21
S3A CLF W . -29.72 -15.62 -8.68
FE5 CLF W . -27.81 -16.57 -12.00
FE6 CLF W . -28.91 -16.65 -14.32
FE7 CLF W . -26.82 -14.76 -13.89
FE8 CLF W . -29.33 -14.68 -12.80
S2B CLF W . -26.67 -17.08 -13.89
S3B CLF W . -28.80 -14.45 -15.04
S4B CLF W . -27.37 -14.33 -11.67
N1 IMD X . -3.21 0.92 -9.87
C2 IMD X . -2.43 0.55 -8.83
N3 IMD X . -3.16 -0.23 -8.00
C4 IMD X . -4.39 -0.34 -8.53
C5 IMD X . -4.44 0.39 -9.70
N1 IMD Y . -21.22 12.51 -21.56
C2 IMD Y . -20.30 11.58 -21.25
N3 IMD Y . -19.71 11.93 -20.10
C4 IMD Y . -20.28 13.08 -19.67
C5 IMD Y . -21.23 13.45 -20.60
N1 IMD Z . -41.53 -25.01 -16.16
C2 IMD Z . -40.79 -25.98 -15.57
N3 IMD Z . -40.98 -25.93 -14.24
C4 IMD Z . -41.84 -24.92 -13.99
C5 IMD Z . -42.18 -24.34 -15.19
#